data_9QWZ
#
_entry.id   9QWZ
#
_cell.length_a   1.00
_cell.length_b   1.00
_cell.length_c   1.00
_cell.angle_alpha   90.00
_cell.angle_beta   90.00
_cell.angle_gamma   90.00
#
_symmetry.space_group_name_H-M   'P 1'
#
loop_
_entity.id
_entity.type
_entity.pdbx_description
1 polymer 'E3 ubiquitin-protein ligase KCMF1'
2 polymer 'E3 ubiquitin-protein ligase UBR4'
#
loop_
_entity_poly.entity_id
_entity_poly.type
_entity_poly.pdbx_seq_one_letter_code
_entity_poly.pdbx_strand_id
1 'polypeptide(L)'
;MSRHEGVSCDACLKGNFRGRRYKCLICYDYDLCASCYESGATTTRHTTDHPMQCILTRVDFDLYYGGEAFSVEQPQSFTC
PYCGKMGYTETSLQEHVTSEHAETSTEVICPICAALPGGDPNHVTDDFAAHLTLEHRAPRDLDESSGVRHVRRMFHPGRG
LGGPRARRSNMHFTSSSTGGLSSSQSSYSPSNREAMDPIAELLSQLSGVRRSAGGQLNSSGPSASQLQQLQMQLQLERQH
AQAARQQLETARNATRRTNTSSVTTTITQSTATTNIANTESSQQTLQNSQFLLTRLNDPKMSETERQSMESERADRSLFV
QELLLSTLVREESSSSDEDDRGEMADFGAMGCVDIMPLDVALENLNLKESNKGNEPPPPPLSAWSHPQFEK
;
D
2 'polypeptide(L)'
;MATSGGEEAAAAAPAPGTPATGADTTPGWEVAVRPLLSASYSAFEMKELPQLVASVIESESEILHHEKQYEPFYSSFVAL
STHYITTVCSLIPRNQLQSVAAACKVLIEFSLLRLENPDEACAVSQKHLILLIKGLCTGCSRLDRTEIITFTAMMKSAKL
PQTVKTLSDVEDQKELASPVSPELRQKEVQMNFLNQLTSVFNPRTVASQPISTQTLVEGENDEQSSTDQASAIKTKNVFI
AQNVASLQELGGSEKLLRVCLNLPYFLRYINRFQDAVLANSFFIMPATVADATAVRNGFHSLVIDVTMALDTLSLPVLEP
LNPSRLQDVTVLSLSCLYAGVSVATCMAILHVGSAQQVRTGSTSSKEDDYESDAATIVQKCLEIYDMIGQAISSSRRAGG
EHYQNFQLLGAWCLLNSLFLILNLSPTALADKGKEKDPLAALRVRDILSRTKEGVGSPKLGPGKGHQGFGVLSVILANHA
IKLLTSLFQDLQVEALHKGWETDGPPAALSIMAQSTSIQRIQRLIDSVPLMNLLLTLLSTSYRKACVLQRQRKGSMSSDA
SASTDSNTYYEDDFSSTEEDSSQDDDSEPILGQWFEETISPSKEKAAPPPPPPPPPLESSPRVKSPSKQAPGEKGNILAS
RKDPELFLGLASNILNFITSSMLNSRNNFIRNYLSVSLSEHHMATLASIIKEVDKDGLKGSSDEEFAAALYHFNHSLVTS
DLQSPNLQNTLLQQLGVAPFSEGPWPLYIHPQSLSVLSRLLLIWQHKASAQGDPDVPECLKVWDRFLSTMKQNALQGVVP
SETEDLNVEHLQMLLLIFHNFTETGRRAILSLFVQIIQELSVNMDAQMRFVPLILARLLLIFDYLLHQYSKAPVYLFEQV
QHNLLSPPFGWASGSQDSNSRRATTPLYHGFKEVEENWSKHFSSDAVPHPRFYCVLSPEASEDDLNRLDSVACDVLFSKL
VKYDELYAALTALLAAGSQLDTVRRKENKNVTALEACALQYYFLILWRILGILPPSKTYINQLSMNSPEMSECDILHTLR
WSSRLRISSYVNWIKDHLIKQGMKAEHASSLLELASTTKCSSVKYDVEIVEEYFARQISSFCSIDCTTILQLHEIPSLQS
IYTLDAAISKVQVSLDEHFSKMAAETDPHKSSEITKNLLPATLQLIDTYASFTRAYLLQNFNEEGTTEKPSKEKLQGFAA
VLAIGSSRCKANTLGPTLVQNLPSSVQTVCESWNNINTNEFPNIGSWRNAFANDTIPSESYISAVQAAHLGTLCSQSLPL
AASLKHTLLSLVRLTGDLIVWSDEMNPPQVIRTLLPLLLESSTESVAEISSNSLERILGPAESDEFLARVYEKLITGCYN
ILANHADPNSGLDESILEECLQYLEKQLESSQARKAMEEFFSDSGELVQIMMATANENLSAKFCNRVLKFFTKLFQLTEK
SPNPSLLHLCGSLAQLACVEPVRLQAWLTRMTTSPPKDSDQLDVIQENRQLLQLLTTYIVRENSQVGEGVCAVLLGTLTP
MATEMLANGDGTGFPELMVVMATLASAGQGAGHLQLHNAAVDWLSRCKKYLSQKNVVEKLNANVMHGKHVMILECTCHIM
SYLADVTNALSQSNGQGPSHLSVDGEERAIEVDSDWVEELAVEEEDSQAEDSDEDSLCNKLCTFTITQKEFMNQHWYHCH
TCKMVDGVGVCTVCAKVCHKDHEISYAKYGSFFCDCGAKEDGSCLALVKRTPSSGMSSTMKESAFQSEPRISESLVRHAS
TSSPADKAKVTISDGKVADEEKPKKSSLCRTVEGCREELQNQANFSFAPLVLDMLNFLMDAIQTNFQQASAVGSSSRAQQ
ALSELHTVEKAVEMTDQLMVPTLGSQEGAFENVRMNYSGDQGQTIRQLISAHVLRRVAMCVLSSPHGRRQHLAVSHEKGK
ITVLQLSALLKQADSSKRKLTLTRLASAPVPFTVLSLTGNPCKEDYLAVCGLKDCHVLTFSSSGSVSDHLVLHPQLATGN
FIIKAVWLPGSQTELAIVTADFVKIYDLCVDALSPTFYFLLPSSKIRDVTFLFNEEGKNIIVIMSSAGYIYTQLMEEASS
AQQGPFYVTNVLEINHEDLKDSNSQVAGGGVSVYYSHVLQMLFFSYCQGKSFAATISRTTLEVLQLFPINIKSSNGGSKT
SPALCQWSEVMNHPGLVCCVQQTTGVPLVVMVKPDTFLIQEIKTLPAKAKIQDMVAIRHTACNEQQRTTMILLCEDGSLR
IYMANVENTSYWLQPSLQPSSVISIMKPVRKRKTATITTRTSSQVTFPIDFFEHNQQLTDVEFGGNDLLQVYNAQQIKHR
LNSTGMYVANTKPGGFTIEISNNNSTMVMTGMRIQIGTQAIERAPSYIEIFGRTMQLNLSRSRWFDFPFTREEALQADKK
LNLFIGASVDPAGVTMIDAVKIYGKTKEQFGWPDEPPEEFPSASVSNICPSNLNQSNGTGDSDSAAPTTTSGTVLERLVV
SSLEALESCFAVGPIIEKERNKNAAQELATLLLSLPAPASVQQQSKSLLASLHTSRSAYHSHKDQALLSKAVQCLNTSSK
EGKDLDPEVFQRLVITARSIAIMRPNNLVHFTESKLPQMETEGMDEGKEPQKQLEGDCCSFITQLVNHFWKLHASKPKNA
FLAPACLPGLTHIEATVNALVDIIHGYCTCELDCINTASKIYMQMLLCPDPAVSFSCKQALIRVLRPRNKRRHVTLPSSP
RSNTPMGDKDDDDDDDADEKMQSSGIPNGGHIRQESQEQSEVDHGDFEMVSESMVLETAENVNNGNPSPLEALLAGAEGF
PPMLDIPPDADDETMVELAIALSLQQDQQGSSSSALGLQSLGLSGQAPSSSSLDAGTLSDTTASAPASDDEGSTAATDGS
TLRTSPADHGGSVGSESGGSAVDSVAGEHSVSGRSSAYGDATAEGHPAGPGSVSSSTGAISTTTGHQEGDGSEGEGEGET
EGDVHTSNRLHMVRLMLLERLLQTLPQLRNVGGVRAIPYMQVILMLTTDLDGEDEKDKGALDNLLSQLIAELGMDKKDVS
KKNERSALNEVHLVVMRLLSVFMSRTKSGSKSSICESSSLISSATAAALLSSGAVDYCLHVLKSLLEYWKSQQNDEEPVA
TSQLLKPHTTSSPPDMSPFFLRQYVKGHAADVFEAYTQLLTEMVLRLPYQIKKITDTNSRIPPPVFDHSWFYFLSEYLMI
QQTPFVRRQVRKLLLFICGSKEKYRQLRDLHTLDSHVRGIKKLLEEQGIFLRASVVTASSGSALQYDTLISLMEHLKACA
EIAAQRTINWQKFCIKDDSVLYFLLQVSFLVDEGVSPVLLQLLSCALCGSKVLAALAASSGSSSASSSSAPVAASSGQAT
TQSKSSTKKSKKEEKEKEKDGETSGSQEDQLCTALVNQLNKFADKETLIQFLRCFLLESNSSSVRWQAHCLTLHIYRNSS
KSQQELLLDLMWSIWPELPAYGRKAAQFVDLLGYFSLKTPQTEKKLKEYSQKAVEILRTQNHILTNHPNSNIYNTLSGLV
EFDGYYLESDPCLVCNNPEVPFCYIKLSSIKVDTRYTTTQQVVKLIGSHTISKVTVKIGDLKRTKMVRTINLYYNNRTVQ
AIVELKNKPARWHKAKKVQLTPGQTEVKIDLPLPIVASNLMIEFADFYENYQASTETLQCPRCSASVPANPGVCGNCGEN
VYQCHKCRSINYDEKDPFLCNACGFCKYARFDFMLYAKPCCAVDPIENEEDRKKAVSNINTLLDKADRVYHQLMGHRPQL
ENLLCKVNEAAPEKPQDDSGTAGGISSTSASVNRYILQLAQEYCGDCKNSFDELSKIIQKVFASRKELLEYDLQQREAAT
KSSRTSVQPTFTASQYRALSVLGCGHTSSTKCYGCASAVTEHCITLLRALATNPALRHILVSQGLIRELFDYNLRRGAAA
MREEVRQLMCLLTRDNPEATQQMNDLIIGKVSTALKGHWANPDLASSLQYEMLLLTDSISKEDSCWELRLRCALSLFLMA
VNIKTPVVVENITLMCLRILQKLIKPPAPTSKKNKDVPVEALTTVKPYCNEIHAQAQLWLKRDPKASYDAWKKCLPIRGI
DGNGKAPSKSELRHLYLTEKYVWRWKQFLSRRGKRTSPLDLKLGHNNWLRQVLFTPATQAARQAACTIVEALATIPSRKQ
QVLDLLTSYLDELSIAGECAAEYLALYQKLITSAHWKVYLAARGVLPYVGNLITKEIARLLALEEATLSTDLQQGYALKS
LTGLLSSFVEVESIKRHFKSRLVGTVLNGYLCLRKLVVQRTKLIDETQDMLLEMLEDMTTGTESETKAFMAVCIETAKRY
NLDDYRTPVFIFERLCSIIYPEENEVTEFFVTLEKDPQQEDFLQGRMPGNPYSSNEPGIGPLMRDIKNKICQDCDLVALL
EDDSGMELLVNNKIISLDLPVAEVYKKVWCTTNEGEPMRIVYRMRGLLGDATEEFIESLDSTTDEEEDEEEVYKMAGVMA
QCGGLECMLNRLAGIRDFKQGRHLLTVLLKLFSYCVKVKVNRQQLVKLEMNTLNVMLGTLNLALVAEQESKDSGGAAVAE
QVLSIMEIILDESNAEPLSEDKGNLLLTGDKDQLVMLLDQINSTFVRSNPSVLQGLLRIIPYLSFGEVEKMQILVERFKP
YCNFDKYDEDHSGDDKVFLDCFCKIAAGIKNNSNGHQLKDLILQKGITQNALDYMKKHIPSAKNLDADIWKKFLSRPALP
FILRLLRGLAIQHPGTQVLIGTDSIPNLHKLEQVSSDEGIGTLAENLLEALREHPDVNKKIDAARRETRAEKKRMAMAMR
QKALGTLGMTTNEKGQVVTKTALLKQMEELIEEPGLTCCICREGYKFQPTKVLGIYTFTKRVALEEMENKPRKQQGYSTV
SHFNIVHYDCHLAAVRLARGREEWESAALQNANTKCNGLLPVWGPHVPESAFATCLARHNTYLQECTGQREPTYQLNIHD
IKLLFLRFAMEQSFSADTGGGGRESNIHLIPYIIHTVLYVLNTTRATSREEKNLQGFLEQPKEKWVESAFEVDGPYYFTV
LALHILPPEQWRATRVEILRRLLVTSQARAVAPGGATRLTDKAVKDYSAYRSSLLFWALVDLIYNMFKKVPTSNTEGGWS
CSLAEYIRHNDMPIYEAADKALKTFQEEFMPVETFSEFLDVAGLLSEITDPESFLKDLLNSVPHHHHHHHHHH
;
B
#
# COMPACT_ATOMS: atom_id res chain seq x y z
N GLN A 290 38.65 -18.51 36.65
CA GLN A 290 37.51 -19.41 36.68
C GLN A 290 37.96 -20.85 36.44
N PHE A 291 39.24 -21.04 36.19
CA PHE A 291 39.74 -22.38 35.87
C PHE A 291 39.45 -23.32 37.02
N LEU A 292 38.96 -24.51 36.68
CA LEU A 292 38.40 -25.40 37.69
C LEU A 292 39.47 -25.85 38.68
N LEU A 293 40.72 -25.96 38.23
CA LEU A 293 41.75 -26.51 39.08
C LEU A 293 42.24 -25.53 40.13
N THR A 294 42.18 -24.24 39.84
CA THR A 294 42.80 -23.26 40.74
C THR A 294 42.16 -23.23 42.12
N ARG A 295 40.97 -23.80 42.28
CA ARG A 295 40.25 -23.68 43.54
C ARG A 295 40.49 -24.85 44.47
N LEU A 296 41.34 -25.80 44.09
CA LEU A 296 41.40 -27.06 44.81
C LEU A 296 41.92 -26.91 46.24
N ASN A 297 43.04 -26.25 46.45
CA ASN A 297 43.63 -26.21 47.80
C ASN A 297 42.73 -25.45 48.75
N ALA B 1808 -73.12 38.22 -0.88
CA ALA B 1808 -73.27 36.78 -1.02
C ALA B 1808 -73.67 36.43 -2.43
N PRO B 1809 -74.97 36.55 -2.71
CA PRO B 1809 -75.43 36.32 -4.09
C PRO B 1809 -74.76 37.22 -5.11
N LEU B 1810 -74.55 38.49 -4.77
CA LEU B 1810 -73.85 39.38 -5.69
C LEU B 1810 -72.36 39.11 -5.72
N VAL B 1811 -71.78 38.81 -4.56
CA VAL B 1811 -70.37 38.48 -4.53
C VAL B 1811 -70.11 37.25 -5.38
N LEU B 1812 -70.89 36.19 -5.16
CA LEU B 1812 -70.77 35.00 -6.00
C LEU B 1812 -71.08 35.30 -7.45
N ASP B 1813 -72.03 36.20 -7.70
CA ASP B 1813 -72.42 36.56 -9.05
C ASP B 1813 -71.28 37.21 -9.83
N MET B 1814 -70.55 38.11 -9.19
CA MET B 1814 -69.36 38.67 -9.84
C MET B 1814 -68.23 37.65 -9.91
N LEU B 1815 -68.08 36.84 -8.86
CA LEU B 1815 -66.94 35.93 -8.76
C LEU B 1815 -67.04 34.81 -9.78
N ASN B 1816 -68.26 34.40 -10.13
CA ASN B 1816 -68.41 33.35 -11.12
C ASN B 1816 -67.83 33.79 -12.46
N PHE B 1817 -68.14 35.02 -12.88
CA PHE B 1817 -67.49 35.60 -14.02
C PHE B 1817 -66.00 35.80 -13.80
N LEU B 1818 -65.62 36.26 -12.61
CA LEU B 1818 -64.24 36.55 -12.29
C LEU B 1818 -63.35 35.33 -12.42
N MET B 1819 -63.83 34.17 -11.98
CA MET B 1819 -63.03 32.97 -12.05
C MET B 1819 -62.58 32.68 -13.47
N ASP B 1820 -63.33 33.17 -14.46
CA ASP B 1820 -62.97 32.91 -15.84
C ASP B 1820 -61.53 33.33 -16.13
N ALA B 1821 -61.16 34.55 -15.75
CA ALA B 1821 -59.78 34.96 -15.92
C ALA B 1821 -58.95 34.75 -14.67
N ILE B 1822 -59.60 34.54 -13.51
CA ILE B 1822 -58.86 34.26 -12.30
C ILE B 1822 -58.13 32.94 -12.44
N GLN B 1823 -58.75 31.98 -13.12
CA GLN B 1823 -58.09 30.71 -13.39
C GLN B 1823 -56.89 30.91 -14.30
N THR B 1824 -57.03 31.79 -15.31
CA THR B 1824 -55.90 32.11 -16.17
C THR B 1824 -54.75 32.69 -15.37
N ASN B 1825 -55.05 33.64 -14.49
CA ASN B 1825 -54.02 34.24 -13.65
C ASN B 1825 -53.37 33.22 -12.73
N PHE B 1826 -54.17 32.37 -12.09
CA PHE B 1826 -53.65 31.45 -11.11
C PHE B 1826 -52.80 30.35 -11.75
N GLN B 1827 -53.32 29.72 -12.80
CA GLN B 1827 -52.55 28.69 -13.47
C GLN B 1827 -51.32 29.28 -14.15
N GLN B 1828 -51.45 30.47 -14.74
CA GLN B 1828 -50.31 31.08 -15.42
C GLN B 1828 -49.28 31.58 -14.43
N ALA B 1829 -49.68 31.86 -13.20
CA ALA B 1829 -48.77 32.39 -12.21
C ALA B 1829 -47.73 31.35 -11.82
N SER B 1830 -46.63 31.83 -11.24
CA SER B 1830 -45.56 30.98 -10.72
C SER B 1830 -44.97 30.13 -11.83
N ALA B 1831 -44.27 29.06 -11.45
CA ALA B 1831 -43.72 28.10 -12.39
C ALA B 1831 -44.80 27.32 -13.10
N VAL B 1832 -46.04 27.42 -12.64
CA VAL B 1832 -47.15 26.82 -13.36
C VAL B 1832 -47.33 27.57 -14.67
N GLY B 1833 -47.22 26.85 -15.78
CA GLY B 1833 -47.21 27.41 -17.11
C GLY B 1833 -45.84 27.61 -17.71
N SER B 1834 -44.77 27.47 -16.91
CA SER B 1834 -43.42 27.63 -17.43
C SER B 1834 -43.05 26.51 -18.40
N SER B 1835 -43.45 25.28 -18.08
CA SER B 1835 -43.05 24.14 -18.90
C SER B 1835 -43.62 24.26 -20.31
N SER B 1836 -44.91 24.58 -20.42
CA SER B 1836 -45.53 24.70 -21.74
C SER B 1836 -44.92 25.85 -22.53
N ARG B 1837 -44.72 26.99 -21.88
CA ARG B 1837 -44.12 28.13 -22.56
C ARG B 1837 -42.73 27.77 -23.08
N ALA B 1838 -41.93 27.12 -22.25
CA ALA B 1838 -40.57 26.79 -22.64
C ALA B 1838 -40.55 25.80 -23.79
N GLN B 1839 -41.32 24.72 -23.69
CA GLN B 1839 -41.33 23.74 -24.76
C GLN B 1839 -41.82 24.36 -26.06
N GLN B 1840 -42.84 25.23 -25.96
CA GLN B 1840 -43.35 25.89 -27.15
C GLN B 1840 -42.29 26.79 -27.79
N ALA B 1841 -41.56 27.55 -26.96
CA ALA B 1841 -40.54 28.43 -27.51
C ALA B 1841 -39.40 27.64 -28.14
N LEU B 1842 -39.05 26.50 -27.54
CA LEU B 1842 -38.04 25.64 -28.14
C LEU B 1842 -38.50 25.13 -29.50
N SER B 1843 -39.75 24.67 -29.57
CA SER B 1843 -40.29 24.21 -30.84
C SER B 1843 -40.29 25.34 -31.86
N GLU B 1844 -40.63 26.55 -31.42
CA GLU B 1844 -40.67 27.68 -32.34
C GLU B 1844 -39.28 28.07 -32.80
N LEU B 1845 -38.29 27.97 -31.91
CA LEU B 1845 -36.92 28.25 -32.31
C LEU B 1845 -36.45 27.28 -33.37
N HIS B 1846 -36.65 25.98 -33.13
CA HIS B 1846 -36.15 24.97 -34.05
C HIS B 1846 -36.95 24.96 -35.36
N THR B 1847 -38.22 25.35 -35.30
CA THR B 1847 -39.14 25.20 -36.43
C THR B 1847 -39.39 26.51 -37.17
N VAL B 1848 -39.85 27.54 -36.47
CA VAL B 1848 -40.28 28.78 -37.12
C VAL B 1848 -39.07 29.48 -37.72
N GLU B 1849 -39.31 30.20 -38.81
CA GLU B 1849 -38.24 30.94 -39.47
C GLU B 1849 -37.84 32.16 -38.65
N LYS B 1850 -36.61 32.61 -38.86
CA LYS B 1850 -36.08 33.79 -38.17
C LYS B 1850 -35.28 34.61 -39.17
N ALA B 1851 -35.05 35.87 -38.81
CA ALA B 1851 -34.29 36.78 -39.66
C ALA B 1851 -33.19 37.46 -38.86
N VAL B 1852 -32.07 37.73 -39.52
CA VAL B 1852 -30.90 38.33 -38.90
C VAL B 1852 -31.14 39.82 -38.73
N GLU B 1853 -30.88 40.33 -37.53
CA GLU B 1853 -31.15 41.73 -37.22
C GLU B 1853 -29.91 42.39 -36.65
N MET B 1854 -29.43 43.42 -37.32
CA MET B 1854 -28.27 44.18 -36.88
C MET B 1854 -28.69 45.23 -35.85
N THR B 1855 -28.03 45.20 -34.69
CA THR B 1855 -28.43 46.01 -33.55
C THR B 1855 -27.30 46.04 -32.54
N ASP B 1856 -27.53 46.77 -31.44
CA ASP B 1856 -26.55 46.90 -30.37
C ASP B 1856 -27.15 46.92 -28.96
N GLN B 1857 -28.46 47.06 -28.82
CA GLN B 1857 -29.10 47.26 -27.52
C GLN B 1857 -28.83 46.13 -26.55
N LEU B 1858 -28.46 44.95 -27.03
CA LEU B 1858 -28.14 43.86 -26.14
C LEU B 1858 -26.96 44.20 -25.24
N MET B 1859 -25.86 44.66 -25.82
CA MET B 1859 -24.71 45.08 -25.04
C MET B 1859 -24.95 46.48 -24.54
N SER B 1865 -10.16 48.56 -17.12
CA SER B 1865 -9.01 49.45 -16.99
C SER B 1865 -8.41 49.75 -18.34
N GLN B 1866 -7.21 50.33 -18.32
CA GLN B 1866 -6.58 50.86 -19.52
C GLN B 1866 -5.79 49.78 -20.26
N GLU B 1867 -5.10 50.22 -21.30
CA GLU B 1867 -4.13 49.36 -21.98
C GLU B 1867 -2.84 49.29 -21.18
N GLY B 1868 -1.93 48.45 -21.63
CA GLY B 1868 -0.67 48.28 -20.93
C GLY B 1868 -0.77 47.51 -19.64
N ALA B 1869 -1.98 47.18 -19.19
CA ALA B 1869 -2.13 46.31 -18.04
C ALA B 1869 -1.64 44.90 -18.35
N PHE B 1870 -1.48 44.58 -19.63
CA PHE B 1870 -1.11 43.24 -20.09
C PHE B 1870 0.35 43.23 -20.51
N GLU B 1871 0.92 42.02 -20.54
CA GLU B 1871 2.35 41.82 -20.78
C GLU B 1871 2.57 40.97 -22.01
N ASN B 1872 3.55 41.35 -22.82
CA ASN B 1872 4.00 40.62 -24.01
C ASN B 1872 2.86 40.28 -24.96
N GLN B 1881 9.77 29.75 -33.45
CA GLN B 1881 9.22 29.54 -34.79
C GLN B 1881 7.96 30.35 -34.99
N GLY B 1882 7.92 31.52 -34.35
CA GLY B 1882 6.75 32.38 -34.49
C GLY B 1882 6.53 32.87 -35.91
N GLN B 1883 7.56 32.77 -36.76
CA GLN B 1883 7.41 33.16 -38.15
C GLN B 1883 6.47 32.22 -38.91
N THR B 1884 6.70 30.91 -38.82
CA THR B 1884 5.80 29.97 -39.48
C THR B 1884 4.44 29.94 -38.79
N ILE B 1885 4.41 30.29 -37.51
CA ILE B 1885 3.14 30.51 -36.83
C ILE B 1885 2.37 31.66 -37.50
N ARG B 1886 3.07 32.76 -37.77
CA ARG B 1886 2.47 33.86 -38.50
C ARG B 1886 1.99 33.38 -39.87
N GLN B 1887 2.78 32.52 -40.51
CA GLN B 1887 2.40 32.00 -41.82
C GLN B 1887 1.08 31.22 -41.76
N LEU B 1888 0.99 30.24 -40.86
CA LEU B 1888 -0.22 29.43 -40.79
C LEU B 1888 -1.42 30.27 -40.39
N ILE B 1889 -1.25 31.15 -39.41
CA ILE B 1889 -2.38 31.99 -38.99
C ILE B 1889 -2.80 32.92 -40.12
N SER B 1890 -1.84 33.39 -40.93
CA SER B 1890 -2.18 34.18 -42.10
C SER B 1890 -2.96 33.35 -43.10
N ALA B 1891 -2.60 32.07 -43.24
CA ALA B 1891 -3.41 31.17 -44.04
C ALA B 1891 -4.81 31.00 -43.46
N HIS B 1892 -5.08 31.64 -42.32
CA HIS B 1892 -6.34 31.53 -41.60
C HIS B 1892 -6.58 30.11 -41.10
N VAL B 1893 -5.57 29.25 -41.21
CA VAL B 1893 -5.74 27.86 -40.80
C VAL B 1893 -5.94 27.78 -39.30
N LEU B 1894 -5.09 28.44 -38.52
CA LEU B 1894 -5.18 28.41 -37.06
C LEU B 1894 -5.04 29.83 -36.53
N ARG B 1895 -5.34 29.99 -35.24
CA ARG B 1895 -5.37 31.30 -34.61
C ARG B 1895 -5.07 31.21 -33.13
N ARG B 1896 -5.21 32.34 -32.44
CA ARG B 1896 -4.85 32.43 -31.03
C ARG B 1896 -6.02 32.93 -30.18
N VAL B 1897 -6.33 32.17 -29.13
CA VAL B 1897 -7.27 32.59 -28.10
C VAL B 1897 -6.62 32.28 -26.75
N ALA B 1898 -5.85 33.22 -26.23
CA ALA B 1898 -4.97 32.94 -25.10
C ALA B 1898 -5.69 32.95 -23.76
N MET B 1899 -7.02 32.88 -23.74
CA MET B 1899 -7.77 33.18 -22.53
C MET B 1899 -8.47 31.93 -22.02
N CYS B 1900 -8.89 31.98 -20.77
CA CYS B 1900 -9.70 30.94 -20.16
C CYS B 1900 -10.33 31.51 -18.90
N VAL B 1901 -11.43 30.88 -18.48
CA VAL B 1901 -12.16 31.28 -17.28
C VAL B 1901 -12.55 30.03 -16.52
N LEU B 1902 -11.79 29.71 -15.47
CA LEU B 1902 -11.99 28.50 -14.68
C LEU B 1902 -12.95 28.80 -13.55
N SER B 1903 -14.20 28.40 -13.72
CA SER B 1903 -15.24 28.56 -12.71
C SER B 1903 -16.40 27.63 -13.06
N SER B 1904 -17.04 27.09 -12.03
CA SER B 1904 -18.15 26.18 -12.23
C SER B 1904 -19.47 26.86 -11.94
N ARG B 1909 -15.18 28.06 -8.04
CA ARG B 1909 -14.18 29.07 -7.77
C ARG B 1909 -14.48 30.36 -8.52
N GLN B 1910 -13.45 31.22 -8.64
CA GLN B 1910 -13.57 32.47 -9.37
C GLN B 1910 -12.35 32.69 -10.27
N HIS B 1911 -11.77 31.60 -10.78
CA HIS B 1911 -10.51 31.70 -11.49
C HIS B 1911 -10.72 32.23 -12.91
N LEU B 1912 -9.80 33.06 -13.37
CA LEU B 1912 -9.81 33.59 -14.73
C LEU B 1912 -8.39 33.91 -15.14
N ALA B 1913 -8.14 33.94 -16.45
CA ALA B 1913 -6.84 34.35 -16.95
C ALA B 1913 -6.94 34.73 -18.42
N GLU B 1917 2.96 34.49 -23.51
CA GLU B 1917 3.82 34.66 -24.67
C GLU B 1917 5.23 34.19 -24.37
N LYS B 1918 5.69 34.52 -23.18
CA LYS B 1918 7.03 34.16 -22.75
C LYS B 1918 7.13 32.73 -22.27
N GLY B 1919 6.18 31.88 -22.65
CA GLY B 1919 6.13 30.56 -22.07
C GLY B 1919 5.82 30.63 -20.60
N LYS B 1920 5.03 31.61 -20.18
CA LYS B 1920 4.52 31.74 -18.82
C LYS B 1920 3.32 32.66 -18.84
N ILE B 1921 2.17 32.12 -18.45
CA ILE B 1921 0.93 32.88 -18.38
C ILE B 1921 0.46 32.86 -16.94
N THR B 1922 0.03 34.00 -16.42
CA THR B 1922 -0.39 34.09 -15.04
C THR B 1922 -1.89 33.89 -14.96
N VAL B 1923 -2.31 32.95 -14.11
CA VAL B 1923 -3.72 32.68 -13.85
C VAL B 1923 -4.09 33.37 -12.54
N LEU B 1924 -5.07 34.27 -12.60
CA LEU B 1924 -5.42 35.14 -11.49
C LEU B 1924 -6.87 34.91 -11.09
N GLN B 1925 -7.27 35.60 -10.03
CA GLN B 1925 -8.68 35.75 -9.70
C GLN B 1925 -9.10 37.17 -10.00
N LEU B 1926 -10.38 37.37 -10.25
CA LEU B 1926 -10.95 38.68 -10.49
C LEU B 1926 -12.05 39.04 -9.50
N SER B 1927 -11.86 38.74 -8.22
CA SER B 1927 -12.93 38.91 -7.24
C SER B 1927 -13.35 40.36 -7.14
N ALA B 1928 -12.39 41.29 -7.13
CA ALA B 1928 -12.70 42.70 -6.94
C ALA B 1928 -13.57 43.21 -8.06
N LEU B 1929 -13.26 42.84 -9.30
CA LEU B 1929 -14.13 43.16 -10.42
C LEU B 1929 -15.46 42.44 -10.30
N LEU B 1930 -15.46 41.24 -9.73
CA LEU B 1930 -16.68 40.47 -9.60
C LEU B 1930 -17.69 41.16 -8.69
N LYS B 1931 -17.23 41.69 -7.56
CA LYS B 1931 -18.12 42.37 -6.64
C LYS B 1931 -17.78 43.86 -6.56
N LYS B 1939 -9.28 52.14 -13.52
CA LYS B 1939 -8.22 51.86 -12.58
C LYS B 1939 -8.52 50.61 -11.77
N LEU B 1940 -8.30 49.45 -12.37
CA LEU B 1940 -8.75 48.18 -11.78
C LEU B 1940 -7.90 47.77 -10.59
N THR B 1941 -8.47 46.89 -9.76
CA THR B 1941 -7.74 46.15 -8.73
C THR B 1941 -7.81 44.67 -9.08
N LEU B 1942 -6.94 44.21 -9.97
CA LEU B 1942 -6.93 42.83 -10.42
C LEU B 1942 -5.63 42.13 -10.04
N LEU B 1945 -3.65 35.35 -8.68
CA LEU B 1945 -3.47 34.10 -7.95
C LEU B 1945 -2.04 33.60 -8.07
N ALA B 1946 -1.74 32.96 -9.19
CA ALA B 1946 -0.43 32.38 -9.42
C ALA B 1946 -0.10 32.54 -10.88
N SER B 1947 1.06 32.03 -11.28
CA SER B 1947 1.44 32.03 -12.69
C SER B 1947 1.95 30.63 -13.02
N ALA B 1948 2.04 30.37 -14.31
CA ALA B 1948 2.53 29.07 -14.73
C ALA B 1948 3.49 29.24 -15.89
N PRO B 1949 4.73 28.75 -15.78
CA PRO B 1949 5.63 28.78 -16.94
C PRO B 1949 5.29 27.66 -17.90
N VAL B 1950 4.65 28.02 -19.00
CA VAL B 1950 4.25 27.08 -20.04
C VAL B 1950 5.51 26.61 -20.75
N PRO B 1951 5.80 25.30 -20.75
CA PRO B 1951 6.97 24.80 -21.48
C PRO B 1951 6.74 24.51 -22.95
N PHE B 1952 5.55 24.83 -23.47
CA PHE B 1952 5.23 24.54 -24.86
C PHE B 1952 4.79 25.83 -25.53
N THR B 1953 4.97 25.88 -26.85
CA THR B 1953 4.48 27.00 -27.63
C THR B 1953 2.95 27.07 -27.55
N VAL B 1954 2.45 28.22 -27.14
CA VAL B 1954 1.04 28.38 -26.78
C VAL B 1954 0.34 29.23 -27.84
N LEU B 1955 -0.81 28.75 -28.32
CA LEU B 1955 -1.76 29.56 -29.08
C LEU B 1955 -3.09 29.74 -28.37
N SER B 1956 -3.40 28.90 -27.38
CA SER B 1956 -4.64 29.04 -26.64
C SER B 1956 -4.56 28.24 -25.34
N LEU B 1957 -5.57 28.39 -24.50
CA LEU B 1957 -5.76 27.57 -23.31
C LEU B 1957 -7.23 27.29 -23.14
N THR B 1958 -7.59 26.02 -22.96
CA THR B 1958 -8.99 25.60 -22.92
C THR B 1958 -9.24 24.78 -21.66
N GLY B 1959 -10.20 25.21 -20.84
CA GLY B 1959 -10.62 24.39 -19.72
C GLY B 1959 -11.59 23.31 -20.20
N ASN B 1960 -11.55 22.17 -19.52
CA ASN B 1960 -12.55 21.15 -19.78
C ASN B 1960 -13.93 21.70 -19.44
N PRO B 1961 -14.93 21.51 -20.28
CA PRO B 1961 -16.22 22.18 -20.01
C PRO B 1961 -16.98 21.58 -18.84
N CYS B 1962 -17.03 20.25 -18.73
CA CYS B 1962 -17.72 19.63 -17.62
C CYS B 1962 -17.06 19.99 -16.30
N LYS B 1963 -15.73 20.09 -16.28
CA LYS B 1963 -15.01 20.41 -15.07
C LYS B 1963 -13.99 21.49 -15.35
N GLU B 1964 -14.18 22.66 -14.76
CA GLU B 1964 -13.19 23.72 -14.84
C GLU B 1964 -11.90 23.36 -14.12
N ASP B 1965 -11.79 22.13 -13.59
CA ASP B 1965 -10.60 21.75 -12.84
C ASP B 1965 -9.36 21.69 -13.73
N TYR B 1966 -9.36 20.77 -14.69
CA TYR B 1966 -8.22 20.59 -15.57
C TYR B 1966 -8.25 21.62 -16.69
N LEU B 1967 -7.08 22.08 -17.10
CA LEU B 1967 -6.97 22.99 -18.23
C LEU B 1967 -5.91 22.46 -19.18
N ALA B 1968 -6.23 22.41 -20.48
CA ALA B 1968 -5.24 22.03 -21.48
C ALA B 1968 -4.70 23.28 -22.13
N VAL B 1969 -3.39 23.44 -22.08
CA VAL B 1969 -2.68 24.55 -22.72
C VAL B 1969 -2.24 24.08 -24.09
N CYS B 1970 -2.70 24.77 -25.14
CA CYS B 1970 -2.73 24.26 -26.49
C CYS B 1970 -1.87 25.09 -27.43
N GLY B 1971 -1.03 24.39 -28.20
CA GLY B 1971 -0.27 24.94 -29.32
C GLY B 1971 -0.48 24.15 -30.59
N LEU B 1972 0.57 23.98 -31.41
CA LEU B 1972 0.45 23.15 -32.60
C LEU B 1972 0.91 21.72 -32.36
N LYS B 1973 2.16 21.50 -31.96
CA LYS B 1973 2.66 20.15 -31.76
C LYS B 1973 3.04 19.86 -30.32
N ASP B 1974 2.86 20.80 -29.41
CA ASP B 1974 3.13 20.56 -28.00
C ASP B 1974 2.06 21.27 -27.17
N CYS B 1975 1.58 20.56 -26.16
CA CYS B 1975 0.49 21.00 -25.31
C CYS B 1975 0.60 20.31 -23.97
N HIS B 1976 -0.11 20.82 -22.97
CA HIS B 1976 -0.03 20.26 -21.62
C HIS B 1976 -1.42 20.13 -21.00
N VAL B 1977 -1.55 19.21 -20.06
CA VAL B 1977 -2.75 19.06 -19.24
C VAL B 1977 -2.38 19.39 -17.80
N LEU B 1978 -2.94 20.48 -17.28
CA LEU B 1978 -2.56 21.01 -15.99
C LEU B 1978 -3.73 20.89 -15.03
N THR B 1979 -3.47 20.28 -13.89
CA THR B 1979 -4.35 20.36 -12.74
C THR B 1979 -3.77 21.42 -11.82
N PHE B 1980 -4.18 22.67 -11.99
CA PHE B 1980 -3.81 23.72 -11.06
C PHE B 1980 -4.52 23.45 -9.74
N SER B 1981 -3.77 23.56 -8.65
CA SER B 1981 -4.33 23.27 -7.33
C SER B 1981 -5.37 24.33 -6.95
N SER B 1982 -5.92 24.20 -5.75
CA SER B 1982 -7.06 25.00 -5.36
C SER B 1982 -6.80 26.50 -5.45
N SER B 1983 -5.58 26.95 -5.19
CA SER B 1983 -5.24 28.37 -5.29
C SER B 1983 -4.78 28.75 -6.69
N GLY B 1984 -4.69 27.79 -7.59
CA GLY B 1984 -4.24 28.03 -8.95
C GLY B 1984 -2.77 27.77 -9.20
N SER B 1985 -1.99 27.51 -8.15
CA SER B 1985 -0.57 27.21 -8.37
C SER B 1985 -0.41 25.94 -9.18
N VAL B 1986 0.65 25.88 -9.97
CA VAL B 1986 0.90 24.76 -10.86
C VAL B 1986 1.10 23.48 -10.09
N ASP B 1988 -0.06 20.61 -10.70
CA ASP B 1988 0.70 19.63 -11.48
C ASP B 1988 0.40 19.76 -12.96
N HIS B 1989 1.34 19.29 -13.79
CA HIS B 1989 1.18 19.34 -15.24
C HIS B 1989 1.74 18.07 -15.85
N LEU B 1990 0.92 17.39 -16.66
CA LEU B 1990 1.41 16.29 -17.47
C LEU B 1990 1.38 16.72 -18.93
N VAL B 1991 2.54 16.69 -19.57
CA VAL B 1991 2.72 17.25 -20.90
C VAL B 1991 2.28 16.20 -21.91
N LEU B 1992 1.37 16.59 -22.80
CA LEU B 1992 0.75 15.62 -23.69
C LEU B 1992 1.64 15.34 -24.89
N HIS B 1993 1.82 14.06 -25.17
CA HIS B 1993 2.68 13.60 -26.26
C HIS B 1993 1.87 13.55 -27.54
N PRO B 1994 2.03 14.52 -28.45
CA PRO B 1994 1.20 14.53 -29.66
C PRO B 1994 1.72 13.68 -30.80
N GLN B 1995 3.03 13.39 -30.85
CA GLN B 1995 3.61 12.56 -31.91
C GLN B 1995 3.33 13.14 -33.28
N LEU B 1996 3.53 14.45 -33.43
CA LEU B 1996 3.23 15.13 -34.67
C LEU B 1996 4.14 14.63 -35.79
N ALA B 1997 3.55 14.40 -36.96
CA ALA B 1997 4.32 13.90 -38.11
C ALA B 1997 5.02 15.03 -38.85
N PHE B 2001 0.22 19.85 -37.83
CA PHE B 2001 -0.32 20.77 -36.83
C PHE B 2001 -1.67 20.31 -36.29
N ILE B 2002 -1.75 20.22 -34.96
CA ILE B 2002 -2.98 19.82 -34.29
C ILE B 2002 -3.89 21.03 -34.15
N ILE B 2003 -5.01 21.01 -34.87
CA ILE B 2003 -5.93 22.15 -34.88
C ILE B 2003 -6.38 22.50 -33.47
N LYS B 2004 -7.07 21.58 -32.80
CA LYS B 2004 -7.55 21.92 -31.47
C LYS B 2004 -8.03 20.67 -30.74
N ALA B 2005 -8.17 20.81 -29.41
CA ALA B 2005 -8.59 19.72 -28.54
C ALA B 2005 -9.82 20.13 -27.74
N VAL B 2006 -10.70 19.17 -27.50
CA VAL B 2006 -11.95 19.37 -26.75
C VAL B 2006 -12.13 18.21 -25.77
N TRP B 2007 -12.42 18.55 -24.51
CA TRP B 2007 -12.81 17.55 -23.53
C TRP B 2007 -14.28 17.24 -23.68
N LEU B 2008 -14.61 15.96 -23.85
CA LEU B 2008 -15.89 15.56 -24.43
C LEU B 2008 -17.05 16.11 -23.63
N PRO B 2009 -18.20 16.38 -24.25
CA PRO B 2009 -19.29 17.04 -23.54
C PRO B 2009 -19.73 16.27 -22.32
N GLY B 2010 -19.82 16.97 -21.20
CA GLY B 2010 -20.12 16.34 -19.93
C GLY B 2010 -19.10 15.34 -19.45
N SER B 2011 -18.04 15.10 -20.22
CA SER B 2011 -17.06 14.08 -19.91
C SER B 2011 -15.77 14.76 -19.47
N GLN B 2012 -15.65 15.01 -18.18
CA GLN B 2012 -14.48 15.72 -17.65
C GLN B 2012 -13.23 14.86 -17.75
N THR B 2013 -13.39 13.58 -18.06
CA THR B 2013 -12.26 12.65 -18.13
C THR B 2013 -11.84 12.32 -19.54
N GLU B 2014 -12.61 12.71 -20.55
CA GLU B 2014 -12.34 12.34 -21.93
C GLU B 2014 -11.88 13.58 -22.67
N LEU B 2015 -11.08 13.41 -23.72
CA LEU B 2015 -10.68 14.53 -24.55
C LEU B 2015 -10.14 14.04 -25.87
N ALA B 2016 -10.24 14.86 -26.90
CA ALA B 2016 -9.77 14.53 -28.23
C ALA B 2016 -9.09 15.75 -28.84
N ILE B 2017 -7.91 15.53 -29.44
CA ILE B 2017 -7.23 16.59 -30.18
C ILE B 2017 -7.22 16.20 -31.65
N VAL B 2018 -7.67 17.13 -32.50
CA VAL B 2018 -7.74 16.93 -33.94
C VAL B 2018 -6.71 17.84 -34.60
N THR B 2019 -6.00 17.29 -35.59
CA THR B 2019 -5.04 17.96 -36.44
C THR B 2019 -5.64 18.07 -37.84
N ALA B 2020 -4.83 18.55 -38.78
CA ALA B 2020 -5.34 18.83 -40.11
C ALA B 2020 -5.66 17.57 -40.92
N ASP B 2021 -5.30 16.38 -40.44
CA ASP B 2021 -5.67 15.19 -41.19
C ASP B 2021 -6.34 14.15 -40.30
N PHE B 2022 -5.97 14.11 -39.03
CA PHE B 2022 -6.43 13.02 -38.17
C PHE B 2022 -6.75 13.55 -36.78
N VAL B 2023 -7.60 12.82 -36.08
CA VAL B 2023 -8.04 13.19 -34.74
C VAL B 2023 -7.82 12.00 -33.82
N LYS B 2024 -7.24 12.27 -32.65
CA LYS B 2024 -6.94 11.25 -31.67
C LYS B 2024 -7.63 11.59 -30.36
N ILE B 2025 -8.38 10.64 -29.83
CA ILE B 2025 -9.18 10.82 -28.62
C ILE B 2025 -8.65 9.87 -27.57
N TYR B 2026 -8.28 10.43 -26.42
CA TYR B 2026 -7.83 9.64 -25.28
C TYR B 2026 -8.66 9.99 -24.05
N ASP B 2027 -8.76 9.03 -23.15
CA ASP B 2027 -9.42 9.21 -21.87
C ASP B 2027 -8.33 9.39 -20.81
N LEU B 2028 -8.37 10.50 -20.09
CA LEU B 2028 -7.44 10.70 -18.99
C LEU B 2028 -7.62 9.65 -17.91
N CYS B 2029 -8.79 9.00 -17.88
CA CYS B 2029 -9.02 7.92 -16.94
C CYS B 2029 -8.06 6.76 -17.15
N VAL B 2030 -7.96 6.25 -18.37
CA VAL B 2030 -7.05 5.16 -18.64
C VAL B 2030 -5.62 5.68 -18.56
N LEU B 2033 -0.98 8.82 -24.13
CA LEU B 2033 0.01 7.89 -24.68
C LEU B 2033 -0.61 6.95 -25.70
N SER B 2034 -1.54 6.13 -25.23
CA SER B 2034 -2.34 5.29 -26.13
C SER B 2034 -3.78 5.81 -26.14
N PRO B 2035 -4.19 6.52 -27.18
CA PRO B 2035 -5.58 7.00 -27.23
C PRO B 2035 -6.53 5.86 -27.51
N THR B 2036 -7.79 6.04 -27.10
CA THR B 2036 -8.80 5.02 -27.33
C THR B 2036 -9.56 5.26 -28.62
N PHE B 2037 -9.21 6.29 -29.38
CA PHE B 2037 -9.87 6.56 -30.66
C PHE B 2037 -8.90 7.28 -31.59
N TYR B 2038 -9.00 6.98 -32.89
CA TYR B 2038 -8.18 7.63 -33.90
C TYR B 2038 -8.90 7.55 -35.25
N PHE B 2039 -9.02 8.70 -35.92
CA PHE B 2039 -9.69 8.76 -37.21
C PHE B 2039 -8.88 9.63 -38.18
N LEU B 2040 -8.94 9.28 -39.47
CA LEU B 2040 -8.26 10.02 -40.52
C LEU B 2040 -9.19 10.16 -41.72
N LEU B 2041 -8.73 10.94 -42.70
CA LEU B 2041 -9.55 11.37 -43.83
C LEU B 2041 -9.03 10.75 -45.12
N PRO B 2042 -9.90 10.16 -45.94
CA PRO B 2042 -9.45 9.70 -47.27
C PRO B 2042 -8.97 10.82 -48.17
N SER B 2043 -9.51 12.03 -48.01
CA SER B 2043 -9.14 13.14 -48.85
C SER B 2043 -9.32 14.45 -48.09
N SER B 2044 -8.67 15.50 -48.59
CA SER B 2044 -8.79 16.85 -48.06
C SER B 2044 -8.36 16.92 -46.60
N LYS B 2045 -8.46 18.10 -46.01
CA LYS B 2045 -8.01 18.31 -44.65
C LYS B 2045 -9.20 18.26 -43.69
N ILE B 2046 -8.88 18.20 -42.41
CA ILE B 2046 -9.88 18.30 -41.35
C ILE B 2046 -9.96 19.75 -40.90
N ARG B 2047 -11.01 20.44 -41.34
CA ARG B 2047 -11.19 21.85 -41.00
C ARG B 2047 -11.77 22.03 -39.59
N ASP B 2048 -12.97 21.52 -39.34
CA ASP B 2048 -13.55 21.59 -38.01
C ASP B 2048 -14.11 20.24 -37.64
N VAL B 2049 -13.90 19.85 -36.39
CA VAL B 2049 -14.31 18.55 -35.89
C VAL B 2049 -15.12 18.75 -34.61
N THR B 2050 -16.32 18.20 -34.57
CA THR B 2050 -17.16 18.28 -33.40
C THR B 2050 -17.72 16.88 -33.11
N PHE B 2051 -18.30 16.73 -31.93
CA PHE B 2051 -18.95 15.49 -31.54
C PHE B 2051 -20.20 15.83 -30.74
N LEU B 2052 -21.15 14.90 -30.75
CA LEU B 2052 -22.42 15.09 -30.07
C LEU B 2052 -22.95 13.74 -29.63
N PHE B 2053 -24.19 13.73 -29.18
CA PHE B 2053 -24.82 12.55 -28.61
C PHE B 2053 -25.87 12.03 -29.59
N ASN B 2054 -26.35 10.81 -29.33
CA ASN B 2054 -27.37 10.21 -30.18
C ASN B 2054 -28.75 10.53 -29.62
N GLU B 2055 -29.78 9.88 -30.15
CA GLU B 2055 -31.09 9.94 -29.50
C GLU B 2055 -31.02 9.34 -28.11
N GLU B 2056 -30.33 8.21 -27.97
CA GLU B 2056 -29.99 7.71 -26.64
C GLU B 2056 -28.99 8.62 -25.95
N GLY B 2057 -28.01 9.11 -26.71
CA GLY B 2057 -26.93 9.93 -26.18
C GLY B 2057 -25.55 9.51 -26.58
N LYS B 2058 -25.39 8.56 -27.51
CA LYS B 2058 -24.08 8.00 -27.82
C LYS B 2058 -23.27 8.93 -28.71
N ASN B 2059 -21.95 8.75 -28.69
CA ASN B 2059 -21.03 9.67 -29.34
C ASN B 2059 -21.11 9.57 -30.85
N ILE B 2060 -21.06 10.74 -31.50
CA ILE B 2060 -20.99 10.85 -32.95
C ILE B 2060 -20.03 11.97 -33.30
N ILE B 2061 -19.16 11.74 -34.29
CA ILE B 2061 -18.11 12.68 -34.67
C ILE B 2061 -18.36 13.17 -36.08
N VAL B 2062 -18.42 14.49 -36.26
CA VAL B 2062 -18.74 15.12 -37.53
C VAL B 2062 -17.72 16.21 -37.80
N ILE B 2063 -17.17 16.20 -39.01
CA ILE B 2063 -16.12 17.14 -39.40
C ILE B 2063 -16.53 17.84 -40.68
N MET B 2064 -16.52 19.16 -40.66
CA MET B 2064 -16.52 19.95 -41.87
C MET B 2064 -15.09 19.90 -42.42
N SER B 2065 -14.93 19.32 -43.60
CA SER B 2065 -13.62 19.07 -44.17
C SER B 2065 -13.10 20.34 -44.84
N SER B 2066 -11.84 20.28 -45.28
CA SER B 2066 -11.27 21.38 -46.05
C SER B 2066 -12.01 21.61 -47.36
N ALA B 2067 -12.33 20.54 -48.08
CA ALA B 2067 -13.17 20.65 -49.26
C ALA B 2067 -14.59 21.05 -48.92
N GLY B 2068 -14.92 21.17 -47.64
CA GLY B 2068 -16.24 21.52 -47.20
C GLY B 2068 -17.16 20.35 -46.96
N TYR B 2069 -16.75 19.15 -47.32
CA TYR B 2069 -17.60 17.99 -47.16
C TYR B 2069 -17.77 17.67 -45.68
N ILE B 2070 -19.01 17.77 -45.21
CA ILE B 2070 -19.33 17.52 -43.82
C ILE B 2070 -19.57 16.03 -43.66
N TYR B 2071 -18.80 15.41 -42.78
CA TYR B 2071 -18.76 13.97 -42.64
C TYR B 2071 -19.18 13.55 -41.24
N THR B 2072 -19.86 12.41 -41.15
CA THR B 2072 -20.38 11.90 -39.90
C THR B 2072 -19.92 10.47 -39.67
N GLN B 2073 -19.68 10.13 -38.41
CA GLN B 2073 -19.30 8.77 -38.04
C GLN B 2073 -19.76 8.51 -36.63
N LEU B 2074 -19.97 7.24 -36.29
CA LEU B 2074 -20.32 6.83 -34.94
C LEU B 2074 -19.12 6.12 -34.32
N MET B 2075 -18.44 6.80 -33.42
CA MET B 2075 -17.27 6.21 -32.77
C MET B 2075 -17.71 5.07 -31.87
N GLU B 2076 -17.26 3.86 -32.20
CA GLU B 2076 -17.57 2.69 -31.39
C GLU B 2076 -16.37 1.75 -31.48
N GLU B 2077 -16.60 0.48 -31.17
CA GLU B 2077 -15.50 -0.48 -31.18
C GLU B 2077 -14.87 -0.61 -32.56
N ALA B 2078 -15.61 -0.23 -33.62
CA ALA B 2078 -15.10 -0.42 -34.98
C ALA B 2078 -14.16 0.70 -35.40
N SER B 2079 -14.51 1.95 -35.12
CA SER B 2079 -13.71 3.10 -35.52
C SER B 2079 -12.72 3.52 -34.45
N SER B 2080 -12.78 2.93 -33.26
CA SER B 2080 -11.88 3.26 -32.18
C SER B 2080 -10.43 2.91 -32.55
N ALA B 2081 -9.49 3.56 -31.89
CA ALA B 2081 -8.09 3.33 -32.18
C ALA B 2081 -7.62 1.92 -31.82
N GLN B 2082 -8.43 1.15 -31.09
CA GLN B 2082 -8.07 -0.23 -30.80
C GLN B 2082 -7.89 -1.03 -32.07
N GLN B 2083 -8.77 -0.83 -33.05
CA GLN B 2083 -8.61 -1.43 -34.37
C GLN B 2083 -7.91 -0.51 -35.36
N GLY B 2084 -7.53 0.69 -34.93
CA GLY B 2084 -6.79 1.60 -35.78
C GLY B 2084 -7.56 2.86 -36.16
N PRO B 2085 -6.82 3.89 -36.59
CA PRO B 2085 -7.49 5.10 -37.09
C PRO B 2085 -8.31 4.79 -38.32
N PHE B 2086 -9.55 5.24 -38.32
CA PHE B 2086 -10.53 4.82 -39.32
C PHE B 2086 -10.72 5.92 -40.35
N TYR B 2087 -10.81 5.54 -41.61
CA TYR B 2087 -11.14 6.47 -42.66
C TYR B 2087 -12.57 6.96 -42.47
N VAL B 2088 -12.80 8.24 -42.70
CA VAL B 2088 -14.15 8.82 -42.65
C VAL B 2088 -14.96 8.29 -43.82
N THR B 2089 -16.27 8.10 -43.62
CA THR B 2089 -17.10 7.47 -44.64
C THR B 2089 -18.21 8.34 -45.21
N ASN B 2090 -19.18 8.76 -44.40
CA ASN B 2090 -20.36 9.39 -44.96
C ASN B 2090 -20.23 10.90 -44.99
N VAL B 2091 -20.96 11.54 -45.91
CA VAL B 2091 -20.98 12.99 -46.02
C VAL B 2091 -22.42 13.46 -46.09
N LEU B 2092 -22.81 14.32 -45.14
CA LEU B 2092 -24.17 14.84 -45.11
C LEU B 2092 -24.40 15.79 -46.27
N GLU B 2093 -25.66 15.89 -46.69
CA GLU B 2093 -26.04 16.65 -47.88
C GLU B 2093 -26.73 17.93 -47.44
N ILE B 2094 -26.41 19.03 -48.11
CA ILE B 2094 -27.07 20.30 -47.92
C ILE B 2094 -27.35 20.88 -49.29
N ASN B 2095 -28.61 21.07 -49.63
CA ASN B 2095 -28.99 21.57 -50.95
C ASN B 2095 -29.67 22.92 -50.79
N HIS B 2096 -28.86 23.99 -50.71
CA HIS B 2096 -29.35 25.34 -50.79
C HIS B 2096 -28.95 25.90 -52.15
N GLU B 2097 -29.37 27.14 -52.43
CA GLU B 2097 -29.04 27.73 -53.72
C GLU B 2097 -27.53 27.81 -53.91
N ASP B 2098 -26.82 28.31 -52.89
CA ASP B 2098 -25.37 28.44 -53.00
C ASP B 2098 -24.68 27.09 -52.87
N LEU B 2099 -25.17 26.22 -52.00
CA LEU B 2099 -24.52 24.95 -51.70
C LEU B 2099 -24.39 24.07 -52.93
N ASN B 2103 -17.55 21.88 -56.82
CA ASN B 2103 -16.54 21.21 -57.63
C ASN B 2103 -15.33 20.85 -56.78
N SER B 2104 -15.53 19.91 -55.84
CA SER B 2104 -14.48 19.43 -54.95
C SER B 2104 -13.94 20.54 -54.04
N GLN B 2105 -14.55 21.72 -54.10
CA GLN B 2105 -14.24 22.82 -53.22
C GLN B 2105 -15.53 23.58 -52.94
N VAL B 2106 -16.08 23.40 -51.74
CA VAL B 2106 -17.43 23.85 -51.44
C VAL B 2106 -17.40 25.36 -51.28
N ALA B 2107 -17.76 26.08 -52.34
CA ALA B 2107 -17.82 27.54 -52.34
C ALA B 2107 -16.53 28.13 -51.80
N GLY B 2108 -15.40 27.57 -52.23
CA GLY B 2108 -14.14 27.96 -51.66
C GLY B 2108 -14.01 27.58 -50.20
N GLY B 2109 -14.35 26.34 -49.85
CA GLY B 2109 -14.02 25.77 -48.56
C GLY B 2109 -15.04 26.13 -47.49
N GLY B 2110 -14.92 25.43 -46.36
CA GLY B 2110 -15.78 25.66 -45.20
C GLY B 2110 -15.18 26.67 -44.24
N VAL B 2111 -15.86 26.85 -43.11
CA VAL B 2111 -15.41 27.80 -42.10
C VAL B 2111 -15.21 27.09 -40.77
N SER B 2112 -16.25 26.42 -40.29
CA SER B 2112 -16.17 25.75 -39.00
C SER B 2112 -17.35 24.80 -38.83
N VAL B 2113 -17.47 24.26 -37.62
CA VAL B 2113 -18.58 23.38 -37.26
C VAL B 2113 -18.84 23.53 -35.77
N TYR B 2114 -20.12 23.57 -35.39
CA TYR B 2114 -20.51 23.68 -33.99
C TYR B 2114 -21.97 23.26 -33.85
N TYR B 2115 -22.22 22.30 -32.98
CA TYR B 2115 -23.57 21.78 -32.78
C TYR B 2115 -24.00 21.95 -31.34
N SER B 2116 -24.67 23.06 -31.06
CA SER B 2116 -25.00 23.43 -29.69
C SER B 2116 -26.06 22.48 -29.17
N HIS B 2117 -25.85 21.99 -27.95
CA HIS B 2117 -26.87 21.17 -27.30
C HIS B 2117 -27.79 22.04 -26.45
N VAL B 2118 -27.32 23.23 -26.07
CA VAL B 2118 -28.16 24.15 -25.31
C VAL B 2118 -29.37 24.58 -26.14
N LEU B 2119 -29.12 24.94 -27.40
CA LEU B 2119 -30.19 25.21 -28.35
C LEU B 2119 -30.72 23.94 -28.99
N GLN B 2120 -30.07 22.81 -28.77
CA GLN B 2120 -30.42 21.56 -29.46
C GLN B 2120 -30.42 21.78 -30.96
N MET B 2121 -29.26 22.18 -31.49
CA MET B 2121 -29.17 22.62 -32.86
C MET B 2121 -27.74 22.45 -33.34
N LEU B 2122 -27.45 23.06 -34.48
CA LEU B 2122 -26.09 23.14 -35.01
C LEU B 2122 -26.02 24.31 -35.98
N PHE B 2123 -24.83 24.86 -36.13
CA PHE B 2123 -24.56 25.89 -37.11
C PHE B 2123 -23.65 25.36 -38.20
N PHE B 2124 -23.63 26.08 -39.33
CA PHE B 2124 -22.78 25.72 -40.45
C PHE B 2124 -22.31 27.00 -41.12
N SER B 2125 -21.12 26.95 -41.71
CA SER B 2125 -20.56 28.12 -42.34
C SER B 2125 -19.38 27.71 -43.22
N TYR B 2126 -19.08 28.54 -44.21
CA TYR B 2126 -18.07 28.22 -45.20
C TYR B 2126 -17.02 29.33 -45.28
N CYS B 2127 -15.88 28.99 -45.91
CA CYS B 2127 -14.89 29.99 -46.25
C CYS B 2127 -15.38 30.87 -47.40
N GLN B 2128 -16.51 30.49 -48.01
CA GLN B 2128 -17.29 31.46 -48.76
C GLN B 2128 -17.75 32.61 -47.88
N GLY B 2129 -17.97 32.37 -46.59
CA GLY B 2129 -18.42 33.38 -45.67
C GLY B 2129 -19.90 33.38 -45.37
N LYS B 2130 -20.60 32.29 -45.68
CA LYS B 2130 -22.03 32.20 -45.48
C LYS B 2130 -22.33 31.46 -44.17
N SER B 2131 -23.43 31.82 -43.52
CA SER B 2131 -23.84 31.21 -42.27
C SER B 2131 -25.24 30.64 -42.39
N PHE B 2132 -25.47 29.50 -41.74
CA PHE B 2132 -26.77 28.87 -41.72
C PHE B 2132 -26.92 28.05 -40.46
N ALA B 2133 -28.15 27.68 -40.14
CA ALA B 2133 -28.48 27.01 -38.89
C ALA B 2133 -29.41 25.84 -39.19
N ALA B 2134 -29.09 24.67 -38.65
CA ALA B 2134 -29.83 23.46 -38.92
C ALA B 2134 -30.02 22.64 -37.65
N THR B 2135 -31.19 22.03 -37.52
CA THR B 2135 -31.45 21.04 -36.48
C THR B 2135 -31.77 19.72 -37.17
N ILE B 2136 -31.24 18.61 -36.64
CA ILE B 2136 -31.26 17.32 -37.31
C ILE B 2136 -31.81 16.24 -36.38
N SER B 2137 -32.20 15.10 -36.97
CA SER B 2137 -32.81 14.01 -36.23
C SER B 2137 -31.84 13.43 -35.22
N ARG B 2138 -32.37 12.90 -34.12
CA ARG B 2138 -31.54 12.42 -33.03
C ARG B 2138 -30.89 11.08 -33.31
N THR B 2139 -31.44 10.28 -34.22
CA THR B 2139 -30.83 9.03 -34.65
C THR B 2139 -30.58 8.96 -36.14
N THR B 2140 -31.50 9.43 -36.96
CA THR B 2140 -31.26 9.54 -38.39
C THR B 2140 -30.29 10.66 -38.72
N LEU B 2141 -30.14 11.63 -37.82
CA LEU B 2141 -29.25 12.78 -38.04
C LEU B 2141 -29.59 13.52 -39.32
N GLU B 2142 -30.85 13.43 -39.74
CA GLU B 2142 -31.31 14.08 -40.94
C GLU B 2142 -31.65 15.52 -40.58
N VAL B 2143 -31.10 16.47 -41.33
CA VAL B 2143 -31.25 17.87 -40.98
C VAL B 2143 -32.71 18.27 -41.14
N LEU B 2144 -33.45 18.23 -40.03
CA LEU B 2144 -34.89 18.42 -40.06
C LEU B 2144 -35.28 19.84 -40.44
N GLN B 2145 -34.68 20.85 -39.80
CA GLN B 2145 -35.08 22.22 -40.09
C GLN B 2145 -33.85 23.03 -40.41
N LEU B 2146 -33.94 23.83 -41.47
CA LEU B 2146 -32.80 24.56 -42.00
C LEU B 2146 -33.17 26.02 -42.21
N PHE B 2147 -32.21 26.91 -41.99
CA PHE B 2147 -32.37 28.33 -42.25
C PHE B 2147 -31.02 28.89 -42.72
N PRO B 2148 -30.99 29.93 -43.56
CA PRO B 2148 -29.70 30.48 -43.97
C PRO B 2148 -29.04 31.24 -42.84
N PRO B 2162 -17.88 39.02 -43.96
CA PRO B 2162 -16.67 38.27 -43.61
C PRO B 2162 -17.00 36.84 -43.24
N ALA B 2163 -16.00 35.95 -43.31
CA ALA B 2163 -16.19 34.57 -42.91
C ALA B 2163 -16.42 34.48 -41.40
N LEU B 2164 -16.67 33.26 -40.93
CA LEU B 2164 -17.03 33.04 -39.54
C LEU B 2164 -16.07 32.05 -38.89
N CYS B 2165 -15.89 32.19 -37.57
CA CYS B 2165 -15.11 31.24 -36.79
C CYS B 2165 -15.41 31.40 -35.31
N GLN B 2166 -15.58 30.26 -34.64
CA GLN B 2166 -15.49 30.14 -33.18
C GLN B 2166 -16.56 30.94 -32.44
N TRP B 2167 -17.80 30.52 -32.60
CA TRP B 2167 -18.85 30.98 -31.71
C TRP B 2167 -18.65 30.35 -30.35
N SER B 2168 -18.98 31.08 -29.29
CA SER B 2168 -18.87 30.55 -27.95
C SER B 2168 -20.12 30.91 -27.15
N GLU B 2169 -20.70 29.93 -26.49
CA GLU B 2169 -21.89 30.12 -25.67
C GLU B 2169 -21.48 30.18 -24.21
N VAL B 2170 -21.87 31.25 -23.53
CA VAL B 2170 -21.63 31.38 -22.10
C VAL B 2170 -22.54 30.41 -21.38
N MET B 2171 -21.96 29.59 -20.52
CA MET B 2171 -22.76 28.68 -19.72
C MET B 2171 -23.70 29.47 -18.82
N ASN B 2172 -24.86 28.88 -18.53
CA ASN B 2172 -25.87 29.55 -17.72
C ASN B 2172 -26.31 30.84 -18.41
N HIS B 2173 -26.15 30.89 -19.72
CA HIS B 2173 -26.53 32.05 -20.51
C HIS B 2173 -27.08 31.55 -21.84
N PRO B 2174 -28.34 31.13 -21.86
CA PRO B 2174 -28.88 30.49 -23.07
C PRO B 2174 -28.89 31.43 -24.26
N GLY B 2175 -28.67 30.84 -25.44
CA GLY B 2175 -28.90 31.52 -26.69
C GLY B 2175 -27.87 32.56 -27.07
N LEU B 2176 -26.89 32.82 -26.22
CA LEU B 2176 -25.90 33.86 -26.47
C LEU B 2176 -24.65 33.23 -27.06
N VAL B 2177 -24.30 33.62 -28.28
CA VAL B 2177 -23.15 33.04 -28.96
C VAL B 2177 -22.22 34.17 -29.40
N CYS B 2178 -20.93 33.89 -29.35
CA CYS B 2178 -19.93 34.88 -29.71
C CYS B 2178 -18.95 34.32 -30.72
N CYS B 2179 -19.15 34.66 -32.00
CA CYS B 2179 -18.27 34.24 -33.07
C CYS B 2179 -17.26 35.33 -33.30
N VAL B 2180 -16.33 35.08 -34.21
CA VAL B 2180 -15.44 36.12 -34.68
C VAL B 2180 -15.26 35.92 -36.17
N GLN B 2181 -15.40 37.02 -36.91
CA GLN B 2181 -15.15 36.98 -38.34
C GLN B 2181 -13.73 36.54 -38.59
N GLN B 2182 -13.55 35.60 -39.50
CA GLN B 2182 -12.22 35.11 -39.79
C GLN B 2182 -11.35 36.22 -40.39
N THR B 2183 -11.91 36.98 -41.32
CA THR B 2183 -11.14 38.02 -42.02
C THR B 2183 -11.18 39.35 -41.29
N THR B 2184 -12.38 39.81 -40.93
CA THR B 2184 -12.50 41.05 -40.18
C THR B 2184 -11.96 40.91 -38.77
N GLY B 2185 -11.72 39.68 -38.31
CA GLY B 2185 -11.34 39.48 -36.94
C GLY B 2185 -12.43 39.84 -35.95
N VAL B 2186 -13.57 40.31 -36.44
CA VAL B 2186 -14.56 40.97 -35.58
C VAL B 2186 -15.45 39.93 -34.91
N PRO B 2187 -15.35 39.79 -33.60
CA PRO B 2187 -16.35 39.02 -32.87
C PRO B 2187 -17.73 39.63 -33.03
N LEU B 2188 -18.71 38.75 -33.19
CA LEU B 2188 -20.10 39.13 -33.41
C LEU B 2188 -20.97 38.26 -32.52
N VAL B 2189 -21.94 38.88 -31.85
CA VAL B 2189 -22.80 38.20 -30.90
C VAL B 2189 -24.11 37.88 -31.59
N VAL B 2190 -24.60 36.67 -31.41
CA VAL B 2190 -25.89 36.23 -31.92
C VAL B 2190 -26.75 35.77 -30.75
N MET B 2191 -27.91 36.39 -30.61
CA MET B 2191 -28.93 35.96 -29.66
C MET B 2191 -30.19 35.63 -30.44
N VAL B 2192 -30.72 34.42 -30.23
CA VAL B 2192 -31.81 33.92 -31.07
C VAL B 2192 -32.96 33.58 -30.13
N LYS B 2193 -33.98 34.43 -30.16
CA LYS B 2193 -35.30 34.00 -29.75
C LYS B 2193 -35.88 33.16 -30.88
N PRO B 2194 -37.10 32.69 -30.78
CA PRO B 2194 -37.60 31.74 -31.79
C PRO B 2194 -37.57 32.30 -33.21
N ASP B 2195 -37.88 33.59 -33.36
CA ASP B 2195 -38.20 34.14 -34.68
C ASP B 2195 -37.24 35.23 -35.17
N THR B 2196 -36.11 35.44 -34.52
CA THR B 2196 -35.13 36.41 -35.00
C THR B 2196 -33.77 36.03 -34.47
N PHE B 2197 -32.74 36.57 -35.10
CA PHE B 2197 -31.36 36.33 -34.71
C PHE B 2197 -30.68 37.69 -34.65
N LEU B 2198 -30.64 38.28 -33.46
CA LEU B 2198 -30.04 39.59 -33.30
C LEU B 2198 -28.53 39.41 -33.27
N ILE B 2199 -27.84 40.12 -34.16
CA ILE B 2199 -26.38 40.13 -34.21
C ILE B 2199 -25.89 41.51 -33.82
N GLN B 2200 -24.97 41.56 -32.86
CA GLN B 2200 -24.47 42.81 -32.32
C GLN B 2200 -22.95 42.83 -32.38
N GLU B 2201 -22.41 43.99 -32.73
CA GLU B 2201 -20.97 44.19 -32.84
C GLU B 2201 -20.51 45.23 -31.82
N ILE B 2202 -19.47 44.89 -31.07
CA ILE B 2202 -18.92 45.79 -30.05
C ILE B 2202 -17.52 46.24 -30.45
N LYS B 2208 -7.99 50.89 -33.03
CA LYS B 2208 -6.94 51.22 -32.07
C LYS B 2208 -6.60 50.02 -31.20
N ALA B 2209 -7.49 49.72 -30.27
CA ALA B 2209 -7.35 48.56 -29.40
C ALA B 2209 -7.91 47.36 -30.15
N LYS B 2210 -7.09 46.77 -31.03
CA LYS B 2210 -7.56 45.70 -31.91
C LYS B 2210 -7.80 44.44 -31.11
N ILE B 2211 -9.08 44.19 -30.78
CA ILE B 2211 -9.43 43.13 -29.85
C ILE B 2211 -8.80 41.82 -30.30
N GLN B 2212 -7.93 41.27 -29.46
CA GLN B 2212 -7.30 39.99 -29.72
C GLN B 2212 -8.26 38.85 -29.42
N ASP B 2213 -8.92 38.91 -28.26
CA ASP B 2213 -9.76 37.82 -27.80
C ASP B 2213 -10.80 38.36 -26.83
N MET B 2214 -11.46 37.47 -26.12
CA MET B 2214 -12.44 37.87 -25.10
C MET B 2214 -12.64 36.75 -24.10
N VAL B 2215 -13.39 37.06 -23.04
CA VAL B 2215 -13.91 36.07 -22.11
C VAL B 2215 -15.19 36.64 -21.52
N ALA B 2216 -16.01 35.77 -20.94
CA ALA B 2216 -17.28 36.21 -20.36
C ALA B 2216 -17.83 35.09 -19.49
N ILE B 2217 -18.46 35.46 -18.39
CA ILE B 2217 -19.13 34.51 -17.51
C ILE B 2217 -20.41 35.15 -17.00
N ARG B 2218 -21.47 34.37 -16.93
CA ARG B 2218 -22.69 34.80 -16.27
C ARG B 2218 -22.45 34.73 -14.77
N HIS B 2219 -22.07 35.85 -14.18
CA HIS B 2219 -21.65 35.90 -12.79
C HIS B 2219 -22.72 36.62 -11.98
N THR B 2220 -22.45 36.82 -10.71
CA THR B 2220 -23.36 37.57 -9.85
C THR B 2220 -22.75 38.94 -9.53
N ALA B 2221 -23.51 39.98 -9.86
CA ALA B 2221 -23.12 41.37 -9.66
C ALA B 2221 -23.28 41.72 -8.18
N CYS B 2222 -23.16 43.02 -7.89
CA CYS B 2222 -23.23 43.46 -6.50
C CYS B 2222 -24.61 43.21 -5.91
N ASN B 2223 -25.59 42.88 -6.76
CA ASN B 2223 -26.98 42.68 -6.34
C ASN B 2223 -27.37 41.21 -6.35
N GLU B 2224 -26.40 40.31 -6.25
CA GLU B 2224 -26.67 38.88 -6.27
C GLU B 2224 -27.45 38.48 -7.51
N GLN B 2225 -27.37 39.30 -8.56
CA GLN B 2225 -28.10 39.06 -9.79
C GLN B 2225 -27.18 38.42 -10.82
N GLN B 2226 -27.63 37.34 -11.43
CA GLN B 2226 -26.84 36.63 -12.44
C GLN B 2226 -26.83 37.44 -13.72
N ARG B 2227 -25.89 38.39 -13.80
CA ARG B 2227 -25.67 39.17 -14.99
C ARG B 2227 -24.37 38.69 -15.61
N THR B 2228 -24.31 38.73 -16.94
CA THR B 2228 -23.16 38.22 -17.66
C THR B 2228 -22.13 39.33 -17.85
N THR B 2229 -20.91 39.09 -17.42
CA THR B 2229 -19.83 40.05 -17.56
C THR B 2229 -18.85 39.54 -18.60
N MET B 2230 -18.49 40.40 -19.56
CA MET B 2230 -17.61 40.04 -20.64
C MET B 2230 -16.41 40.99 -20.65
N ILE B 2231 -15.23 40.43 -20.43
CA ILE B 2231 -13.97 41.17 -20.50
C ILE B 2231 -13.29 40.77 -21.80
N LEU B 2232 -13.31 41.66 -22.78
CA LEU B 2232 -12.74 41.41 -24.09
C LEU B 2232 -11.38 42.07 -24.18
N LEU B 2233 -10.38 41.30 -24.58
CA LEU B 2233 -8.99 41.75 -24.56
C LEU B 2233 -8.58 42.21 -25.96
N CYS B 2234 -7.82 43.30 -26.02
CA CYS B 2234 -7.45 43.99 -27.24
C CYS B 2234 -6.01 43.69 -27.64
N GLU B 2235 -5.51 44.47 -28.61
CA GLU B 2235 -4.14 44.32 -29.09
C GLU B 2235 -3.14 45.15 -28.29
N ASP B 2236 -3.59 46.19 -27.62
CA ASP B 2236 -2.72 47.02 -26.81
C ASP B 2236 -2.65 46.57 -25.36
N GLY B 2237 -3.24 45.43 -25.05
CA GLY B 2237 -3.40 45.01 -23.67
C GLY B 2237 -4.61 45.60 -22.98
N SER B 2238 -5.38 46.44 -23.68
CA SER B 2238 -6.54 47.05 -23.08
C SER B 2238 -7.68 46.04 -22.98
N LEU B 2239 -8.67 46.40 -22.19
CA LEU B 2239 -9.83 45.57 -21.98
C LEU B 2239 -11.11 46.35 -22.26
N ARG B 2240 -12.18 45.63 -22.57
CA ARG B 2240 -13.49 46.19 -22.82
C ARG B 2240 -14.51 45.43 -22.00
N ILE B 2241 -15.51 46.14 -21.50
CA ILE B 2241 -16.57 45.57 -20.67
C ILE B 2241 -17.82 45.48 -21.53
N TYR B 2242 -18.42 44.29 -21.60
CA TYR B 2242 -19.61 44.06 -22.41
C TYR B 2242 -20.60 43.19 -21.64
N MET B 2243 -21.86 43.31 -22.04
CA MET B 2243 -22.96 42.57 -21.42
C MET B 2243 -24.21 42.65 -22.26
N SER B 2250 -31.63 37.21 -22.80
CA SER B 2250 -32.46 37.00 -21.62
C SER B 2250 -33.81 36.44 -22.03
N TYR B 2251 -33.94 36.13 -23.32
CA TYR B 2251 -35.20 35.59 -23.83
C TYR B 2251 -35.56 34.29 -23.14
N TRP B 2252 -34.62 33.35 -23.09
CA TRP B 2252 -34.87 32.09 -22.42
C TRP B 2252 -34.50 32.13 -20.96
N LEU B 2253 -33.84 33.19 -20.50
CA LEU B 2253 -33.34 33.27 -19.13
C LEU B 2253 -34.38 33.77 -18.14
N GLN B 2254 -35.54 34.22 -18.61
CA GLN B 2254 -36.54 34.77 -17.71
C GLN B 2254 -37.12 33.69 -16.80
N PRO B 2255 -37.64 34.07 -15.63
CA PRO B 2255 -38.18 33.07 -14.70
C PRO B 2255 -39.33 32.25 -15.25
N SER B 2256 -40.22 32.87 -16.05
CA SER B 2256 -41.37 32.16 -16.60
C SER B 2256 -40.98 31.14 -17.65
N LEU B 2257 -39.73 31.17 -18.12
CA LEU B 2257 -39.20 30.18 -19.03
C LEU B 2257 -38.22 29.23 -18.36
N GLN B 2258 -37.61 29.63 -17.25
CA GLN B 2258 -36.66 28.80 -16.55
C GLN B 2258 -37.39 27.99 -15.49
N PRO B 2259 -37.25 26.66 -15.48
CA PRO B 2259 -37.94 25.86 -14.47
C PRO B 2259 -37.50 26.26 -13.07
N SER B 2260 -38.47 26.25 -12.15
CA SER B 2260 -38.23 26.70 -10.78
C SER B 2260 -37.87 25.54 -9.85
N THR B 2470 -51.23 41.99 -0.32
CA THR B 2470 -50.98 41.44 -1.65
C THR B 2470 -50.50 42.53 -2.60
N SER B 2471 -49.20 42.83 -2.56
CA SER B 2471 -48.59 43.82 -3.43
C SER B 2471 -48.59 43.41 -4.88
N GLY B 2472 -48.78 42.14 -5.16
CA GLY B 2472 -48.76 41.66 -6.53
C GLY B 2472 -50.06 42.00 -7.21
N THR B 2473 -50.68 40.99 -7.80
CA THR B 2473 -51.98 41.16 -8.41
C THR B 2473 -52.93 41.93 -7.51
N VAL B 2474 -53.32 43.13 -7.96
CA VAL B 2474 -54.51 43.75 -7.40
C VAL B 2474 -55.70 42.84 -7.59
N LEU B 2475 -55.60 41.93 -8.57
CA LEU B 2475 -56.56 40.84 -8.70
C LEU B 2475 -56.54 39.95 -7.46
N GLU B 2476 -55.35 39.52 -7.04
CA GLU B 2476 -55.24 38.77 -5.80
C GLU B 2476 -55.72 39.61 -4.63
N ARG B 2477 -55.49 40.92 -4.68
CA ARG B 2477 -55.97 41.82 -3.63
C ARG B 2477 -57.49 41.79 -3.54
N LEU B 2478 -58.16 41.93 -4.68
CA LEU B 2478 -59.62 41.90 -4.67
C LEU B 2478 -60.14 40.54 -4.27
N VAL B 2479 -59.47 39.47 -4.70
CA VAL B 2479 -59.90 38.13 -4.32
C VAL B 2479 -59.78 37.94 -2.82
N VAL B 2480 -58.74 38.52 -2.21
CA VAL B 2480 -58.59 38.47 -0.77
C VAL B 2480 -59.72 39.25 -0.10
N SER B 2481 -60.05 40.42 -0.65
CA SER B 2481 -61.22 41.15 -0.17
C SER B 2481 -62.46 40.28 -0.21
N SER B 2482 -62.61 39.50 -1.29
CA SER B 2482 -63.77 38.62 -1.44
C SER B 2482 -63.76 37.50 -0.41
N LEU B 2483 -62.58 36.95 -0.13
CA LEU B 2483 -62.47 35.92 0.91
C LEU B 2483 -62.85 36.48 2.26
N GLU B 2484 -62.42 37.70 2.57
CA GLU B 2484 -62.86 38.36 3.79
C GLU B 2484 -64.37 38.54 3.81
N ALA B 2485 -64.95 38.98 2.69
CA ALA B 2485 -66.39 39.17 2.61
C ALA B 2485 -67.14 37.87 2.84
N LEU B 2486 -66.68 36.77 2.24
CA LEU B 2486 -67.34 35.49 2.43
C LEU B 2486 -67.22 35.03 3.88
N GLU B 2487 -66.03 35.18 4.46
CA GLU B 2487 -65.84 34.79 5.85
C GLU B 2487 -66.80 35.53 6.76
N SER B 2488 -66.95 36.85 6.55
CA SER B 2488 -67.89 37.60 7.35
C SER B 2488 -69.33 37.16 7.10
N CYS B 2489 -69.69 36.98 5.82
CA CYS B 2489 -71.08 36.67 5.48
C CYS B 2489 -71.47 35.29 5.98
N PHE B 2490 -70.48 34.49 6.34
CA PHE B 2490 -70.76 33.27 7.08
C PHE B 2490 -70.80 33.49 8.58
N ALA B 2491 -69.73 34.04 9.16
CA ALA B 2491 -69.60 34.17 10.60
C ALA B 2491 -70.62 35.09 11.23
N VAL B 2492 -71.22 35.97 10.45
CA VAL B 2492 -72.20 36.91 10.96
C VAL B 2492 -73.46 36.78 10.13
N GLY B 2493 -73.33 36.20 8.93
CA GLY B 2493 -74.47 35.94 8.12
C GLY B 2493 -75.35 34.87 8.75
N PRO B 2494 -76.63 34.91 8.41
CA PRO B 2494 -77.59 34.04 9.10
C PRO B 2494 -77.41 32.57 8.73
N ILE B 2495 -78.09 31.73 9.49
CA ILE B 2495 -78.08 30.30 9.21
C ILE B 2495 -78.80 30.00 7.90
N ILE B 2496 -79.93 30.67 7.64
CA ILE B 2496 -80.74 30.34 6.47
C ILE B 2496 -79.97 30.61 5.19
N GLU B 2497 -79.43 31.83 5.07
CA GLU B 2497 -78.65 32.17 3.89
C GLU B 2497 -77.42 31.30 3.76
N LYS B 2498 -76.72 31.08 4.87
CA LYS B 2498 -75.53 30.23 4.83
C LYS B 2498 -75.86 28.85 4.28
N GLU B 2499 -76.86 28.19 4.85
CA GLU B 2499 -77.19 26.84 4.43
C GLU B 2499 -77.73 26.81 3.00
N ARG B 2500 -78.55 27.79 2.62
CA ARG B 2500 -79.09 27.80 1.27
C ARG B 2500 -77.99 27.96 0.24
N ASN B 2501 -77.04 28.84 0.50
CA ASN B 2501 -75.90 29.03 -0.39
C ASN B 2501 -74.83 27.98 -0.21
N LYS B 2502 -74.98 27.09 0.78
CA LYS B 2502 -73.92 26.16 1.13
C LYS B 2502 -73.49 25.31 -0.06
N ASN B 2503 -74.44 24.69 -0.75
CA ASN B 2503 -74.08 23.75 -1.80
C ASN B 2503 -73.29 24.44 -2.91
N ALA B 2504 -73.82 25.54 -3.43
CA ALA B 2504 -73.16 26.23 -4.52
C ALA B 2504 -71.82 26.77 -4.09
N ALA B 2505 -71.76 27.34 -2.89
CA ALA B 2505 -70.51 27.93 -2.42
C ALA B 2505 -69.44 26.86 -2.25
N GLN B 2506 -69.80 25.73 -1.65
CA GLN B 2506 -68.84 24.66 -1.49
C GLN B 2506 -68.35 24.17 -2.84
N GLU B 2507 -69.26 24.02 -3.80
CA GLU B 2507 -68.82 23.59 -5.12
C GLU B 2507 -67.83 24.59 -5.69
N LEU B 2508 -68.14 25.87 -5.58
CA LEU B 2508 -67.25 26.89 -6.11
C LEU B 2508 -65.89 26.84 -5.43
N ALA B 2509 -65.89 26.70 -4.10
CA ALA B 2509 -64.63 26.72 -3.36
C ALA B 2509 -63.80 25.49 -3.67
N THR B 2510 -64.47 24.35 -3.86
CA THR B 2510 -63.76 23.15 -4.25
C THR B 2510 -63.12 23.34 -5.61
N LEU B 2511 -63.88 23.88 -6.56
CA LEU B 2511 -63.32 24.16 -7.88
C LEU B 2511 -62.16 25.15 -7.78
N LEU B 2512 -62.27 26.08 -6.84
CA LEU B 2512 -61.22 27.07 -6.66
C LEU B 2512 -59.94 26.45 -6.11
N LEU B 2513 -60.04 25.70 -5.02
CA LEU B 2513 -58.84 25.08 -4.45
C LEU B 2513 -58.32 23.98 -5.38
N SER B 2514 -59.14 23.55 -6.33
CA SER B 2514 -58.76 22.48 -7.22
C SER B 2514 -57.52 22.84 -8.04
N LEU B 2515 -57.58 23.98 -8.73
CA LEU B 2515 -56.45 24.35 -9.57
C LEU B 2515 -55.40 25.08 -8.74
N PRO B 2516 -54.15 25.12 -9.21
CA PRO B 2516 -53.10 25.81 -8.45
C PRO B 2516 -53.32 27.31 -8.45
N ALA B 2517 -53.11 27.93 -7.29
CA ALA B 2517 -53.42 29.34 -7.09
C ALA B 2517 -52.67 29.84 -5.87
N PRO B 2518 -52.91 31.09 -5.46
CA PRO B 2518 -52.14 31.67 -4.36
C PRO B 2518 -52.24 30.88 -3.07
N ALA B 2519 -51.14 30.87 -2.31
CA ALA B 2519 -51.14 30.21 -1.02
C ALA B 2519 -52.14 30.85 -0.07
N SER B 2520 -52.23 32.18 -0.07
CA SER B 2520 -53.21 32.85 0.77
C SER B 2520 -54.62 32.49 0.33
N VAL B 2521 -54.81 32.25 -0.96
CA VAL B 2521 -56.10 31.76 -1.44
C VAL B 2521 -56.38 30.40 -0.84
N GLN B 2522 -55.38 29.52 -0.80
CA GLN B 2522 -55.57 28.22 -0.19
C GLN B 2522 -55.94 28.35 1.27
N GLN B 2523 -55.27 29.25 1.99
CA GLN B 2523 -55.56 29.44 3.41
C GLN B 2523 -56.97 29.96 3.63
N GLN B 2524 -57.37 31.00 2.88
CA GLN B 2524 -58.71 31.55 3.04
C GLN B 2524 -59.77 30.52 2.68
N SER B 2525 -59.57 29.79 1.58
CA SER B 2525 -60.52 28.77 1.19
C SER B 2525 -60.61 27.67 2.22
N LYS B 2526 -59.48 27.24 2.76
CA LYS B 2526 -59.49 26.18 3.77
C LYS B 2526 -60.22 26.62 5.02
N SER B 2527 -59.98 27.84 5.48
CA SER B 2527 -60.70 28.33 6.65
C SER B 2527 -62.19 28.39 6.37
N LEU B 2528 -62.58 28.98 5.24
CA LEU B 2528 -63.99 29.13 4.91
C LEU B 2528 -64.67 27.77 4.79
N LEU B 2529 -64.00 26.82 4.14
CA LEU B 2529 -64.59 25.51 3.89
C LEU B 2529 -64.68 24.68 5.16
N ALA B 2530 -63.65 24.74 6.02
CA ALA B 2530 -63.73 24.06 7.30
C ALA B 2530 -64.86 24.61 8.13
N SER B 2531 -65.06 25.93 8.10
CA SER B 2531 -66.23 26.49 8.74
C SER B 2531 -67.51 25.95 8.11
N LEU B 2532 -67.55 25.88 6.78
CA LEU B 2532 -68.76 25.46 6.10
C LEU B 2532 -69.14 24.04 6.49
N HIS B 2533 -68.19 23.13 6.48
CA HIS B 2533 -68.44 21.81 6.99
C HIS B 2533 -68.75 21.91 8.46
N THR B 2534 -69.95 21.49 8.84
CA THR B 2534 -70.31 21.52 10.25
C THR B 2534 -69.37 20.65 11.06
N SER B 2535 -69.01 19.48 10.54
CA SER B 2535 -67.97 18.66 11.12
C SER B 2535 -66.67 18.92 10.35
N ARG B 2536 -65.65 19.38 11.04
CA ARG B 2536 -64.36 19.57 10.39
C ARG B 2536 -63.79 18.24 9.91
N SER B 2537 -64.17 17.14 10.57
CA SER B 2537 -63.83 15.82 10.06
C SER B 2537 -64.48 15.61 8.69
N ALA B 2538 -65.72 16.06 8.54
CA ALA B 2538 -66.38 16.01 7.23
C ALA B 2538 -65.67 16.91 6.24
N TYR B 2539 -65.21 18.09 6.68
CA TYR B 2539 -64.39 18.93 5.82
C TYR B 2539 -63.21 18.15 5.29
N HIS B 2540 -62.44 17.54 6.20
CA HIS B 2540 -61.26 16.80 5.79
C HIS B 2540 -61.63 15.64 4.88
N SER B 2541 -62.71 14.93 5.20
CA SER B 2541 -63.10 13.77 4.41
C SER B 2541 -63.49 14.16 3.00
N HIS B 2542 -64.41 15.12 2.86
CA HIS B 2542 -64.82 15.55 1.53
C HIS B 2542 -63.64 16.13 0.78
N LYS B 2543 -62.78 16.88 1.47
CA LYS B 2543 -61.62 17.45 0.81
C LYS B 2543 -60.72 16.36 0.27
N ASP B 2544 -60.45 15.34 1.09
CA ASP B 2544 -59.63 14.23 0.64
C ASP B 2544 -60.24 13.59 -0.58
N GLN B 2545 -61.53 13.26 -0.51
CA GLN B 2545 -62.17 12.58 -1.63
C GLN B 2545 -62.05 13.41 -2.89
N ALA B 2546 -62.43 14.68 -2.82
CA ALA B 2546 -62.45 15.52 -4.01
C ALA B 2546 -61.06 15.70 -4.59
N LEU B 2547 -60.10 16.12 -3.75
CA LEU B 2547 -58.77 16.44 -4.26
C LEU B 2547 -58.12 15.20 -4.84
N LEU B 2548 -58.23 14.07 -4.14
CA LEU B 2548 -57.65 12.84 -4.64
C LEU B 2548 -58.29 12.41 -5.95
N SER B 2549 -59.61 12.55 -6.06
CA SER B 2549 -60.27 12.18 -7.31
C SER B 2549 -59.79 13.06 -8.44
N LYS B 2550 -59.64 14.35 -8.18
CA LYS B 2550 -59.18 15.26 -9.22
C LYS B 2550 -57.78 14.89 -9.69
N ALA B 2551 -56.86 14.71 -8.73
CA ALA B 2551 -55.50 14.38 -9.10
C ALA B 2551 -55.46 13.06 -9.84
N VAL B 2552 -56.23 12.07 -9.38
CA VAL B 2552 -56.22 10.77 -10.01
C VAL B 2552 -56.72 10.85 -11.44
N GLN B 2553 -57.82 11.60 -11.65
CA GLN B 2553 -58.33 11.73 -13.00
C GLN B 2553 -57.34 12.42 -13.91
N CYS B 2554 -56.70 13.48 -13.42
CA CYS B 2554 -55.70 14.18 -14.22
C CYS B 2554 -54.57 13.25 -14.60
N LEU B 2555 -54.02 12.55 -13.61
CA LEU B 2555 -52.91 11.65 -13.89
C LEU B 2555 -53.34 10.55 -14.84
N ASN B 2556 -54.55 10.00 -14.67
CA ASN B 2556 -54.99 8.90 -15.49
C ASN B 2556 -55.18 9.35 -16.93
N THR B 2557 -55.65 10.58 -17.11
CA THR B 2557 -55.70 11.15 -18.45
C THR B 2557 -54.31 11.24 -19.03
N SER B 2558 -53.36 11.73 -18.23
CA SER B 2558 -51.98 11.84 -18.71
C SER B 2558 -51.39 10.47 -18.98
N SER B 2559 -51.95 9.44 -18.36
CA SER B 2559 -51.39 8.09 -18.46
C SER B 2559 -51.94 7.36 -19.68
N LYS B 2560 -53.26 7.25 -19.79
CA LYS B 2560 -53.85 6.70 -21.00
C LYS B 2560 -53.40 7.50 -22.22
N GLU B 2561 -53.26 8.82 -22.05
CA GLU B 2561 -52.70 9.65 -23.10
C GLU B 2561 -51.25 9.30 -23.41
N GLY B 2562 -50.50 8.87 -22.40
CA GLY B 2562 -49.09 8.59 -22.61
C GLY B 2562 -48.22 9.81 -22.77
N LYS B 2563 -48.78 11.00 -22.53
CA LYS B 2563 -47.96 12.19 -22.54
C LYS B 2563 -47.05 12.21 -21.32
N ASP B 2564 -45.83 12.70 -21.52
CA ASP B 2564 -44.83 12.73 -20.45
C ASP B 2564 -45.33 13.59 -19.32
N LEU B 2565 -45.23 13.08 -18.10
CA LEU B 2565 -45.68 13.83 -16.94
C LEU B 2565 -44.82 15.07 -16.76
N ASP B 2566 -45.47 16.20 -16.56
CA ASP B 2566 -44.73 17.44 -16.33
C ASP B 2566 -43.98 17.33 -15.01
N PRO B 2567 -42.77 17.88 -14.94
CA PRO B 2567 -42.02 17.79 -13.68
C PRO B 2567 -42.79 18.35 -12.51
N GLU B 2568 -43.22 19.61 -12.60
CA GLU B 2568 -43.95 20.21 -11.51
C GLU B 2568 -45.29 19.51 -11.30
N VAL B 2569 -45.81 18.88 -12.35
CA VAL B 2569 -47.05 18.11 -12.17
C VAL B 2569 -46.82 16.97 -11.21
N PHE B 2570 -45.78 16.16 -11.45
CA PHE B 2570 -45.48 15.06 -10.54
C PHE B 2570 -45.14 15.59 -9.17
N GLN B 2571 -44.40 16.69 -9.12
CA GLN B 2571 -44.07 17.26 -7.82
C GLN B 2571 -45.32 17.67 -7.06
N ARG B 2572 -46.25 18.37 -7.71
CA ARG B 2572 -47.44 18.85 -7.04
C ARG B 2572 -48.30 17.69 -6.59
N LEU B 2573 -48.47 16.70 -7.45
CA LEU B 2573 -49.29 15.54 -7.08
C LEU B 2573 -48.70 14.82 -5.89
N VAL B 2574 -47.39 14.57 -5.94
CA VAL B 2574 -46.74 13.85 -4.85
C VAL B 2574 -46.84 14.64 -3.56
N ILE B 2575 -46.68 15.96 -3.64
CA ILE B 2575 -46.80 16.79 -2.46
C ILE B 2575 -48.19 16.68 -1.87
N THR B 2576 -49.22 16.85 -2.71
CA THR B 2576 -50.58 16.85 -2.21
C THR B 2576 -50.93 15.51 -1.59
N ALA B 2577 -50.65 14.42 -2.29
CA ALA B 2577 -50.99 13.10 -1.78
C ALA B 2577 -50.19 12.77 -0.53
N ARG B 2578 -48.91 13.15 -0.51
CA ARG B 2578 -48.12 12.91 0.69
C ARG B 2578 -48.70 13.66 1.87
N SER B 2579 -49.11 14.91 1.66
CA SER B 2579 -49.70 15.69 2.75
C SER B 2579 -50.97 15.03 3.25
N ILE B 2580 -51.83 14.59 2.34
CA ILE B 2580 -53.10 13.98 2.75
C ILE B 2580 -52.85 12.65 3.45
N ALA B 2581 -51.84 11.89 3.00
CA ALA B 2581 -51.52 10.63 3.64
C ALA B 2581 -50.98 10.83 5.04
N ILE B 2582 -50.13 11.85 5.22
CA ILE B 2582 -49.60 12.17 6.54
C ILE B 2582 -50.72 12.62 7.46
N MET B 2583 -51.70 13.34 6.91
CA MET B 2583 -52.83 13.79 7.73
C MET B 2583 -53.74 12.63 8.13
N ARG B 2584 -54.39 12.00 7.15
CA ARG B 2584 -55.40 10.96 7.42
C ARG B 2584 -55.10 9.75 6.55
N PRO B 2585 -54.12 8.94 6.93
CA PRO B 2585 -53.77 7.79 6.09
C PRO B 2585 -54.89 6.78 5.94
N ASN B 2586 -55.75 6.60 6.95
CA ASN B 2586 -56.82 5.62 6.84
C ASN B 2586 -57.81 6.01 5.75
N ASN B 2587 -58.29 7.25 5.79
CA ASN B 2587 -59.17 7.74 4.74
C ASN B 2587 -58.47 7.72 3.40
N LEU B 2588 -57.17 8.01 3.39
CA LEU B 2588 -56.43 7.95 2.13
C LEU B 2588 -56.47 6.55 1.56
N VAL B 2589 -56.31 5.55 2.43
CA VAL B 2589 -56.37 4.16 1.98
C VAL B 2589 -57.75 3.85 1.43
N HIS B 2590 -58.78 4.29 2.14
CA HIS B 2590 -60.14 3.99 1.72
C HIS B 2590 -60.43 4.59 0.35
N PHE B 2591 -60.01 5.82 0.11
CA PHE B 2591 -60.35 6.50 -1.14
C PHE B 2591 -59.46 6.04 -2.28
N THR B 2592 -58.14 6.08 -2.10
CA THR B 2592 -57.22 5.60 -3.12
C THR B 2592 -57.32 4.10 -3.34
N GLU B 2593 -58.05 3.40 -2.47
CA GLU B 2593 -58.31 1.99 -2.63
C GLU B 2593 -59.70 1.71 -3.18
N SER B 2594 -60.65 2.62 -2.97
CA SER B 2594 -61.99 2.42 -3.49
C SER B 2594 -61.96 2.31 -5.01
N LYS B 2595 -62.71 1.34 -5.53
CA LYS B 2595 -62.80 1.13 -6.97
C LYS B 2595 -63.95 1.93 -7.55
N LEU B 2596 -63.64 3.00 -8.27
CA LEU B 2596 -64.68 3.84 -8.87
C LEU B 2596 -65.46 3.09 -9.95
N ASP B 2617 -55.60 -5.10 -10.50
CA ASP B 2617 -55.41 -5.48 -9.10
C ASP B 2617 -55.79 -4.33 -8.17
N CYS B 2618 -55.13 -4.26 -7.01
CA CYS B 2618 -55.49 -3.28 -6.00
C CYS B 2618 -54.54 -2.09 -6.03
N CYS B 2619 -55.14 -0.89 -5.92
CA CYS B 2619 -54.40 0.36 -5.88
C CYS B 2619 -53.48 0.52 -7.09
N SER B 2620 -54.07 0.48 -8.28
CA SER B 2620 -53.27 0.64 -9.48
C SER B 2620 -52.69 2.03 -9.60
N PHE B 2621 -53.24 3.00 -8.86
CA PHE B 2621 -52.64 4.32 -8.81
C PHE B 2621 -51.22 4.25 -8.27
N ILE B 2622 -51.00 3.44 -7.23
CA ILE B 2622 -49.67 3.36 -6.62
C ILE B 2622 -48.65 2.82 -7.62
N THR B 2623 -48.96 1.69 -8.24
CA THR B 2623 -48.00 1.09 -9.16
C THR B 2623 -47.81 1.96 -10.39
N GLN B 2624 -48.88 2.56 -10.89
CA GLN B 2624 -48.73 3.47 -12.02
C GLN B 2624 -47.89 4.67 -11.65
N LEU B 2625 -48.05 5.19 -10.43
CA LEU B 2625 -47.25 6.33 -9.99
C LEU B 2625 -45.79 5.95 -9.92
N VAL B 2626 -45.49 4.76 -9.38
CA VAL B 2626 -44.09 4.33 -9.32
C VAL B 2626 -43.53 4.14 -10.73
N ASN B 2627 -44.32 3.56 -11.63
CA ASN B 2627 -43.89 3.42 -13.01
C ASN B 2627 -43.59 4.79 -13.61
N HIS B 2628 -44.44 5.76 -13.29
CA HIS B 2628 -44.22 7.13 -13.73
C HIS B 2628 -42.91 7.66 -13.19
N PHE B 2629 -42.66 7.42 -11.92
CA PHE B 2629 -41.41 7.89 -11.33
C PHE B 2629 -40.23 7.28 -12.06
N TRP B 2630 -40.32 5.98 -12.35
CA TRP B 2630 -39.22 5.30 -13.02
C TRP B 2630 -38.98 5.89 -14.39
N LYS B 2631 -40.05 6.11 -15.15
CA LYS B 2631 -39.89 6.67 -16.48
C LYS B 2631 -39.31 8.07 -16.42
N LEU B 2632 -39.83 8.90 -15.51
CA LEU B 2632 -39.37 10.28 -15.42
C LEU B 2632 -37.92 10.35 -15.00
N HIS B 2633 -37.52 9.52 -14.02
CA HIS B 2633 -36.12 9.51 -13.63
C HIS B 2633 -35.26 8.98 -14.76
N ALA B 2634 -35.79 8.06 -15.55
CA ALA B 2634 -35.09 7.64 -16.75
C ALA B 2634 -35.01 8.78 -17.76
N SER B 2635 -35.88 9.77 -17.62
CA SER B 2635 -35.91 10.90 -18.53
C SER B 2635 -34.98 12.01 -18.10
N LYS B 2636 -34.22 11.82 -17.04
CA LYS B 2636 -33.40 12.89 -16.49
C LYS B 2636 -32.41 13.41 -17.53
N PRO B 2637 -32.15 14.72 -17.56
CA PRO B 2637 -31.07 15.23 -18.41
C PRO B 2637 -29.73 14.67 -17.96
N LYS B 2638 -29.10 13.90 -18.84
CA LYS B 2638 -27.94 13.09 -18.43
C LYS B 2638 -26.83 13.96 -17.87
N ASN B 2639 -26.16 14.73 -18.71
CA ASN B 2639 -25.20 15.71 -18.24
C ASN B 2639 -25.94 17.02 -18.09
N ALA B 2640 -26.01 17.53 -16.86
CA ALA B 2640 -26.77 18.74 -16.62
C ALA B 2640 -26.22 19.90 -17.42
N PHE B 2641 -24.90 19.93 -17.63
CA PHE B 2641 -24.33 20.96 -18.48
C PHE B 2641 -24.85 20.84 -19.92
N LEU B 2642 -24.75 19.65 -20.49
CA LEU B 2642 -25.20 19.46 -21.87
C LEU B 2642 -26.70 19.32 -21.97
N ALA B 2643 -27.42 19.51 -20.87
CA ALA B 2643 -28.87 19.41 -20.91
C ALA B 2643 -29.43 20.45 -21.87
N PRO B 2644 -30.62 20.23 -22.43
CA PRO B 2644 -31.25 21.29 -23.22
C PRO B 2644 -31.64 22.44 -22.31
N ALA B 2645 -32.26 23.48 -22.86
CA ALA B 2645 -32.45 24.71 -22.09
C ALA B 2645 -33.26 24.50 -20.82
N CYS B 2646 -34.03 23.43 -20.76
CA CYS B 2646 -34.80 23.12 -19.56
C CYS B 2646 -34.03 22.14 -18.68
N LEU B 2647 -34.45 22.03 -17.42
CA LEU B 2647 -33.82 21.12 -16.47
C LEU B 2647 -34.57 19.80 -16.47
N PRO B 2648 -34.26 18.89 -17.38
CA PRO B 2648 -35.06 17.67 -17.50
C PRO B 2648 -34.77 16.69 -16.36
N GLY B 2649 -35.77 15.87 -16.07
CA GLY B 2649 -35.71 14.95 -14.96
C GLY B 2649 -36.01 15.64 -13.65
N LEU B 2650 -36.03 14.82 -12.59
CA LEU B 2650 -36.41 15.31 -11.29
C LEU B 2650 -35.45 16.41 -10.84
N THR B 2651 -35.94 17.27 -9.96
CA THR B 2651 -35.14 18.39 -9.45
C THR B 2651 -34.67 18.14 -8.02
N HIS B 2652 -35.58 18.02 -7.07
CA HIS B 2652 -35.21 17.64 -5.72
C HIS B 2652 -35.43 16.13 -5.63
N ILE B 2653 -34.54 15.37 -6.29
CA ILE B 2653 -34.81 13.97 -6.56
C ILE B 2653 -34.97 13.17 -5.28
N GLU B 2654 -34.01 13.30 -4.37
CA GLU B 2654 -34.04 12.50 -3.17
C GLU B 2654 -35.24 12.85 -2.30
N ALA B 2655 -35.60 14.13 -2.23
CA ALA B 2655 -36.76 14.49 -1.43
C ALA B 2655 -38.02 13.85 -1.99
N THR B 2656 -38.17 13.87 -3.32
CA THR B 2656 -39.31 13.22 -3.94
C THR B 2656 -39.32 11.73 -3.63
N VAL B 2657 -38.14 11.10 -3.67
CA VAL B 2657 -38.08 9.68 -3.34
C VAL B 2657 -38.55 9.44 -1.92
N ASN B 2658 -38.08 10.25 -0.98
CA ASN B 2658 -38.47 10.03 0.41
C ASN B 2658 -39.97 10.20 0.61
N ALA B 2659 -40.56 11.23 0.01
CA ALA B 2659 -41.98 11.45 0.19
C ALA B 2659 -42.80 10.31 -0.43
N LEU B 2660 -42.42 9.89 -1.64
CA LEU B 2660 -43.11 8.77 -2.25
C LEU B 2660 -43.03 7.53 -1.36
N VAL B 2661 -41.87 7.31 -0.73
CA VAL B 2661 -41.75 6.17 0.16
C VAL B 2661 -42.70 6.31 1.33
N ASP B 2662 -42.84 7.50 1.88
CA ASP B 2662 -43.81 7.69 2.96
C ASP B 2662 -45.20 7.28 2.52
N ILE B 2663 -45.61 7.74 1.33
CA ILE B 2663 -46.96 7.44 0.85
C ILE B 2663 -47.14 5.93 0.68
N ILE B 2664 -46.16 5.29 0.04
CA ILE B 2664 -46.30 3.87 -0.26
C ILE B 2664 -46.38 3.06 1.02
N HIS B 2665 -45.51 3.37 1.98
CA HIS B 2665 -45.55 2.62 3.23
C HIS B 2665 -46.86 2.81 3.96
N GLY B 2666 -47.39 4.03 3.98
CA GLY B 2666 -48.66 4.23 4.65
C GLY B 2666 -49.80 3.42 4.02
N TYR B 2667 -49.92 3.49 2.70
CA TYR B 2667 -50.98 2.75 2.04
C TYR B 2667 -50.82 1.26 2.25
N CYS B 2668 -49.59 0.77 2.28
CA CYS B 2668 -49.36 -0.64 2.59
C CYS B 2668 -49.83 -0.96 4.00
N THR B 2669 -49.54 -0.07 4.95
CA THR B 2669 -49.89 -0.34 6.33
C THR B 2669 -51.39 -0.44 6.52
N CYS B 2670 -52.15 0.45 5.89
CA CYS B 2670 -53.59 0.51 6.15
C CYS B 2670 -54.32 -0.72 5.63
N GLU B 2671 -54.01 -1.16 4.41
CA GLU B 2671 -54.59 -2.37 3.87
C GLU B 2671 -53.51 -3.44 3.71
N LEU B 2672 -53.75 -4.59 4.31
CA LEU B 2672 -52.74 -5.64 4.37
C LEU B 2672 -52.55 -6.41 3.08
N ASP B 2673 -53.57 -6.49 2.22
CA ASP B 2673 -53.53 -7.43 1.11
C ASP B 2673 -52.73 -6.88 -0.08
N CYS B 2674 -52.23 -5.65 0.03
CA CYS B 2674 -51.41 -5.09 -1.04
C CYS B 2674 -49.93 -5.41 -0.88
N ILE B 2675 -49.52 -5.94 0.28
CA ILE B 2675 -48.12 -5.98 0.67
C ILE B 2675 -47.28 -6.73 -0.35
N ASN B 2676 -47.77 -7.87 -0.83
CA ASN B 2676 -46.98 -8.68 -1.75
C ASN B 2676 -46.54 -7.88 -2.96
N THR B 2677 -47.32 -6.88 -3.34
CA THR B 2677 -46.86 -5.98 -4.38
C THR B 2677 -45.76 -5.07 -3.87
N ALA B 2678 -46.07 -4.29 -2.82
CA ALA B 2678 -45.22 -3.16 -2.44
C ALA B 2678 -43.78 -3.60 -2.27
N SER B 2679 -43.55 -4.73 -1.59
CA SER B 2679 -42.20 -5.24 -1.41
C SER B 2679 -41.42 -5.15 -2.70
N LYS B 2680 -41.85 -5.87 -3.74
CA LYS B 2680 -41.12 -5.88 -4.99
C LYS B 2680 -40.90 -4.46 -5.50
N ILE B 2681 -41.95 -3.64 -5.47
CA ILE B 2681 -41.81 -2.25 -5.86
C ILE B 2681 -40.64 -1.62 -5.14
N TYR B 2682 -40.70 -1.57 -3.81
CA TYR B 2682 -39.63 -0.94 -3.07
C TYR B 2682 -38.29 -1.58 -3.43
N MET B 2683 -38.29 -2.89 -3.63
CA MET B 2683 -37.03 -3.56 -3.92
C MET B 2683 -36.43 -3.05 -5.23
N GLN B 2684 -37.25 -2.88 -6.26
CA GLN B 2684 -36.71 -2.37 -7.52
C GLN B 2684 -36.07 -1.01 -7.31
N MET B 2685 -36.56 -0.27 -6.31
CA MET B 2685 -35.92 0.99 -5.98
C MET B 2685 -34.69 0.78 -5.11
N LEU B 2686 -34.78 -0.12 -4.13
CA LEU B 2686 -33.66 -0.31 -3.22
C LEU B 2686 -32.53 -1.08 -3.88
N LEU B 2687 -32.59 -1.26 -5.19
CA LEU B 2687 -31.47 -1.78 -5.97
C LEU B 2687 -31.17 -0.91 -7.19
N CYS B 2688 -31.66 0.33 -7.23
CA CYS B 2688 -31.50 1.16 -8.40
C CYS B 2688 -30.03 1.51 -8.62
N PRO B 2689 -29.63 1.84 -9.85
CA PRO B 2689 -28.21 2.10 -10.10
C PRO B 2689 -27.67 3.32 -9.38
N ASP B 2690 -28.23 4.50 -9.59
CA ASP B 2690 -27.61 5.71 -9.05
C ASP B 2690 -27.80 5.75 -7.53
N PRO B 2691 -26.76 6.10 -6.76
CA PRO B 2691 -26.93 6.07 -5.30
C PRO B 2691 -27.98 7.02 -4.80
N ALA B 2692 -28.32 8.03 -5.57
CA ALA B 2692 -29.32 9.01 -5.17
C ALA B 2692 -30.68 8.38 -4.90
N VAL B 2693 -30.98 7.23 -5.52
CA VAL B 2693 -32.22 6.53 -5.30
C VAL B 2693 -32.12 5.58 -4.12
N SER B 2694 -31.14 4.67 -4.17
CA SER B 2694 -31.05 3.62 -3.16
C SER B 2694 -30.75 4.20 -1.78
N PHE B 2695 -29.77 5.09 -1.68
CA PHE B 2695 -29.44 5.61 -0.36
C PHE B 2695 -30.59 6.41 0.23
N SER B 2696 -31.20 7.27 -0.57
CA SER B 2696 -32.32 8.05 -0.08
C SER B 2696 -33.45 7.13 0.36
N CYS B 2697 -33.73 6.09 -0.40
CA CYS B 2697 -34.80 5.17 -0.04
C CYS B 2697 -34.48 4.43 1.25
N LYS B 2698 -33.22 4.03 1.44
CA LYS B 2698 -32.85 3.31 2.66
C LYS B 2698 -33.03 4.20 3.88
N GLN B 2699 -32.53 5.44 3.79
CA GLN B 2699 -32.75 6.37 4.89
C GLN B 2699 -34.24 6.60 5.12
N ALA B 2700 -34.99 6.71 4.04
CA ALA B 2700 -36.42 6.94 4.19
C ALA B 2700 -37.08 5.79 4.94
N LEU B 2701 -36.87 4.56 4.49
CA LEU B 2701 -37.55 3.44 5.12
C LEU B 2701 -37.12 3.30 6.56
N ILE B 2702 -35.83 3.50 6.84
CA ILE B 2702 -35.34 3.40 8.21
C ILE B 2702 -36.04 4.41 9.10
N ARG B 2703 -36.21 5.64 8.60
CA ARG B 2703 -37.00 6.61 9.33
C ARG B 2703 -38.46 6.18 9.40
N VAL B 2704 -38.92 5.43 8.41
CA VAL B 2704 -40.33 5.15 8.26
C VAL B 2704 -40.80 4.14 9.30
N LEU B 2705 -40.30 2.91 9.24
CA LEU B 2705 -40.78 1.91 10.18
C LEU B 2705 -40.32 2.17 11.62
N ARG B 2706 -39.54 3.22 11.85
CA ARG B 2706 -38.98 3.44 13.18
C ARG B 2706 -40.00 4.10 14.10
N PRO B 2707 -39.78 4.04 15.43
CA PRO B 2707 -40.55 4.72 16.49
C PRO B 2707 -39.64 5.30 17.57
N SER B 2967 -50.01 -1.24 16.86
CA SER B 2967 -48.81 -1.63 17.59
C SER B 2967 -48.35 -2.99 17.11
N ASN B 2968 -49.11 -4.02 17.44
CA ASN B 2968 -48.86 -5.33 16.86
C ASN B 2968 -48.92 -5.25 15.34
N ARG B 2969 -49.66 -4.28 14.83
CA ARG B 2969 -49.75 -4.07 13.40
C ARG B 2969 -48.37 -3.75 12.79
N LEU B 2970 -47.64 -2.82 13.40
CA LEU B 2970 -46.34 -2.48 12.85
C LEU B 2970 -45.38 -3.65 12.93
N HIS B 2971 -45.38 -4.39 14.03
CA HIS B 2971 -44.52 -5.56 14.13
C HIS B 2971 -44.87 -6.59 13.06
N MET B 2972 -46.17 -6.80 12.84
CA MET B 2972 -46.60 -7.72 11.79
C MET B 2972 -46.18 -7.25 10.42
N VAL B 2973 -46.28 -5.95 10.15
CA VAL B 2973 -45.80 -5.40 8.89
C VAL B 2973 -44.30 -5.65 8.76
N ARG B 2974 -43.59 -5.51 9.87
CA ARG B 2974 -42.16 -5.80 9.87
C ARG B 2974 -41.90 -7.25 9.48
N LEU B 2975 -42.58 -8.18 10.14
CA LEU B 2975 -42.33 -9.58 9.86
C LEU B 2975 -42.68 -9.93 8.42
N MET B 2976 -43.80 -9.43 7.93
CA MET B 2976 -44.22 -9.73 6.57
C MET B 2976 -43.21 -9.17 5.57
N LEU B 2977 -42.70 -7.98 5.83
CA LEU B 2977 -41.68 -7.43 4.96
C LEU B 2977 -40.42 -8.29 5.00
N LEU B 2978 -40.06 -8.79 6.19
CA LEU B 2978 -38.87 -9.61 6.31
C LEU B 2978 -39.01 -10.87 5.48
N GLU B 2979 -40.19 -11.47 5.49
CA GLU B 2979 -40.44 -12.63 4.64
C GLU B 2979 -40.39 -12.26 3.17
N ARG B 2980 -41.04 -11.16 2.79
CA ARG B 2980 -41.17 -10.83 1.38
C ARG B 2980 -39.81 -10.51 0.76
N LEU B 2981 -39.06 -9.60 1.36
CA LEU B 2981 -37.77 -9.26 0.78
C LEU B 2981 -36.80 -10.41 0.82
N LEU B 2982 -36.90 -11.27 1.83
CA LEU B 2982 -36.00 -12.40 1.90
C LEU B 2982 -36.20 -13.33 0.71
N GLN B 2983 -37.44 -13.46 0.24
CA GLN B 2983 -37.66 -14.28 -0.93
C GLN B 2983 -36.93 -13.74 -2.14
N THR B 2984 -36.90 -12.41 -2.29
CA THR B 2984 -36.21 -11.77 -3.40
C THR B 2984 -34.71 -11.67 -3.18
N LEU B 2985 -34.24 -12.02 -1.99
CA LEU B 2985 -32.80 -12.10 -1.74
C LEU B 2985 -32.03 -12.82 -2.84
N PRO B 2986 -32.59 -13.85 -3.49
CA PRO B 2986 -31.86 -14.48 -4.61
C PRO B 2986 -31.64 -13.55 -5.77
N GLN B 2987 -32.46 -12.51 -5.93
CA GLN B 2987 -32.33 -11.62 -7.07
C GLN B 2987 -31.05 -10.80 -7.04
N LEU B 2988 -30.45 -10.62 -5.86
CA LEU B 2988 -29.19 -9.90 -5.77
C LEU B 2988 -28.02 -10.75 -6.24
N ARG B 2989 -28.29 -11.82 -6.98
CA ARG B 2989 -27.24 -12.72 -7.42
C ARG B 2989 -26.18 -12.00 -8.25
N ASN B 2990 -26.60 -11.01 -9.03
CA ASN B 2990 -25.66 -10.22 -9.81
C ASN B 2990 -25.64 -8.76 -9.38
N VAL B 2991 -26.10 -8.46 -8.17
CA VAL B 2991 -26.32 -7.07 -7.76
C VAL B 2991 -25.05 -6.23 -7.75
N GLY B 2992 -23.93 -6.79 -7.34
CA GLY B 2992 -22.77 -5.94 -7.11
C GLY B 2992 -22.73 -5.41 -5.70
N GLY B 2993 -21.63 -5.69 -5.00
CA GLY B 2993 -21.60 -5.48 -3.57
C GLY B 2993 -21.83 -4.03 -3.19
N VAL B 2994 -21.16 -3.11 -3.88
CA VAL B 2994 -21.38 -1.71 -3.60
C VAL B 2994 -22.83 -1.34 -3.81
N ARG B 2995 -23.49 -1.94 -4.80
CA ARG B 2995 -24.90 -1.68 -5.07
C ARG B 2995 -25.81 -2.63 -4.30
N ALA B 2996 -25.37 -3.14 -3.16
CA ALA B 2996 -26.18 -4.07 -2.39
C ALA B 2996 -26.21 -3.79 -0.89
N ILE B 2997 -25.33 -2.93 -0.36
CA ILE B 2997 -25.31 -2.69 1.09
C ILE B 2997 -26.67 -2.24 1.59
N PRO B 2998 -27.43 -1.44 0.86
CA PRO B 2998 -28.71 -0.98 1.41
C PRO B 2998 -29.62 -2.10 1.82
N TYR B 2999 -29.68 -3.20 1.07
CA TYR B 2999 -30.64 -4.24 1.39
C TYR B 2999 -30.35 -4.79 2.78
N MET B 3000 -29.10 -5.16 3.03
CA MET B 3000 -28.73 -5.67 4.34
C MET B 3000 -28.91 -4.62 5.42
N GLN B 3001 -28.60 -3.35 5.13
CA GLN B 3001 -28.87 -2.31 6.11
C GLN B 3001 -30.34 -2.33 6.48
N VAL B 3002 -31.21 -2.61 5.51
CA VAL B 3002 -32.63 -2.65 5.75
C VAL B 3002 -32.99 -3.88 6.58
N ILE B 3003 -32.39 -5.02 6.28
CA ILE B 3003 -32.72 -6.23 7.02
C ILE B 3003 -32.38 -6.05 8.48
N LEU B 3004 -31.20 -5.51 8.77
CA LEU B 3004 -30.86 -5.22 10.16
C LEU B 3004 -31.80 -4.16 10.73
N MET B 3005 -32.14 -3.16 9.92
CA MET B 3005 -32.96 -2.06 10.41
C MET B 3005 -34.31 -2.56 10.89
N LEU B 3006 -34.91 -3.48 10.14
CA LEU B 3006 -36.12 -4.12 10.61
C LEU B 3006 -35.83 -5.05 11.77
N THR B 3007 -34.66 -5.68 11.78
CA THR B 3007 -34.29 -6.59 12.86
C THR B 3007 -33.99 -5.85 14.15
N THR B 3008 -34.16 -4.54 14.18
CA THR B 3008 -33.75 -3.76 15.35
C THR B 3008 -34.51 -4.17 16.59
N ASP B 3009 -35.82 -4.39 16.46
CA ASP B 3009 -36.65 -4.78 17.60
C ASP B 3009 -37.03 -6.26 17.55
N LEU B 3010 -36.12 -7.10 17.06
CA LEU B 3010 -36.38 -8.53 16.89
C LEU B 3010 -36.43 -9.22 18.24
N ASP B 3011 -37.66 -9.49 18.69
CA ASP B 3011 -37.88 -10.28 19.90
C ASP B 3011 -38.43 -11.64 19.48
N GLY B 3012 -37.57 -12.66 19.50
CA GLY B 3012 -37.94 -13.96 18.96
C GLY B 3012 -38.86 -14.77 19.84
N GLU B 3013 -39.33 -14.19 20.95
CA GLU B 3013 -39.99 -14.94 21.99
C GLU B 3013 -41.22 -15.69 21.50
N ASP B 3014 -42.02 -15.09 20.62
CA ASP B 3014 -43.16 -15.79 20.07
C ASP B 3014 -42.65 -16.99 19.28
N GLU B 3015 -43.38 -18.10 19.35
CA GLU B 3015 -43.06 -19.22 18.47
C GLU B 3015 -42.99 -18.75 17.03
N LYS B 3016 -43.91 -17.85 16.66
CA LYS B 3016 -43.82 -17.23 15.34
C LYS B 3016 -42.55 -16.40 15.20
N ASP B 3017 -42.21 -15.62 16.22
CA ASP B 3017 -41.03 -14.78 16.12
C ASP B 3017 -39.76 -15.62 16.00
N LYS B 3018 -39.67 -16.67 16.82
CA LYS B 3018 -38.55 -17.58 16.69
C LYS B 3018 -38.53 -18.22 15.31
N GLY B 3019 -39.70 -18.58 14.79
CA GLY B 3019 -39.75 -19.10 13.44
C GLY B 3019 -39.22 -18.11 12.44
N ALA B 3020 -39.54 -16.83 12.64
CA ALA B 3020 -39.04 -15.78 11.75
C ALA B 3020 -37.53 -15.76 11.77
N LEU B 3021 -36.95 -15.79 12.98
CA LEU B 3021 -35.50 -15.85 13.10
C LEU B 3021 -34.96 -17.07 12.37
N ASP B 3022 -35.66 -18.18 12.46
CA ASP B 3022 -35.23 -19.40 11.78
C ASP B 3022 -35.19 -19.21 10.28
N ASN B 3023 -36.27 -18.64 9.71
CA ASN B 3023 -36.29 -18.42 8.29
C ASN B 3023 -35.15 -17.50 7.88
N LEU B 3024 -34.92 -16.45 8.65
CA LEU B 3024 -33.84 -15.53 8.32
C LEU B 3024 -32.50 -16.25 8.29
N LEU B 3025 -32.18 -16.95 9.37
CA LEU B 3025 -30.88 -17.58 9.47
C LEU B 3025 -30.71 -18.61 8.36
N SER B 3026 -31.74 -19.42 8.12
CA SER B 3026 -31.64 -20.45 7.11
C SER B 3026 -31.42 -19.86 5.73
N GLN B 3027 -32.19 -18.82 5.39
CA GLN B 3027 -32.05 -18.20 4.08
C GLN B 3027 -30.65 -17.63 3.91
N LEU B 3028 -30.16 -16.93 4.94
CA LEU B 3028 -28.83 -16.34 4.82
C LEU B 3028 -27.77 -17.42 4.65
N ILE B 3029 -27.85 -18.47 5.46
CA ILE B 3029 -26.82 -19.52 5.41
C ILE B 3029 -26.79 -20.14 4.04
N ALA B 3030 -27.97 -20.47 3.50
CA ALA B 3030 -28.02 -21.03 2.16
C ALA B 3030 -27.48 -20.06 1.14
N GLU B 3031 -27.72 -18.76 1.36
CA GLU B 3031 -27.16 -17.77 0.45
C GLU B 3031 -25.64 -17.83 0.43
N LEU B 3032 -25.04 -17.97 1.61
CA LEU B 3032 -23.58 -18.08 1.66
C LEU B 3032 -23.12 -19.40 1.07
N GLY B 3033 -23.86 -20.48 1.31
CA GLY B 3033 -23.48 -21.77 0.76
C GLY B 3033 -22.25 -22.35 1.42
N MET B 3034 -22.39 -22.82 2.66
CA MET B 3034 -21.25 -23.25 3.44
C MET B 3034 -20.67 -24.60 3.01
N ASP B 3035 -21.27 -25.27 2.02
CA ASP B 3035 -20.78 -26.58 1.62
C ASP B 3035 -20.43 -26.70 0.13
N LYS B 3036 -19.77 -25.69 -0.46
CA LYS B 3036 -19.48 -25.72 -1.89
C LYS B 3036 -18.44 -26.76 -2.27
N LYS B 3037 -17.36 -26.85 -1.49
CA LYS B 3037 -16.27 -27.81 -1.62
C LYS B 3037 -15.40 -27.59 -2.85
N ASP B 3038 -15.79 -26.72 -3.78
CA ASP B 3038 -14.86 -26.17 -4.77
C ASP B 3038 -14.60 -24.71 -4.39
N VAL B 3039 -13.86 -24.52 -3.30
CA VAL B 3039 -13.70 -23.21 -2.71
C VAL B 3039 -12.57 -22.42 -3.32
N SER B 3040 -11.76 -23.05 -4.18
CA SER B 3040 -10.63 -22.35 -4.78
C SER B 3040 -11.06 -21.20 -5.67
N LYS B 3041 -12.32 -21.14 -6.06
CA LYS B 3041 -12.80 -20.02 -6.85
C LYS B 3041 -12.87 -18.73 -6.06
N LYS B 3042 -12.73 -18.80 -4.74
CA LYS B 3042 -12.82 -17.61 -3.90
C LYS B 3042 -11.64 -16.68 -4.06
N ASN B 3043 -10.53 -17.16 -4.62
CA ASN B 3043 -9.29 -16.38 -4.63
C ASN B 3043 -9.46 -15.08 -5.41
N GLU B 3044 -10.05 -15.15 -6.60
CA GLU B 3044 -10.23 -13.92 -7.36
C GLU B 3044 -11.35 -13.08 -6.75
N ARG B 3045 -11.44 -11.85 -7.23
CA ARG B 3045 -12.52 -10.94 -6.87
C ARG B 3045 -13.70 -11.21 -7.78
N SER B 3046 -14.78 -11.75 -7.21
CA SER B 3046 -15.94 -12.14 -7.97
C SER B 3046 -17.14 -11.34 -7.48
N ALA B 3047 -18.06 -11.06 -8.39
CA ALA B 3047 -19.25 -10.31 -8.02
C ALA B 3047 -20.05 -11.05 -6.95
N LEU B 3048 -20.35 -12.33 -7.21
CA LEU B 3048 -21.00 -13.13 -6.19
C LEU B 3048 -20.12 -13.24 -4.95
N ASN B 3049 -18.80 -13.21 -5.14
CA ASN B 3049 -17.89 -13.20 -3.99
C ASN B 3049 -18.07 -11.92 -3.17
N GLU B 3050 -18.12 -10.77 -3.84
CA GLU B 3050 -18.29 -9.51 -3.13
C GLU B 3050 -19.61 -9.50 -2.37
N VAL B 3051 -20.68 -9.94 -3.02
CA VAL B 3051 -21.95 -10.02 -2.33
C VAL B 3051 -21.86 -10.96 -1.15
N HIS B 3052 -21.17 -12.09 -1.32
CA HIS B 3052 -21.05 -13.04 -0.24
C HIS B 3052 -20.35 -12.42 0.96
N LEU B 3053 -19.28 -11.67 0.70
CA LEU B 3053 -18.56 -11.02 1.79
C LEU B 3053 -19.45 -10.02 2.50
N VAL B 3054 -20.26 -9.28 1.73
CA VAL B 3054 -21.19 -8.35 2.37
C VAL B 3054 -22.16 -9.12 3.27
N VAL B 3055 -22.69 -10.23 2.79
CA VAL B 3055 -23.61 -11.03 3.59
C VAL B 3055 -22.92 -11.51 4.85
N MET B 3056 -21.65 -11.90 4.73
CA MET B 3056 -20.92 -12.33 5.89
C MET B 3056 -20.79 -11.21 6.91
N ARG B 3057 -20.45 -10.01 6.47
CA ARG B 3057 -20.35 -8.91 7.40
C ARG B 3057 -21.70 -8.66 8.06
N LEU B 3058 -22.78 -8.90 7.32
CA LEU B 3058 -24.10 -8.80 7.94
C LEU B 3058 -24.24 -9.80 9.07
N LEU B 3059 -23.96 -11.06 8.79
CA LEU B 3059 -24.09 -12.08 9.82
C LEU B 3059 -23.18 -11.75 11.00
N SER B 3060 -22.08 -11.07 10.72
CA SER B 3060 -21.16 -10.71 11.79
C SER B 3060 -21.73 -9.60 12.65
N VAL B 3061 -22.36 -8.61 12.04
CA VAL B 3061 -23.02 -7.57 12.82
C VAL B 3061 -24.17 -8.18 13.61
N PHE B 3062 -24.66 -9.32 13.14
CA PHE B 3062 -25.67 -10.04 13.91
C PHE B 3062 -25.05 -10.71 15.14
N MET B 3063 -24.03 -11.53 14.93
CA MET B 3063 -23.44 -12.27 16.04
C MET B 3063 -22.81 -11.35 17.06
N SER B 3064 -22.16 -10.28 16.59
CA SER B 3064 -21.55 -9.31 17.49
C SER B 3064 -22.57 -8.42 18.19
N ARG B 3065 -23.85 -8.52 17.80
CA ARG B 3065 -24.89 -7.76 18.47
C ARG B 3065 -25.11 -8.33 19.86
N THR B 3066 -24.91 -7.49 20.87
CA THR B 3066 -25.02 -7.89 22.27
C THR B 3066 -26.16 -7.15 22.93
N LYS B 3067 -27.25 -7.86 23.20
CA LYS B 3067 -28.38 -7.30 23.93
C LYS B 3067 -28.02 -7.26 25.41
N SER B 3068 -27.25 -6.25 25.81
CA SER B 3068 -26.81 -6.12 27.18
C SER B 3068 -28.02 -5.92 28.08
N GLY B 3069 -28.08 -6.70 29.16
CA GLY B 3069 -29.27 -6.74 30.00
C GLY B 3069 -29.15 -5.86 31.23
N SER B 3070 -29.77 -6.34 32.31
CA SER B 3070 -29.84 -5.64 33.57
C SER B 3070 -28.59 -5.90 34.40
N LYS B 3071 -28.65 -5.53 35.68
CA LYS B 3071 -27.54 -5.69 36.60
C LYS B 3071 -27.31 -7.13 37.01
N SER B 3072 -28.24 -8.03 36.70
CA SER B 3072 -28.12 -9.41 37.15
C SER B 3072 -26.90 -10.08 36.54
N SER B 3073 -26.23 -10.91 37.36
CA SER B 3073 -25.01 -11.58 36.95
C SER B 3073 -25.27 -12.90 36.23
N ILE B 3074 -26.52 -13.22 35.93
CA ILE B 3074 -26.83 -14.42 35.18
C ILE B 3074 -26.22 -14.33 33.79
N CYS B 3075 -25.60 -15.41 33.34
CA CYS B 3075 -24.91 -15.44 32.06
C CYS B 3075 -25.85 -15.72 30.89
N GLU B 3076 -27.15 -15.43 31.01
CA GLU B 3076 -28.13 -15.74 29.97
C GLU B 3076 -28.82 -14.51 29.38
N SER B 3077 -28.37 -13.29 29.72
CA SER B 3077 -28.92 -12.07 29.12
C SER B 3077 -28.24 -11.76 27.79
N SER B 3078 -28.13 -12.77 26.93
CA SER B 3078 -27.49 -12.60 25.64
C SER B 3078 -28.53 -12.24 24.59
N SER B 3079 -28.07 -11.59 23.53
CA SER B 3079 -28.95 -11.28 22.42
C SER B 3079 -29.49 -12.58 21.85
N LEU B 3080 -30.81 -12.69 21.79
CA LEU B 3080 -31.40 -13.86 21.16
C LEU B 3080 -30.91 -14.00 19.73
N ILE B 3081 -30.74 -12.88 19.03
CA ILE B 3081 -30.16 -12.93 17.70
C ILE B 3081 -28.76 -13.52 17.76
N SER B 3082 -27.98 -13.12 18.76
CA SER B 3082 -26.64 -13.65 18.90
C SER B 3082 -26.66 -15.15 19.18
N SER B 3083 -27.51 -15.59 20.10
CA SER B 3083 -27.59 -17.01 20.39
C SER B 3083 -27.95 -17.78 19.14
N ALA B 3084 -28.92 -17.26 18.38
CA ALA B 3084 -29.36 -17.95 17.17
C ALA B 3084 -28.25 -17.99 16.12
N THR B 3085 -27.55 -16.88 15.92
CA THR B 3085 -26.47 -16.87 14.94
C THR B 3085 -25.43 -17.89 15.31
N ALA B 3086 -25.07 -17.96 16.59
CA ALA B 3086 -24.15 -18.97 17.05
C ALA B 3086 -24.65 -20.36 16.71
N ALA B 3087 -25.89 -20.65 17.09
CA ALA B 3087 -26.41 -21.99 16.88
C ALA B 3087 -26.41 -22.36 15.41
N ALA B 3088 -26.85 -21.44 14.56
CA ALA B 3088 -26.97 -21.74 13.14
C ALA B 3088 -25.60 -21.92 12.51
N LEU B 3089 -24.64 -21.07 12.84
CA LEU B 3089 -23.32 -21.20 12.25
C LEU B 3089 -22.64 -22.48 12.72
N LEU B 3090 -22.86 -22.86 13.98
CA LEU B 3090 -22.33 -24.13 14.45
C LEU B 3090 -22.97 -25.29 13.71
N SER B 3091 -24.29 -25.20 13.46
CA SER B 3091 -24.98 -26.25 12.74
C SER B 3091 -24.51 -26.33 11.30
N SER B 3092 -24.11 -25.20 10.72
CA SER B 3092 -23.72 -25.16 9.31
C SER B 3092 -22.28 -25.59 9.10
N GLY B 3093 -21.53 -25.84 10.17
CA GLY B 3093 -20.15 -26.22 10.00
C GLY B 3093 -19.30 -25.08 9.46
N ALA B 3094 -19.46 -23.91 10.06
CA ALA B 3094 -18.71 -22.72 9.64
C ALA B 3094 -17.21 -22.86 9.84
N VAL B 3095 -16.80 -23.66 10.82
CA VAL B 3095 -15.37 -23.82 11.08
C VAL B 3095 -14.67 -24.40 9.86
N ASP B 3096 -15.20 -25.50 9.33
CA ASP B 3096 -14.54 -26.13 8.19
C ASP B 3096 -14.53 -25.22 6.98
N TYR B 3097 -15.64 -24.52 6.73
CA TYR B 3097 -15.66 -23.59 5.61
C TYR B 3097 -14.59 -22.53 5.78
N CYS B 3098 -14.48 -21.98 6.98
CA CYS B 3098 -13.46 -20.96 7.23
C CYS B 3098 -12.08 -21.53 6.97
N LEU B 3099 -11.84 -22.76 7.43
CA LEU B 3099 -10.50 -23.33 7.34
C LEU B 3099 -10.14 -23.62 5.88
N HIS B 3100 -11.10 -24.15 5.13
CA HIS B 3100 -10.87 -24.38 3.71
C HIS B 3100 -10.61 -23.07 2.99
N VAL B 3101 -11.31 -22.01 3.41
CA VAL B 3101 -11.05 -20.69 2.84
C VAL B 3101 -9.62 -20.25 3.13
N LEU B 3102 -9.19 -20.39 4.38
CA LEU B 3102 -7.86 -19.93 4.75
C LEU B 3102 -6.80 -20.68 3.98
N LYS B 3103 -6.92 -22.00 3.91
CA LYS B 3103 -5.96 -22.78 3.16
C LYS B 3103 -5.97 -22.34 1.70
N SER B 3104 -7.17 -22.12 1.14
CA SER B 3104 -7.24 -21.70 -0.25
C SER B 3104 -6.58 -20.35 -0.45
N LEU B 3105 -6.63 -19.49 0.56
CA LEU B 3105 -6.01 -18.19 0.48
C LEU B 3105 -4.51 -18.24 0.73
N LEU B 3106 -4.01 -19.37 1.22
CA LEU B 3106 -2.57 -19.51 1.40
C LEU B 3106 -1.83 -19.27 0.09
N GLU B 3107 -2.41 -19.70 -1.04
CA GLU B 3107 -1.75 -19.49 -2.31
C GLU B 3107 -1.57 -18.01 -2.61
N TYR B 3108 -2.65 -17.23 -2.54
CA TYR B 3108 -2.53 -15.80 -2.80
C TYR B 3108 -1.62 -15.15 -1.77
N TRP B 3109 -1.67 -15.62 -0.53
CA TRP B 3109 -0.83 -15.03 0.51
C TRP B 3109 0.64 -15.23 0.18
N LYS B 3110 1.01 -16.41 -0.30
CA LYS B 3110 2.38 -16.62 -0.75
C LYS B 3110 2.70 -15.81 -1.99
N SER B 3111 1.72 -15.59 -2.86
CA SER B 3111 1.98 -14.92 -4.12
C SER B 3111 2.17 -13.42 -3.95
N GLN B 3112 1.53 -12.82 -2.94
CA GLN B 3112 1.52 -11.37 -2.80
C GLN B 3112 2.93 -10.80 -2.63
N GLN B 3113 3.87 -11.61 -2.15
CA GLN B 3113 5.25 -11.16 -2.05
C GLN B 3113 6.04 -11.56 -3.29
N SER B 3132 -20.12 14.11 -2.28
CA SER B 3132 -20.28 13.68 -0.89
C SER B 3132 -20.10 12.18 -0.77
N PRO B 3133 -19.66 11.71 0.40
CA PRO B 3133 -19.51 10.28 0.60
C PRO B 3133 -20.79 9.68 1.15
N PRO B 3134 -21.34 8.65 0.52
CA PRO B 3134 -22.52 7.98 1.07
C PRO B 3134 -22.20 7.37 2.41
N ASP B 3135 -23.16 7.44 3.33
CA ASP B 3135 -22.93 6.97 4.69
C ASP B 3135 -23.04 5.46 4.74
N MET B 3136 -22.09 4.76 4.14
CA MET B 3136 -22.17 3.32 3.98
C MET B 3136 -21.94 2.59 5.28
N SER B 3137 -22.08 3.29 6.41
CA SER B 3137 -22.12 2.62 7.68
C SER B 3137 -23.35 1.72 7.74
N PRO B 3138 -23.32 0.66 8.55
CA PRO B 3138 -22.22 0.19 9.40
C PRO B 3138 -21.45 -0.94 8.76
N PHE B 3139 -21.84 -1.39 7.57
CA PHE B 3139 -21.19 -2.54 6.97
C PHE B 3139 -19.73 -2.24 6.66
N PHE B 3140 -19.47 -1.13 5.97
CA PHE B 3140 -18.10 -0.69 5.72
C PHE B 3140 -17.95 0.69 6.31
N LEU B 3141 -17.06 0.82 7.29
CA LEU B 3141 -17.11 1.95 8.20
C LEU B 3141 -16.87 3.28 7.48
N ARG B 3142 -17.28 4.37 8.13
CA ARG B 3142 -17.18 5.69 7.53
C ARG B 3142 -15.74 6.11 7.32
N GLN B 3143 -14.87 5.82 8.29
CA GLN B 3143 -13.46 6.20 8.15
C GLN B 3143 -12.82 5.51 6.96
N TYR B 3144 -12.95 4.18 6.88
CA TYR B 3144 -12.40 3.45 5.73
C TYR B 3144 -13.02 3.95 4.44
N VAL B 3145 -14.28 4.41 4.50
CA VAL B 3145 -14.88 5.04 3.33
C VAL B 3145 -14.11 6.29 2.95
N LYS B 3146 -13.81 7.12 3.94
CA LYS B 3146 -13.03 8.32 3.69
C LYS B 3146 -11.66 7.98 3.13
N GLY B 3147 -11.09 6.86 3.53
CA GLY B 3147 -9.72 6.54 3.16
C GLY B 3147 -9.58 5.82 1.83
N HIS B 3148 -10.59 5.04 1.46
CA HIS B 3148 -10.51 4.26 0.23
C HIS B 3148 -11.80 4.45 -0.55
N ALA B 3149 -12.19 5.71 -0.72
CA ALA B 3149 -13.45 6.01 -1.41
C ALA B 3149 -13.48 5.51 -2.84
N ALA B 3150 -12.39 4.96 -3.37
CA ALA B 3150 -12.44 4.42 -4.72
C ALA B 3150 -13.46 3.30 -4.84
N ASP B 3151 -13.35 2.30 -3.98
CA ASP B 3151 -14.31 1.19 -3.99
C ASP B 3151 -14.20 0.48 -2.66
N VAL B 3152 -15.26 0.56 -1.85
CA VAL B 3152 -15.24 -0.01 -0.51
C VAL B 3152 -15.49 -1.51 -0.61
N PHE B 3153 -15.51 -2.02 -1.84
CA PHE B 3153 -15.41 -3.44 -2.11
C PHE B 3153 -14.21 -3.76 -2.99
N GLU B 3154 -13.12 -2.99 -2.87
CA GLU B 3154 -11.97 -3.20 -3.74
C GLU B 3154 -10.91 -4.08 -3.07
N ALA B 3155 -10.73 -3.95 -1.76
CA ALA B 3155 -9.66 -4.67 -1.07
C ALA B 3155 -10.13 -6.09 -0.70
N TYR B 3156 -10.29 -6.90 -1.73
CA TYR B 3156 -10.97 -8.18 -1.56
C TYR B 3156 -10.18 -9.11 -0.65
N THR B 3157 -8.91 -9.33 -0.94
CA THR B 3157 -8.19 -10.37 -0.21
C THR B 3157 -8.08 -10.04 1.26
N GLN B 3158 -7.72 -8.79 1.58
CA GLN B 3158 -7.54 -8.43 2.98
C GLN B 3158 -8.85 -8.49 3.75
N LEU B 3159 -9.93 -7.97 3.16
CA LEU B 3159 -11.21 -8.00 3.85
C LEU B 3159 -11.70 -9.43 4.06
N LEU B 3160 -11.52 -10.27 3.04
CA LEU B 3160 -11.92 -11.67 3.20
C LEU B 3160 -11.13 -12.34 4.29
N THR B 3161 -9.82 -12.09 4.35
CA THR B 3161 -9.02 -12.66 5.42
C THR B 3161 -9.50 -12.19 6.78
N GLU B 3162 -9.74 -10.88 6.90
CA GLU B 3162 -10.21 -10.34 8.17
C GLU B 3162 -11.50 -10.99 8.60
N MET B 3163 -12.46 -11.14 7.68
CA MET B 3163 -13.72 -11.78 8.04
C MET B 3163 -13.50 -13.24 8.41
N VAL B 3164 -12.84 -14.00 7.53
CA VAL B 3164 -12.69 -15.42 7.75
C VAL B 3164 -12.02 -15.68 9.07
N LEU B 3165 -11.30 -14.69 9.59
CA LEU B 3165 -10.85 -14.81 10.97
C LEU B 3165 -11.92 -14.38 11.96
N ARG B 3166 -12.38 -13.14 11.88
CA ARG B 3166 -13.11 -12.53 12.99
C ARG B 3166 -14.46 -13.17 13.21
N LEU B 3167 -14.89 -14.02 12.29
CA LEU B 3167 -16.10 -14.80 12.55
C LEU B 3167 -15.85 -15.88 13.59
N PRO B 3168 -14.94 -16.82 13.40
CA PRO B 3168 -14.88 -17.96 14.31
C PRO B 3168 -14.63 -17.55 15.74
N TYR B 3169 -13.93 -16.44 15.97
CA TYR B 3169 -13.69 -16.01 17.35
C TYR B 3169 -14.99 -15.71 18.07
N GLN B 3170 -15.85 -14.89 17.46
CA GLN B 3170 -17.13 -14.59 18.09
C GLN B 3170 -17.99 -15.83 18.19
N ILE B 3171 -17.95 -16.69 17.16
CA ILE B 3171 -18.66 -17.95 17.25
C ILE B 3171 -18.24 -18.70 18.50
N LYS B 3172 -16.94 -18.71 18.77
CA LYS B 3172 -16.43 -19.36 19.97
C LYS B 3172 -16.89 -18.64 21.22
N LYS B 3173 -16.96 -17.31 21.15
CA LYS B 3173 -17.40 -16.56 22.31
C LYS B 3173 -18.75 -17.07 22.77
N ILE B 3174 -19.70 -17.12 21.85
CA ILE B 3174 -21.01 -17.63 22.20
C ILE B 3174 -20.93 -19.11 22.56
N THR B 3175 -20.14 -19.88 21.82
CA THR B 3175 -20.12 -21.33 22.02
C THR B 3175 -19.66 -21.70 23.41
N ASP B 3176 -18.56 -21.12 23.86
CA ASP B 3176 -18.12 -21.33 25.23
C ASP B 3176 -19.13 -20.74 26.21
N THR B 3177 -19.63 -19.55 25.94
CA THR B 3177 -20.50 -18.89 26.90
C THR B 3177 -21.78 -19.67 27.15
N ASN B 3178 -22.19 -20.52 26.22
CA ASN B 3178 -23.46 -21.24 26.31
C ASN B 3178 -23.24 -22.48 27.16
N SER B 3179 -23.97 -22.58 28.26
CA SER B 3179 -23.83 -23.73 29.13
C SER B 3179 -24.22 -25.02 28.42
N ARG B 3180 -25.32 -25.00 27.69
CA ARG B 3180 -25.83 -26.25 27.11
C ARG B 3180 -24.90 -26.75 26.00
N ILE B 3181 -24.51 -25.88 25.08
CA ILE B 3181 -23.83 -26.33 23.87
C ILE B 3181 -22.47 -26.90 24.22
N PRO B 3182 -22.17 -28.14 23.82
CA PRO B 3182 -20.81 -28.63 23.96
C PRO B 3182 -19.85 -27.81 23.11
N PRO B 3183 -18.60 -27.66 23.53
CA PRO B 3183 -17.71 -26.74 22.84
C PRO B 3183 -17.44 -27.19 21.42
N PRO B 3184 -17.04 -26.30 20.54
CA PRO B 3184 -16.63 -26.71 19.20
C PRO B 3184 -15.28 -27.42 19.23
N VAL B 3185 -15.04 -28.21 18.21
CA VAL B 3185 -13.77 -28.90 18.09
C VAL B 3185 -13.16 -28.63 16.72
N PHE B 3186 -12.01 -27.95 16.71
CA PHE B 3186 -11.22 -27.80 15.50
C PHE B 3186 -9.94 -28.58 15.71
N ASP B 3187 -9.53 -29.32 14.71
CA ASP B 3187 -8.39 -30.23 14.82
C ASP B 3187 -7.09 -29.44 14.85
N HIS B 3188 -5.98 -30.16 15.08
CA HIS B 3188 -4.67 -29.52 15.20
C HIS B 3188 -4.27 -28.81 13.92
N SER B 3189 -4.91 -29.13 12.79
CA SER B 3189 -4.69 -28.34 11.59
C SER B 3189 -4.97 -26.88 11.85
N TRP B 3190 -5.86 -26.58 12.81
CA TRP B 3190 -6.10 -25.20 13.20
C TRP B 3190 -4.84 -24.56 13.74
N PHE B 3191 -4.16 -25.22 14.69
CA PHE B 3191 -2.94 -24.67 15.23
C PHE B 3191 -1.88 -24.53 14.14
N TYR B 3192 -1.68 -25.58 13.34
CA TYR B 3192 -0.63 -25.54 12.33
C TYR B 3192 -0.88 -24.42 11.34
N PHE B 3193 -2.11 -24.30 10.86
CA PHE B 3193 -2.42 -23.34 9.81
C PHE B 3193 -2.42 -21.91 10.35
N LEU B 3194 -2.99 -21.69 11.52
CA LEU B 3194 -2.98 -20.34 12.08
C LEU B 3194 -1.56 -19.87 12.41
N SER B 3195 -0.72 -20.77 12.95
CA SER B 3195 0.67 -20.40 13.15
C SER B 3195 1.36 -20.10 11.84
N GLU B 3196 1.10 -20.89 10.80
CA GLU B 3196 1.66 -20.60 9.49
C GLU B 3196 1.24 -19.22 9.03
N TYR B 3197 0.00 -18.85 9.33
CA TYR B 3197 -0.46 -17.51 9.00
C TYR B 3197 0.31 -16.44 9.76
N LEU B 3198 0.62 -16.69 11.03
CA LEU B 3198 1.28 -15.68 11.82
C LEU B 3198 2.66 -15.35 11.27
N MET B 3199 3.44 -16.35 10.92
CA MET B 3199 4.81 -16.12 10.49
C MET B 3199 4.88 -15.37 9.16
N ILE B 3200 4.00 -15.69 8.21
CA ILE B 3200 3.89 -14.85 7.03
C ILE B 3200 3.50 -13.46 7.48
N GLN B 3201 4.19 -12.45 6.98
CA GLN B 3201 4.00 -11.09 7.49
C GLN B 3201 2.60 -10.59 7.15
N GLN B 3202 2.04 -9.77 8.03
CA GLN B 3202 0.78 -9.09 7.76
C GLN B 3202 0.70 -7.85 8.65
N THR B 3203 -0.19 -6.92 8.28
CA THR B 3203 -0.30 -5.66 8.97
C THR B 3203 -0.80 -5.87 10.40
N PRO B 3204 -0.91 -4.79 11.18
CA PRO B 3204 -1.26 -4.95 12.60
C PRO B 3204 -2.60 -5.64 12.84
N PHE B 3205 -3.61 -5.37 12.01
CA PHE B 3205 -4.93 -5.95 12.25
C PHE B 3205 -4.90 -7.46 12.14
N VAL B 3206 -4.36 -7.96 11.02
CA VAL B 3206 -4.31 -9.40 10.80
C VAL B 3206 -3.52 -10.05 11.92
N ARG B 3207 -2.39 -9.46 12.29
CA ARG B 3207 -1.57 -10.06 13.33
C ARG B 3207 -2.34 -10.15 14.64
N ARG B 3208 -2.96 -9.05 15.06
CA ARG B 3208 -3.64 -9.04 16.35
C ARG B 3208 -4.77 -10.06 16.37
N GLN B 3209 -5.55 -10.11 15.29
CA GLN B 3209 -6.63 -11.09 15.23
C GLN B 3209 -6.08 -12.50 15.33
N VAL B 3210 -5.04 -12.81 14.56
CA VAL B 3210 -4.53 -14.17 14.54
C VAL B 3210 -4.03 -14.56 15.90
N ARG B 3211 -3.34 -13.66 16.57
CA ARG B 3211 -2.82 -13.98 17.90
C ARG B 3211 -3.96 -14.28 18.86
N LYS B 3212 -5.00 -13.45 18.87
CA LYS B 3212 -6.11 -13.72 19.77
C LYS B 3212 -6.72 -15.07 19.45
N LEU B 3213 -6.84 -15.39 18.16
CA LEU B 3213 -7.40 -16.66 17.76
C LEU B 3213 -6.59 -17.84 18.29
N LEU B 3214 -5.29 -17.85 18.07
CA LEU B 3214 -4.48 -18.98 18.53
C LEU B 3214 -4.53 -19.08 20.04
N LEU B 3215 -4.43 -17.94 20.73
CA LEU B 3215 -4.42 -17.97 22.18
C LEU B 3215 -5.71 -18.54 22.74
N PHE B 3216 -6.85 -18.13 22.20
CA PHE B 3216 -8.11 -18.69 22.64
C PHE B 3216 -8.18 -20.17 22.30
N ILE B 3217 -7.68 -20.54 21.12
CA ILE B 3217 -7.79 -21.91 20.65
C ILE B 3217 -6.94 -22.84 21.52
N CYS B 3218 -5.74 -22.41 21.88
CA CYS B 3218 -4.82 -23.33 22.53
C CYS B 3218 -4.88 -23.19 24.05
N GLY B 3219 -5.81 -22.39 24.56
CA GLY B 3219 -6.09 -22.41 25.98
C GLY B 3219 -5.07 -21.71 26.88
N SER B 3220 -3.87 -22.26 26.98
CA SER B 3220 -2.93 -21.83 28.01
C SER B 3220 -1.76 -21.11 27.35
N LYS B 3221 -1.43 -19.95 27.92
CA LYS B 3221 -0.40 -19.09 27.33
C LYS B 3221 0.93 -19.80 27.24
N GLU B 3222 1.21 -20.67 28.21
CA GLU B 3222 2.39 -21.51 28.10
C GLU B 3222 2.33 -22.34 26.83
N LYS B 3223 1.21 -23.01 26.60
CA LYS B 3223 1.02 -23.72 25.36
C LYS B 3223 1.12 -22.78 24.17
N TYR B 3224 0.63 -21.55 24.31
CA TYR B 3224 0.68 -20.61 23.20
C TYR B 3224 2.10 -20.34 22.77
N ARG B 3225 2.89 -19.77 23.68
CA ARG B 3225 4.26 -19.43 23.35
C ARG B 3225 5.05 -20.65 22.95
N GLN B 3226 4.80 -21.78 23.63
CA GLN B 3226 5.52 -23.00 23.30
C GLN B 3226 5.23 -23.44 21.87
N LEU B 3227 3.96 -23.39 21.47
CA LEU B 3227 3.59 -23.86 20.14
C LEU B 3227 4.14 -22.95 19.06
N ARG B 3228 4.00 -21.62 19.25
CA ARG B 3228 4.57 -20.70 18.28
C ARG B 3228 6.10 -20.86 18.21
N ASP B 3229 6.73 -21.09 19.36
CA ASP B 3229 8.17 -21.28 19.38
C ASP B 3229 8.56 -22.51 18.60
N LEU B 3230 7.86 -23.61 18.82
CA LEU B 3230 8.18 -24.83 18.11
C LEU B 3230 8.01 -24.65 16.61
N HIS B 3231 6.98 -23.90 16.21
CA HIS B 3231 6.83 -23.59 14.80
C HIS B 3231 8.03 -22.81 14.29
N THR B 3232 8.43 -21.78 15.04
CA THR B 3232 9.56 -20.97 14.61
C THR B 3232 10.79 -21.84 14.41
N LEU B 3233 11.06 -22.71 15.38
CA LEU B 3233 12.23 -23.58 15.29
C LEU B 3233 12.14 -24.52 14.11
N ASP B 3234 10.95 -25.08 13.87
CA ASP B 3234 10.82 -26.02 12.76
C ASP B 3234 11.11 -25.32 11.44
N SER B 3235 10.58 -24.12 11.28
CA SER B 3235 10.84 -23.37 10.06
C SER B 3235 12.32 -23.08 9.92
N HIS B 3236 12.95 -22.64 11.02
CA HIS B 3236 14.34 -22.24 10.92
C HIS B 3236 15.23 -23.43 10.58
N VAL B 3237 15.01 -24.56 11.23
CA VAL B 3237 15.81 -25.74 10.93
C VAL B 3237 15.61 -26.17 9.49
N ARG B 3238 14.36 -26.19 9.01
CA ARG B 3238 14.11 -26.57 7.63
C ARG B 3238 14.86 -25.63 6.69
N GLY B 3239 14.80 -24.33 6.98
CA GLY B 3239 15.46 -23.37 6.14
C GLY B 3239 16.97 -23.57 6.08
N ILE B 3240 17.57 -23.81 7.24
CA ILE B 3240 19.01 -24.01 7.28
C ILE B 3240 19.38 -25.26 6.48
N LYS B 3241 18.61 -26.34 6.66
CA LYS B 3241 18.93 -27.59 5.97
C LYS B 3241 18.82 -27.44 4.47
N LYS B 3242 17.80 -26.73 4.00
CA LYS B 3242 17.67 -26.49 2.57
C LYS B 3242 18.77 -25.57 2.05
N LEU B 3243 19.15 -24.57 2.84
CA LEU B 3243 20.24 -23.69 2.43
C LEU B 3243 21.51 -24.49 2.20
N LEU B 3244 21.88 -25.33 3.17
CA LEU B 3244 23.07 -26.15 2.99
C LEU B 3244 22.91 -27.13 1.84
N GLU B 3245 21.70 -27.70 1.68
CA GLU B 3245 21.48 -28.62 0.57
C GLU B 3245 21.65 -27.92 -0.77
N GLU B 3246 21.38 -26.62 -0.81
CA GLU B 3246 21.65 -25.85 -2.01
C GLU B 3246 23.14 -25.76 -2.28
N GLN B 3247 23.98 -26.05 -1.29
CA GLN B 3247 25.42 -26.16 -1.49
C GLN B 3247 25.86 -27.62 -1.56
N GLY B 3248 24.91 -28.54 -1.54
CA GLY B 3248 25.21 -29.95 -1.69
C GLY B 3248 25.30 -30.74 -0.42
N ILE B 3249 25.41 -30.09 0.73
CA ILE B 3249 25.53 -30.77 2.02
C ILE B 3249 24.26 -31.57 2.22
N PHE B 3250 24.40 -32.86 2.50
CA PHE B 3250 23.25 -33.74 2.66
C PHE B 3250 23.44 -34.62 3.89
N LEU B 3251 22.42 -34.67 4.74
CA LEU B 3251 22.39 -35.59 5.87
C LEU B 3251 21.78 -36.90 5.35
N ARG B 3252 22.52 -38.00 5.48
CA ARG B 3252 22.04 -39.26 4.92
C ARG B 3252 20.86 -39.81 5.71
N ALA B 3253 21.13 -40.37 6.89
CA ALA B 3253 20.12 -40.55 7.91
C ALA B 3253 20.45 -39.72 9.14
N SER B 3254 21.67 -39.84 9.64
CA SER B 3254 22.26 -38.90 10.58
C SER B 3254 23.69 -38.57 10.21
N VAL B 3255 24.09 -38.83 8.97
CA VAL B 3255 25.46 -38.63 8.52
C VAL B 3255 25.49 -37.46 7.56
N VAL B 3256 25.99 -36.33 8.02
CA VAL B 3256 26.17 -35.16 7.17
C VAL B 3256 27.38 -35.44 6.30
N THR B 3257 27.21 -35.34 5.00
CA THR B 3257 28.29 -35.53 4.05
C THR B 3257 28.28 -34.39 3.05
N ALA B 3258 29.45 -34.03 2.57
CA ALA B 3258 29.59 -32.99 1.57
C ALA B 3258 30.47 -33.49 0.42
N SER B 3259 30.17 -33.00 -0.78
CA SER B 3259 30.98 -33.38 -1.92
C SER B 3259 32.10 -32.39 -2.20
N SER B 3260 31.76 -31.14 -2.50
CA SER B 3260 32.74 -30.10 -2.72
C SER B 3260 33.09 -29.45 -1.39
N GLY B 3261 34.38 -29.36 -1.10
CA GLY B 3261 34.86 -28.87 0.19
C GLY B 3261 35.22 -27.41 0.26
N SER B 3262 34.86 -26.62 -0.74
CA SER B 3262 35.26 -25.22 -0.81
C SER B 3262 34.72 -24.45 0.40
N ALA B 3263 35.20 -23.23 0.57
CA ALA B 3263 34.61 -22.34 1.55
C ALA B 3263 33.47 -21.56 0.90
N LEU B 3264 32.36 -21.45 1.62
CA LEU B 3264 31.22 -20.76 1.06
C LEU B 3264 31.45 -19.26 1.02
N GLN B 3265 30.85 -18.62 0.04
CA GLN B 3265 30.98 -17.18 -0.12
C GLN B 3265 30.17 -16.46 0.95
N TYR B 3266 30.13 -15.14 0.85
CA TYR B 3266 29.44 -14.33 1.85
C TYR B 3266 27.94 -14.58 1.84
N ASP B 3267 27.38 -14.87 0.65
CA ASP B 3267 25.94 -15.08 0.57
C ASP B 3267 25.51 -16.23 1.46
N THR B 3268 26.14 -17.39 1.29
CA THR B 3268 25.78 -18.54 2.10
C THR B 3268 25.96 -18.24 3.57
N LEU B 3269 27.01 -17.49 3.91
CA LEU B 3269 27.29 -17.23 5.32
C LEU B 3269 26.25 -16.32 5.95
N ILE B 3270 25.90 -15.22 5.29
CA ILE B 3270 24.85 -14.36 5.83
C ILE B 3270 23.56 -15.14 5.92
N SER B 3271 23.32 -16.02 4.95
CA SER B 3271 22.13 -16.85 5.01
C SER B 3271 22.11 -17.70 6.27
N LEU B 3272 23.17 -18.46 6.52
CA LEU B 3272 23.18 -19.32 7.69
C LEU B 3272 23.07 -18.49 8.96
N MET B 3273 23.79 -17.37 9.00
CA MET B 3273 23.85 -16.59 10.23
C MET B 3273 22.51 -16.00 10.59
N GLU B 3274 21.75 -15.50 9.61
CA GLU B 3274 20.48 -14.89 9.96
C GLU B 3274 19.59 -15.89 10.69
N HIS B 3275 19.37 -17.06 10.09
CA HIS B 3275 18.47 -18.03 10.69
C HIS B 3275 19.02 -18.54 12.01
N LEU B 3276 20.31 -18.87 12.04
CA LEU B 3276 20.86 -19.42 13.28
C LEU B 3276 20.76 -18.42 14.41
N LYS B 3277 21.07 -17.15 14.15
CA LYS B 3277 21.01 -16.15 15.20
C LYS B 3277 19.59 -15.97 15.69
N ALA B 3278 18.62 -16.01 14.77
CA ALA B 3278 17.24 -15.98 15.22
C ALA B 3278 16.98 -17.11 16.20
N CYS B 3279 17.42 -18.32 15.85
CA CYS B 3279 17.22 -19.46 16.73
C CYS B 3279 17.90 -19.25 18.06
N ALA B 3280 19.09 -18.64 18.03
CA ALA B 3280 19.81 -18.38 19.26
C ALA B 3280 19.04 -17.44 20.16
N GLU B 3281 18.46 -16.38 19.60
CA GLU B 3281 17.66 -15.46 20.40
C GLU B 3281 16.47 -16.18 21.01
N ILE B 3282 15.81 -17.02 20.21
CA ILE B 3282 14.69 -17.79 20.73
C ILE B 3282 15.12 -18.64 21.91
N ALA B 3283 16.21 -19.40 21.75
CA ALA B 3283 16.69 -20.20 22.86
C ALA B 3283 17.18 -19.31 24.00
N ALA B 3284 17.46 -18.05 23.69
CA ALA B 3284 17.96 -17.12 24.68
C ALA B 3284 16.86 -16.68 25.64
N GLN B 3285 15.65 -16.46 25.14
CA GLN B 3285 14.59 -16.00 26.01
C GLN B 3285 14.35 -16.96 27.18
N ARG B 3286 14.36 -18.27 26.90
CA ARG B 3286 14.16 -19.30 27.91
C ARG B 3286 14.75 -20.59 27.36
N THR B 3287 15.00 -21.56 28.23
CA THR B 3287 15.71 -22.75 27.81
C THR B 3287 14.78 -23.95 27.62
N ILE B 3288 13.78 -24.09 28.49
CA ILE B 3288 12.92 -25.28 28.43
C ILE B 3288 12.34 -25.42 27.04
N ASN B 3289 12.12 -24.30 26.35
CA ASN B 3289 11.63 -24.37 24.99
C ASN B 3289 12.64 -25.04 24.06
N TRP B 3290 13.90 -24.59 24.11
CA TRP B 3290 14.90 -25.21 23.25
C TRP B 3290 15.05 -26.68 23.60
N GLN B 3291 15.03 -26.99 24.89
CA GLN B 3291 15.12 -28.38 25.31
C GLN B 3291 13.97 -29.19 24.71
N LYS B 3292 12.75 -28.65 24.77
CA LYS B 3292 11.59 -29.39 24.30
C LYS B 3292 11.65 -29.59 22.79
N PHE B 3293 11.98 -28.52 22.06
CA PHE B 3293 12.05 -28.63 20.60
C PHE B 3293 13.09 -29.67 20.21
N CYS B 3294 14.24 -29.66 20.88
CA CYS B 3294 15.25 -30.65 20.57
C CYS B 3294 14.77 -32.05 20.92
N ILE B 3295 14.06 -32.20 22.04
CA ILE B 3295 13.57 -33.52 22.42
C ILE B 3295 12.59 -34.03 21.40
N LYS B 3296 11.87 -33.11 20.76
CA LYS B 3296 10.91 -33.53 19.75
C LYS B 3296 11.61 -34.22 18.58
N ASP B 3297 12.63 -33.59 18.01
CA ASP B 3297 13.28 -34.08 16.81
C ASP B 3297 14.72 -34.46 17.16
N ASP B 3298 15.07 -35.72 16.92
CA ASP B 3298 16.40 -36.21 17.21
C ASP B 3298 17.41 -35.90 16.12
N SER B 3299 17.11 -34.96 15.22
CA SER B 3299 17.99 -34.68 14.09
C SER B 3299 18.61 -33.29 14.19
N VAL B 3300 18.64 -32.71 15.38
CA VAL B 3300 19.13 -31.36 15.59
C VAL B 3300 20.60 -31.37 16.02
N LEU B 3301 20.98 -32.33 16.85
CA LEU B 3301 22.27 -32.26 17.51
C LEU B 3301 23.40 -32.62 16.56
N TYR B 3302 23.43 -33.87 16.08
CA TYR B 3302 24.56 -34.30 15.27
C TYR B 3302 24.69 -33.46 14.01
N PHE B 3303 23.56 -33.06 13.42
CA PHE B 3303 23.62 -32.13 12.31
C PHE B 3303 24.24 -30.81 12.73
N LEU B 3304 23.88 -30.31 13.92
CA LEU B 3304 24.43 -29.03 14.35
C LEU B 3304 25.94 -29.11 14.48
N LEU B 3305 26.43 -30.12 15.19
CA LEU B 3305 27.87 -30.21 15.40
C LEU B 3305 28.59 -30.47 14.09
N GLN B 3306 27.99 -31.25 13.19
CA GLN B 3306 28.62 -31.46 11.90
C GLN B 3306 28.69 -30.18 11.10
N VAL B 3307 27.64 -29.36 11.18
CA VAL B 3307 27.66 -28.09 10.46
C VAL B 3307 28.73 -27.18 10.99
N SER B 3308 28.85 -27.06 12.32
CA SER B 3308 29.87 -26.20 12.88
C SER B 3308 31.26 -26.68 12.49
N PHE B 3309 31.45 -27.99 12.33
CA PHE B 3309 32.74 -28.51 11.92
C PHE B 3309 33.15 -28.03 10.53
N LEU B 3310 32.19 -27.77 9.65
CA LEU B 3310 32.54 -27.36 8.29
C LEU B 3310 32.40 -25.87 8.06
N VAL B 3311 31.56 -25.20 8.83
CA VAL B 3311 31.25 -23.80 8.59
C VAL B 3311 32.49 -22.96 8.87
N ASP B 3312 32.48 -21.73 8.39
CA ASP B 3312 33.60 -20.83 8.63
C ASP B 3312 33.71 -20.51 10.12
N GLU B 3313 34.87 -20.00 10.50
CA GLU B 3313 35.15 -19.77 11.91
C GLU B 3313 34.25 -18.72 12.52
N GLY B 3314 33.95 -17.65 11.79
CA GLY B 3314 33.14 -16.58 12.36
C GLY B 3314 31.74 -17.01 12.74
N VAL B 3315 31.29 -18.14 12.22
CA VAL B 3315 29.99 -18.69 12.57
C VAL B 3315 30.07 -19.66 13.73
N SER B 3316 31.26 -20.02 14.17
CA SER B 3316 31.38 -20.99 15.25
C SER B 3316 30.78 -20.49 16.55
N PRO B 3317 31.00 -19.24 16.98
CA PRO B 3317 30.49 -18.85 18.30
C PRO B 3317 28.99 -19.06 18.43
N VAL B 3318 28.22 -18.77 17.39
CA VAL B 3318 26.77 -18.88 17.50
C VAL B 3318 26.35 -20.33 17.65
N LEU B 3319 26.88 -21.20 16.80
CA LEU B 3319 26.53 -22.62 16.86
C LEU B 3319 26.88 -23.20 18.21
N LEU B 3320 28.06 -22.85 18.73
CA LEU B 3320 28.43 -23.32 20.05
C LEU B 3320 27.51 -22.77 21.11
N GLN B 3321 27.10 -21.51 21.00
CA GLN B 3321 26.17 -20.97 21.98
C GLN B 3321 24.89 -21.77 22.00
N LEU B 3322 24.35 -22.08 20.82
CA LEU B 3322 23.12 -22.86 20.77
C LEU B 3322 23.31 -24.24 21.39
N LEU B 3323 24.31 -24.99 20.92
CA LEU B 3323 24.48 -26.35 21.41
C LEU B 3323 24.72 -26.36 22.91
N SER B 3324 25.53 -25.42 23.39
CA SER B 3324 25.80 -25.34 24.81
C SER B 3324 24.53 -25.03 25.58
N CYS B 3325 23.68 -24.18 25.02
CA CYS B 3325 22.40 -23.94 25.69
C CYS B 3325 21.59 -25.22 25.74
N ALA B 3326 21.71 -26.05 24.71
CA ALA B 3326 20.92 -27.27 24.67
C ALA B 3326 21.36 -28.26 25.73
N LEU B 3327 22.66 -28.56 25.78
CA LEU B 3327 23.18 -29.64 26.62
C LEU B 3327 23.58 -29.17 28.02
N CYS B 3328 24.37 -28.10 28.11
CA CYS B 3328 24.75 -27.58 29.42
C CYS B 3328 23.56 -26.97 30.15
N GLY B 3329 22.82 -26.12 29.47
CA GLY B 3329 21.54 -25.65 29.97
C GLY B 3329 21.61 -24.21 30.45
N SER B 3330 20.44 -23.73 30.89
CA SER B 3330 20.27 -22.37 31.36
C SER B 3330 20.87 -22.16 32.74
N LYS B 3331 20.82 -23.16 33.61
CA LYS B 3331 21.33 -22.99 34.96
C LYS B 3331 22.80 -22.61 34.95
N VAL B 3332 23.63 -23.38 34.26
CA VAL B 3332 25.06 -23.11 34.25
C VAL B 3332 25.35 -21.83 33.48
N LEU B 3333 24.79 -21.70 32.27
CA LEU B 3333 25.13 -20.56 31.42
C LEU B 3333 24.71 -19.25 32.07
N ALA B 3334 23.52 -19.23 32.65
CA ALA B 3334 23.08 -18.07 33.42
C ALA B 3334 23.96 -17.87 34.65
N ALA B 3335 24.37 -18.97 35.28
CA ALA B 3335 25.19 -18.85 36.48
C ALA B 3335 26.45 -18.06 36.21
N LEU B 3336 26.90 -18.04 34.97
CA LEU B 3336 28.04 -17.22 34.58
C LEU B 3336 27.68 -15.73 34.59
N SER B 3386 15.08 -29.60 38.79
CA SER B 3386 15.03 -31.03 38.51
C SER B 3386 14.62 -31.29 37.06
N GLN B 3387 13.58 -30.60 36.62
CA GLN B 3387 13.03 -30.88 35.29
C GLN B 3387 14.05 -30.61 34.21
N GLU B 3388 14.68 -29.44 34.24
CA GLU B 3388 15.74 -29.16 33.26
C GLU B 3388 16.91 -30.10 33.47
N ASP B 3389 17.17 -30.52 34.70
CA ASP B 3389 18.21 -31.51 34.93
C ASP B 3389 17.87 -32.81 34.23
N GLN B 3390 16.62 -33.24 34.33
CA GLN B 3390 16.22 -34.46 33.64
C GLN B 3390 16.30 -34.30 32.13
N LEU B 3391 15.87 -33.15 31.60
CA LEU B 3391 15.94 -32.94 30.16
C LEU B 3391 17.38 -32.97 29.68
N CYS B 3392 18.27 -32.30 30.42
CA CYS B 3392 19.67 -32.28 30.06
C CYS B 3392 20.26 -33.67 30.12
N THR B 3393 19.90 -34.45 31.15
CA THR B 3393 20.43 -35.80 31.29
C THR B 3393 19.97 -36.69 30.15
N ALA B 3394 18.68 -36.65 29.86
CA ALA B 3394 18.15 -37.46 28.78
C ALA B 3394 18.75 -37.04 27.44
N LEU B 3395 18.85 -35.74 27.19
CA LEU B 3395 19.38 -35.29 25.92
C LEU B 3395 20.87 -35.62 25.82
N VAL B 3396 21.55 -35.62 26.95
CA VAL B 3396 22.94 -36.04 26.96
C VAL B 3396 23.05 -37.49 26.54
N ASN B 3397 22.19 -38.35 27.11
CA ASN B 3397 22.16 -39.74 26.68
C ASN B 3397 21.82 -39.83 25.19
N GLN B 3398 20.96 -38.94 24.71
CA GLN B 3398 20.59 -38.91 23.30
C GLN B 3398 21.81 -38.61 22.45
N LEU B 3399 22.51 -37.52 22.78
CA LEU B 3399 23.73 -37.16 22.08
C LEU B 3399 24.71 -38.31 22.13
N ASN B 3400 24.74 -39.01 23.25
CA ASN B 3400 25.56 -40.20 23.35
C ASN B 3400 25.13 -41.23 22.33
N LYS B 3401 23.82 -41.40 22.17
CA LYS B 3401 23.31 -42.40 21.23
C LYS B 3401 23.73 -42.07 19.80
N PHE B 3402 23.58 -40.81 19.40
CA PHE B 3402 23.74 -40.48 17.99
C PHE B 3402 25.19 -40.25 17.62
N ALA B 3403 26.02 -39.84 18.59
CA ALA B 3403 27.36 -39.36 18.28
C ALA B 3403 28.28 -40.48 17.81
N ASP B 3404 29.27 -40.11 17.01
CA ASP B 3404 30.35 -41.00 16.61
C ASP B 3404 31.65 -40.56 17.27
N LYS B 3405 32.48 -41.53 17.66
CA LYS B 3405 33.66 -41.21 18.46
C LYS B 3405 34.64 -40.35 17.68
N GLU B 3406 34.85 -40.67 16.41
CA GLU B 3406 35.76 -39.87 15.61
C GLU B 3406 35.29 -38.43 15.56
N THR B 3407 33.98 -38.23 15.41
CA THR B 3407 33.47 -36.86 15.42
C THR B 3407 33.71 -36.20 16.76
N LEU B 3408 33.60 -36.95 17.86
CA LEU B 3408 33.85 -36.35 19.16
C LEU B 3408 35.29 -35.86 19.25
N ILE B 3409 36.24 -36.67 18.79
CA ILE B 3409 37.64 -36.25 18.81
C ILE B 3409 37.83 -35.03 17.92
N GLN B 3410 37.18 -35.03 16.76
CA GLN B 3410 37.32 -33.90 15.85
C GLN B 3410 36.77 -32.62 16.47
N PHE B 3411 35.66 -32.73 17.21
CA PHE B 3411 35.10 -31.57 17.91
C PHE B 3411 36.07 -31.06 18.95
N LEU B 3412 36.55 -31.94 19.82
CA LEU B 3412 37.48 -31.52 20.86
C LEU B 3412 38.67 -30.81 20.24
N ARG B 3413 39.27 -31.42 19.22
CA ARG B 3413 40.43 -30.81 18.58
C ARG B 3413 40.08 -29.46 17.98
N CYS B 3414 39.03 -29.41 17.14
CA CYS B 3414 38.76 -28.21 16.38
C CYS B 3414 38.42 -27.03 17.28
N PHE B 3415 37.61 -27.26 18.30
CA PHE B 3415 37.04 -26.13 19.02
C PHE B 3415 37.67 -25.89 20.38
N LEU B 3416 38.56 -26.76 20.86
CA LEU B 3416 39.19 -26.51 22.14
C LEU B 3416 40.64 -26.08 22.02
N LEU B 3417 41.36 -26.55 21.01
CA LEU B 3417 42.78 -26.26 20.87
C LEU B 3417 43.09 -25.39 19.67
N GLU B 3418 42.62 -25.72 18.48
CA GLU B 3418 43.03 -24.98 17.30
C GLU B 3418 42.43 -23.58 17.21
N SER B 3419 41.30 -23.32 17.87
CA SER B 3419 40.59 -22.08 17.69
C SER B 3419 41.42 -20.91 18.18
N ASN B 3420 41.25 -19.75 17.56
CA ASN B 3420 42.05 -18.58 17.92
C ASN B 3420 41.38 -17.71 18.97
N SER B 3421 40.06 -17.72 19.07
CA SER B 3421 39.37 -16.84 19.98
C SER B 3421 39.50 -17.31 21.43
N SER B 3422 39.20 -16.41 22.36
CA SER B 3422 39.16 -16.79 23.76
C SER B 3422 37.78 -17.22 24.18
N SER B 3423 36.76 -16.47 23.76
CA SER B 3423 35.40 -16.85 24.08
C SER B 3423 35.06 -18.21 23.49
N VAL B 3424 35.55 -18.49 22.28
CA VAL B 3424 35.30 -19.79 21.67
C VAL B 3424 35.89 -20.89 22.53
N ARG B 3425 37.11 -20.72 22.99
CA ARG B 3425 37.70 -21.74 23.83
C ARG B 3425 36.93 -21.87 25.14
N TRP B 3426 36.53 -20.75 25.73
CA TRP B 3426 35.80 -20.83 26.98
C TRP B 3426 34.51 -21.62 26.81
N GLN B 3427 33.72 -21.29 25.78
CA GLN B 3427 32.47 -22.00 25.55
C GLN B 3427 32.74 -23.47 25.27
N ALA B 3428 33.82 -23.78 24.57
CA ALA B 3428 34.16 -25.17 24.35
C ALA B 3428 34.38 -25.85 25.68
N HIS B 3429 35.07 -25.18 26.59
CA HIS B 3429 35.31 -25.76 27.90
C HIS B 3429 34.00 -26.02 28.63
N CYS B 3430 33.06 -25.09 28.52
CA CYS B 3430 31.78 -25.28 29.21
C CYS B 3430 31.02 -26.48 28.65
N LEU B 3431 30.93 -26.59 27.33
CA LEU B 3431 30.21 -27.70 26.73
C LEU B 3431 30.87 -29.03 27.07
N THR B 3432 32.19 -29.09 26.98
CA THR B 3432 32.88 -30.33 27.35
C THR B 3432 32.61 -30.68 28.79
N LEU B 3433 32.66 -29.68 29.68
CA LEU B 3433 32.42 -29.95 31.08
C LEU B 3433 31.05 -30.54 31.30
N HIS B 3434 30.02 -29.87 30.78
CA HIS B 3434 28.67 -30.36 31.04
C HIS B 3434 28.38 -31.69 30.36
N ILE B 3435 28.91 -31.92 29.16
CA ILE B 3435 28.68 -33.20 28.51
C ILE B 3435 29.35 -34.32 29.28
N TYR B 3436 30.60 -34.13 29.66
CA TYR B 3436 31.33 -35.19 30.36
C TYR B 3436 30.71 -35.46 31.71
N ARG B 3437 30.32 -34.40 32.41
CA ARG B 3437 29.91 -34.55 33.80
C ARG B 3437 28.66 -35.41 33.93
N ASN B 3438 27.96 -35.66 32.82
CA ASN B 3438 26.68 -36.34 32.90
C ASN B 3438 26.55 -37.50 31.94
N SER B 3439 27.54 -37.77 31.09
CA SER B 3439 27.40 -38.88 30.17
C SER B 3439 27.31 -40.19 30.94
N SER B 3440 27.10 -41.28 30.23
CA SER B 3440 27.04 -42.58 30.87
C SER B 3440 28.37 -42.87 31.57
N LYS B 3441 28.35 -43.79 32.53
CA LYS B 3441 29.60 -44.10 33.23
C LYS B 3441 30.66 -44.61 32.27
N SER B 3442 30.34 -45.66 31.50
CA SER B 3442 31.27 -46.15 30.49
C SER B 3442 31.53 -45.09 29.43
N GLN B 3443 30.53 -44.26 29.13
CA GLN B 3443 30.76 -43.13 28.25
C GLN B 3443 31.80 -42.19 28.84
N GLN B 3444 31.71 -41.94 30.15
CA GLN B 3444 32.73 -41.13 30.80
C GLN B 3444 34.10 -41.75 30.59
N GLU B 3445 34.18 -43.08 30.71
CA GLU B 3445 35.44 -43.76 30.50
C GLU B 3445 35.95 -43.55 29.08
N LEU B 3446 35.06 -43.67 28.09
CA LEU B 3446 35.47 -43.47 26.71
C LEU B 3446 36.01 -42.08 26.50
N LEU B 3447 35.33 -41.07 27.07
CA LEU B 3447 35.79 -39.70 26.92
C LEU B 3447 37.16 -39.51 27.54
N LEU B 3448 37.37 -40.05 28.74
CA LEU B 3448 38.67 -39.89 29.39
C LEU B 3448 39.76 -40.51 28.54
N ASP B 3449 39.50 -41.70 28.01
CA ASP B 3449 40.49 -42.34 27.15
C ASP B 3449 40.79 -41.49 25.94
N LEU B 3450 39.75 -40.97 25.29
CA LEU B 3450 39.97 -40.18 24.08
C LEU B 3450 40.80 -38.94 24.38
N MET B 3451 40.46 -38.23 25.45
CA MET B 3451 41.16 -36.98 25.75
C MET B 3451 42.61 -37.23 26.14
N TRP B 3452 42.85 -38.17 27.06
CA TRP B 3452 44.23 -38.48 27.41
C TRP B 3452 44.98 -39.09 26.24
N SER B 3453 44.27 -39.59 25.24
CA SER B 3453 44.95 -40.03 24.03
C SER B 3453 45.40 -38.83 23.21
N ILE B 3454 44.49 -37.88 22.97
CA ILE B 3454 44.83 -36.75 22.12
C ILE B 3454 45.94 -35.93 22.75
N TRP B 3455 46.06 -35.95 24.07
CA TRP B 3455 47.10 -35.16 24.72
C TRP B 3455 48.50 -35.49 24.23
N PRO B 3456 48.76 -36.64 23.62
CA PRO B 3456 50.13 -36.92 23.17
C PRO B 3456 50.67 -35.91 22.18
N GLU B 3457 49.82 -35.28 21.39
CA GLU B 3457 50.30 -34.32 20.40
C GLU B 3457 50.20 -32.89 20.87
N LEU B 3458 50.00 -32.67 22.16
CA LEU B 3458 49.84 -31.30 22.64
C LEU B 3458 51.04 -30.43 22.31
N PRO B 3459 52.19 -30.97 21.94
CA PRO B 3459 53.29 -30.10 21.54
C PRO B 3459 52.95 -29.20 20.40
N ALA B 3460 52.15 -29.66 19.44
CA ALA B 3460 51.94 -28.86 18.25
C ALA B 3460 50.96 -27.72 18.47
N TYR B 3461 49.72 -28.02 18.86
CA TYR B 3461 48.75 -26.97 19.11
C TYR B 3461 49.14 -26.07 20.26
N GLY B 3462 49.97 -26.56 21.18
CA GLY B 3462 50.85 -25.70 21.95
C GLY B 3462 50.15 -24.69 22.82
N ARG B 3463 50.66 -23.46 22.80
CA ARG B 3463 50.45 -22.48 23.84
C ARG B 3463 49.00 -22.09 24.01
N LYS B 3464 48.13 -22.37 23.05
CA LYS B 3464 46.75 -21.96 23.18
C LYS B 3464 45.89 -22.96 23.96
N ALA B 3465 46.49 -24.02 24.47
CA ALA B 3465 45.73 -25.19 24.91
C ALA B 3465 45.57 -25.26 26.42
N ALA B 3466 45.44 -24.11 27.09
CA ALA B 3466 45.26 -24.16 28.54
C ALA B 3466 43.96 -24.87 28.91
N GLN B 3467 42.91 -24.64 28.12
CA GLN B 3467 41.63 -25.25 28.44
C GLN B 3467 41.74 -26.77 28.49
N PHE B 3468 42.42 -27.36 27.52
CA PHE B 3468 42.53 -28.81 27.49
C PHE B 3468 43.26 -29.32 28.71
N VAL B 3469 44.31 -28.61 29.12
CA VAL B 3469 45.03 -29.02 30.31
C VAL B 3469 44.09 -29.08 31.49
N ASP B 3470 43.33 -28.00 31.71
CA ASP B 3470 42.43 -27.96 32.86
C ASP B 3470 41.42 -29.09 32.80
N LEU B 3471 40.85 -29.32 31.61
CA LEU B 3471 39.84 -30.36 31.47
C LEU B 3471 40.41 -31.73 31.76
N LEU B 3472 41.60 -32.04 31.23
CA LEU B 3472 42.19 -33.34 31.44
C LEU B 3472 42.44 -33.56 32.91
N GLY B 3473 42.91 -32.52 33.60
CA GLY B 3473 43.15 -32.67 35.02
C GLY B 3473 41.89 -32.98 35.79
N TYR B 3474 40.82 -32.22 35.52
CA TYR B 3474 39.59 -32.47 36.26
C TYR B 3474 39.10 -33.89 36.01
N PHE B 3475 39.11 -34.31 34.76
CA PHE B 3475 38.68 -35.67 34.45
C PHE B 3475 39.53 -36.69 35.17
N SER B 3476 40.83 -36.41 35.29
CA SER B 3476 41.71 -37.36 35.95
C SER B 3476 41.41 -37.48 37.43
N LEU B 3477 41.32 -36.37 38.14
CA LEU B 3477 41.14 -36.47 39.59
C LEU B 3477 39.73 -36.87 39.95
N LYS B 3478 38.77 -36.66 39.05
CA LYS B 3478 37.40 -37.02 39.40
C LYS B 3478 37.10 -38.47 39.10
N THR B 3479 37.63 -39.01 38.02
CA THR B 3479 37.22 -40.34 37.59
C THR B 3479 38.16 -41.40 38.16
N PRO B 3480 37.64 -42.37 38.93
CA PRO B 3480 38.49 -43.45 39.44
C PRO B 3480 38.44 -44.66 38.53
N GLN B 3481 39.56 -45.38 38.44
CA GLN B 3481 39.66 -46.49 37.50
C GLN B 3481 40.75 -47.46 37.94
N THR B 3482 41.15 -48.32 37.01
CA THR B 3482 42.14 -49.33 37.28
C THR B 3482 43.55 -48.75 37.19
N GLU B 3483 44.43 -49.29 38.03
CA GLU B 3483 45.77 -48.75 38.16
C GLU B 3483 46.60 -48.93 36.90
N LYS B 3484 46.28 -49.93 36.08
CA LYS B 3484 46.98 -50.04 34.81
C LYS B 3484 46.78 -48.79 33.97
N LYS B 3485 45.54 -48.31 33.89
CA LYS B 3485 45.26 -47.12 33.11
C LYS B 3485 46.03 -45.92 33.63
N LEU B 3486 45.99 -45.72 34.95
CA LEU B 3486 46.68 -44.58 35.54
C LEU B 3486 48.17 -44.65 35.27
N LYS B 3487 48.75 -45.85 35.41
CA LYS B 3487 50.16 -46.00 35.14
C LYS B 3487 50.49 -45.66 33.69
N GLU B 3488 49.63 -46.10 32.77
CA GLU B 3488 49.85 -45.77 31.37
C GLU B 3488 49.87 -44.27 31.16
N TYR B 3489 48.88 -43.58 31.73
CA TYR B 3489 48.82 -42.13 31.58
C TYR B 3489 50.06 -41.47 32.17
N SER B 3490 50.50 -41.95 33.34
CA SER B 3490 51.66 -41.37 33.99
C SER B 3490 52.91 -41.56 33.15
N GLN B 3491 53.07 -42.75 32.56
CA GLN B 3491 54.19 -42.97 31.66
C GLN B 3491 54.16 -41.97 30.52
N LYS B 3492 52.99 -41.77 29.94
CA LYS B 3492 52.87 -40.82 28.83
C LYS B 3492 53.31 -39.43 29.24
N ALA B 3493 52.74 -38.93 30.34
CA ALA B 3493 53.03 -37.56 30.75
C ALA B 3493 54.49 -37.39 31.09
N VAL B 3494 55.07 -38.35 31.81
CA VAL B 3494 56.47 -38.22 32.21
C VAL B 3494 57.35 -38.19 30.98
N GLU B 3495 57.08 -39.06 30.01
CA GLU B 3495 57.89 -39.06 28.80
C GLU B 3495 57.78 -37.71 28.08
N ILE B 3496 56.58 -37.16 28.00
CA ILE B 3496 56.41 -35.87 27.34
C ILE B 3496 57.22 -34.81 28.06
N LEU B 3497 57.16 -34.80 29.39
CA LEU B 3497 57.89 -33.79 30.15
C LEU B 3497 59.38 -33.91 29.89
N ARG B 3498 59.89 -35.13 29.93
CA ARG B 3498 61.32 -35.32 29.74
C ARG B 3498 61.74 -34.89 28.34
N THR B 3499 60.97 -35.28 27.33
CA THR B 3499 61.34 -34.93 25.97
C THR B 3499 61.32 -33.42 25.78
N GLN B 3500 60.30 -32.75 26.32
CA GLN B 3500 60.26 -31.29 26.19
C GLN B 3500 61.43 -30.68 26.94
N ASN B 3501 61.74 -31.18 28.13
CA ASN B 3501 62.88 -30.65 28.86
C ASN B 3501 64.15 -30.79 28.05
N HIS B 3502 64.35 -31.95 27.44
CA HIS B 3502 65.56 -32.18 26.66
C HIS B 3502 65.61 -31.25 25.46
N ILE B 3503 64.49 -31.11 24.76
CA ILE B 3503 64.46 -30.21 23.62
C ILE B 3503 64.77 -28.81 24.07
N LEU B 3504 64.39 -28.47 25.29
CA LEU B 3504 64.78 -27.19 25.85
C LEU B 3504 66.29 -27.14 26.03
N THR B 3505 66.87 -28.19 26.61
CA THR B 3505 68.24 -28.12 27.09
C THR B 3505 69.29 -28.00 26.00
N ASN B 3506 69.06 -28.56 24.82
CA ASN B 3506 70.05 -28.53 23.76
C ASN B 3506 69.85 -27.38 22.80
N HIS B 3507 69.02 -26.41 23.14
CA HIS B 3507 68.64 -25.39 22.19
C HIS B 3507 69.84 -24.50 21.85
N PRO B 3508 70.13 -24.32 20.56
CA PRO B 3508 71.16 -23.33 20.21
C PRO B 3508 70.79 -21.93 20.67
N ASN B 3509 69.51 -21.58 20.62
CA ASN B 3509 69.06 -20.28 21.06
C ASN B 3509 68.93 -20.19 22.57
N SER B 3510 69.22 -21.29 23.26
CA SER B 3510 69.05 -21.29 24.72
C SER B 3510 69.98 -20.30 25.37
N ASN B 3511 71.22 -20.24 24.93
CA ASN B 3511 72.21 -19.44 25.63
C ASN B 3511 71.81 -17.97 25.67
N ILE B 3512 71.46 -17.42 24.51
CA ILE B 3512 71.33 -15.98 24.39
C ILE B 3512 70.17 -15.47 25.24
N TYR B 3513 68.97 -15.98 24.98
CA TYR B 3513 67.82 -15.58 25.77
C TYR B 3513 68.03 -15.96 27.24
N ASN B 3514 68.63 -17.12 27.49
CA ASN B 3514 68.93 -17.53 28.85
C ASN B 3514 69.68 -16.43 29.58
N THR B 3515 70.68 -15.86 28.93
CA THR B 3515 71.44 -14.80 29.58
C THR B 3515 70.64 -13.51 29.62
N LEU B 3516 70.00 -13.15 28.52
CA LEU B 3516 69.48 -11.80 28.38
C LEU B 3516 68.25 -11.59 29.23
N SER B 3517 67.52 -12.65 29.56
CA SER B 3517 66.31 -12.48 30.35
C SER B 3517 66.61 -11.81 31.67
N GLY B 3518 67.68 -12.25 32.34
CA GLY B 3518 68.05 -11.67 33.60
C GLY B 3518 68.71 -10.33 33.52
N LEU B 3519 68.86 -9.77 32.32
CA LEU B 3519 69.54 -8.50 32.14
C LEU B 3519 68.61 -7.35 31.84
N VAL B 3520 67.86 -7.43 30.74
CA VAL B 3520 66.86 -6.44 30.41
C VAL B 3520 65.50 -7.12 30.47
N GLU B 3521 64.45 -6.31 30.44
CA GLU B 3521 63.10 -6.82 30.53
C GLU B 3521 62.83 -7.62 29.27
N PHE B 3522 62.95 -8.94 29.37
CA PHE B 3522 62.71 -9.80 28.23
C PHE B 3522 61.20 -9.90 28.04
N ASP B 3523 60.74 -9.43 26.89
CA ASP B 3523 59.31 -9.46 26.62
C ASP B 3523 58.92 -10.73 25.86
N GLY B 3524 59.45 -10.89 24.65
CA GLY B 3524 59.24 -12.08 23.86
C GLY B 3524 60.56 -12.64 23.37
N TYR B 3525 60.60 -13.96 23.25
CA TYR B 3525 61.77 -14.69 22.80
C TYR B 3525 61.94 -14.40 21.32
N TYR B 3526 62.59 -13.28 20.99
CA TYR B 3526 62.67 -12.80 19.63
C TYR B 3526 63.78 -13.50 18.85
N LEU B 3527 64.14 -14.71 19.26
CA LEU B 3527 65.26 -15.46 18.71
C LEU B 3527 64.83 -16.83 18.22
N GLU B 3528 63.78 -16.88 17.39
CA GLU B 3528 63.32 -18.11 16.76
C GLU B 3528 63.70 -18.12 15.29
N SER B 3529 63.87 -19.32 14.73
CA SER B 3529 64.38 -19.45 13.36
C SER B 3529 63.24 -19.42 12.33
N ASP B 3530 62.34 -20.39 12.37
CA ASP B 3530 61.19 -20.37 11.48
C ASP B 3530 59.96 -20.00 12.31
N PRO B 3531 59.36 -18.84 12.11
CA PRO B 3531 58.47 -18.27 13.14
C PRO B 3531 57.31 -19.21 13.49
N CYS B 3532 57.22 -19.54 14.77
CA CYS B 3532 56.13 -20.36 15.29
C CYS B 3532 54.83 -19.59 15.08
N LEU B 3533 54.01 -20.05 14.15
CA LEU B 3533 52.81 -19.31 13.77
C LEU B 3533 51.88 -19.09 14.95
N VAL B 3534 51.78 -20.08 15.83
CA VAL B 3534 50.91 -19.94 16.99
C VAL B 3534 51.39 -18.81 17.88
N CYS B 3535 52.67 -18.81 18.23
CA CYS B 3535 53.21 -17.72 19.01
C CYS B 3535 53.16 -16.40 18.26
N ASN B 3536 53.05 -16.44 16.93
CA ASN B 3536 53.21 -15.25 16.10
C ASN B 3536 51.91 -14.53 15.80
N ASN B 3537 50.78 -14.95 16.35
CA ASN B 3537 49.49 -14.33 16.06
C ASN B 3537 48.77 -14.00 17.35
N PRO B 3538 49.07 -12.89 17.99
CA PRO B 3538 48.32 -12.48 19.18
C PRO B 3538 46.90 -12.10 18.77
N GLU B 3539 46.09 -11.82 19.78
CA GLU B 3539 44.70 -11.47 19.54
C GLU B 3539 44.56 -9.96 19.65
N VAL B 3540 44.75 -9.26 18.54
CA VAL B 3540 44.59 -7.81 18.53
C VAL B 3540 43.12 -7.49 18.80
N PRO B 3541 42.81 -6.65 19.79
CA PRO B 3541 41.42 -6.32 20.05
C PRO B 3541 40.88 -5.28 19.07
N PHE B 3542 39.57 -5.34 18.84
CA PHE B 3542 38.96 -4.42 17.91
C PHE B 3542 38.88 -3.02 18.51
N CYS B 3543 39.45 -2.05 17.80
CA CYS B 3543 39.51 -0.68 18.27
C CYS B 3543 38.45 0.14 17.58
N TYR B 3544 37.82 1.04 18.33
CA TYR B 3544 36.75 1.89 17.80
C TYR B 3544 37.37 3.12 17.17
N ILE B 3545 37.79 2.99 15.91
CA ILE B 3545 38.56 4.02 15.22
C ILE B 3545 37.64 4.75 14.26
N LYS B 3546 37.77 6.07 14.21
CA LYS B 3546 36.93 6.90 13.34
C LYS B 3546 37.22 6.61 11.89
N LEU B 3547 36.17 6.64 11.07
CA LEU B 3547 36.36 6.45 9.64
C LEU B 3547 37.13 7.62 9.04
N SER B 3548 37.26 8.71 9.80
CA SER B 3548 38.10 9.79 9.35
C SER B 3548 39.57 9.44 9.39
N SER B 3549 40.05 8.91 10.52
CA SER B 3549 41.47 8.89 10.80
C SER B 3549 42.22 7.79 10.04
N ILE B 3550 41.55 7.11 9.10
CA ILE B 3550 42.21 6.07 8.34
C ILE B 3550 42.29 6.37 6.85
N LYS B 3551 41.65 7.43 6.39
CA LYS B 3551 41.49 7.64 4.95
C LYS B 3551 42.81 7.88 4.25
N VAL B 3552 42.83 7.62 2.94
CA VAL B 3552 43.97 7.90 2.09
C VAL B 3552 43.56 8.72 0.87
N ASP B 3553 42.40 8.41 0.30
CA ASP B 3553 41.84 9.20 -0.79
C ASP B 3553 40.33 9.27 -0.63
N THR B 3554 39.75 10.38 -1.10
CA THR B 3554 38.30 10.54 -1.08
C THR B 3554 37.87 11.25 -2.34
N ARG B 3555 36.62 11.02 -2.72
CA ARG B 3555 36.02 11.73 -3.85
C ARG B 3555 34.50 11.60 -3.74
N TYR B 3556 33.80 12.43 -4.50
CA TYR B 3556 32.34 12.39 -4.51
C TYR B 3556 31.81 12.57 -5.92
N THR B 3557 30.60 12.08 -6.13
CA THR B 3557 29.85 12.31 -7.36
C THR B 3557 28.51 12.91 -6.95
N THR B 3558 27.51 12.81 -7.83
CA THR B 3558 26.21 13.39 -7.53
C THR B 3558 25.62 12.81 -6.25
N THR B 3559 25.73 11.48 -6.06
CA THR B 3559 25.02 10.86 -4.95
C THR B 3559 25.84 9.83 -4.19
N GLN B 3560 27.16 9.81 -4.34
CA GLN B 3560 27.95 8.79 -3.68
C GLN B 3560 29.32 9.35 -3.33
N GLN B 3561 29.95 8.72 -2.34
CA GLN B 3561 31.30 9.09 -1.92
C GLN B 3561 32.17 7.84 -1.94
N VAL B 3562 33.33 7.95 -2.57
CA VAL B 3562 34.27 6.85 -2.67
C VAL B 3562 35.50 7.20 -1.84
N VAL B 3563 35.84 6.33 -0.89
CA VAL B 3563 37.01 6.52 -0.05
C VAL B 3563 37.89 5.29 -0.19
N LYS B 3564 39.18 5.51 -0.38
CA LYS B 3564 40.16 4.43 -0.38
C LYS B 3564 40.99 4.53 0.89
N LEU B 3565 40.75 3.62 1.82
CA LEU B 3565 41.29 3.72 3.16
C LEU B 3565 42.75 3.32 3.17
N ILE B 3566 43.38 3.49 4.35
CA ILE B 3566 44.81 3.29 4.47
C ILE B 3566 45.21 1.87 4.11
N GLY B 3567 44.55 0.89 4.68
CA GLY B 3567 44.85 -0.50 4.37
C GLY B 3567 43.74 -1.40 4.84
N SER B 3568 43.91 -2.69 4.53
CA SER B 3568 42.88 -3.71 4.75
C SER B 3568 42.50 -3.77 6.22
N HIS B 3569 41.22 -3.56 6.50
CA HIS B 3569 40.72 -3.63 7.87
C HIS B 3569 39.49 -4.53 7.92
N THR B 3570 39.36 -5.26 9.01
CA THR B 3570 38.25 -6.17 9.25
C THR B 3570 37.21 -5.42 10.07
N ILE B 3571 36.27 -4.78 9.39
CA ILE B 3571 35.28 -3.94 10.06
C ILE B 3571 34.11 -4.81 10.50
N SER B 3572 33.68 -4.61 11.75
CA SER B 3572 32.54 -5.32 12.32
C SER B 3572 31.35 -4.41 12.57
N LYS B 3573 31.57 -3.13 12.85
CA LYS B 3573 30.48 -2.19 13.03
C LYS B 3573 30.88 -0.86 12.43
N VAL B 3574 29.89 0.01 12.22
CA VAL B 3574 30.14 1.36 11.73
C VAL B 3574 29.02 2.26 12.22
N THR B 3575 29.35 3.52 12.51
CA THR B 3575 28.41 4.46 13.09
C THR B 3575 28.41 5.76 12.31
N VAL B 3576 27.25 6.15 11.80
CA VAL B 3576 27.05 7.42 11.12
C VAL B 3576 26.52 8.41 12.13
N LYS B 3577 27.30 9.46 12.37
CA LYS B 3577 26.93 10.56 13.24
C LYS B 3577 26.53 11.75 12.37
N ILE B 3578 25.30 12.20 12.55
CA ILE B 3578 24.69 13.20 11.67
C ILE B 3578 24.71 14.53 12.40
N GLY B 3579 25.20 15.56 11.71
CA GLY B 3579 25.22 16.90 12.26
C GLY B 3579 24.55 17.91 11.36
N ASP B 3580 23.67 18.71 11.96
CA ASP B 3580 22.97 19.79 11.29
C ASP B 3580 22.11 19.28 10.14
N LEU B 3581 21.18 18.38 10.43
CA LEU B 3581 20.30 17.85 9.41
C LEU B 3581 19.36 18.92 8.88
N LYS B 3582 19.04 18.81 7.59
CA LYS B 3582 18.16 19.74 6.91
C LYS B 3582 16.76 19.18 6.84
N ARG B 3583 15.80 19.90 7.43
CA ARG B 3583 14.41 19.45 7.42
C ARG B 3583 13.86 19.32 6.02
N THR B 3584 14.30 20.17 5.10
CA THR B 3584 13.86 20.06 3.72
C THR B 3584 14.36 18.76 3.10
N LYS B 3585 15.62 18.41 3.35
CA LYS B 3585 16.20 17.27 2.69
C LYS B 3585 16.84 16.36 3.73
N MET B 3586 16.29 15.15 3.84
CA MET B 3586 16.84 14.13 4.71
C MET B 3586 17.07 12.88 3.88
N VAL B 3587 18.00 12.04 4.31
CA VAL B 3587 18.26 10.77 3.66
C VAL B 3587 17.71 9.66 4.54
N ARG B 3588 16.76 8.90 4.02
CA ARG B 3588 16.19 7.80 4.78
C ARG B 3588 17.08 6.57 4.75
N THR B 3589 17.37 6.04 3.57
CA THR B 3589 18.12 4.81 3.41
C THR B 3589 19.50 5.13 2.85
N ILE B 3590 20.46 4.29 3.18
CA ILE B 3590 21.83 4.37 2.66
C ILE B 3590 22.29 2.95 2.35
N ASN B 3591 23.02 2.81 1.25
CA ASN B 3591 23.65 1.55 0.88
C ASN B 3591 25.16 1.71 1.01
N LEU B 3592 25.78 0.81 1.75
CA LEU B 3592 27.22 0.78 1.95
C LEU B 3592 27.80 -0.35 1.12
N TYR B 3593 28.91 -0.08 0.45
CA TYR B 3593 29.58 -1.09 -0.34
C TYR B 3593 31.04 -1.17 0.07
N TYR B 3594 31.51 -2.39 0.28
CA TYR B 3594 32.90 -2.62 0.57
C TYR B 3594 33.55 -3.32 -0.60
N ASN B 3595 34.86 -3.14 -0.73
CA ASN B 3595 35.62 -3.88 -1.71
C ASN B 3595 37.05 -4.03 -1.20
N ASN B 3596 37.55 -5.25 -1.28
CA ASN B 3596 38.94 -5.55 -0.96
C ASN B 3596 39.69 -6.07 -2.19
N ARG B 3597 39.48 -5.42 -3.33
CA ARG B 3597 40.14 -5.75 -4.59
C ARG B 3597 41.22 -4.72 -4.86
N THR B 3598 42.36 -5.18 -5.38
CA THR B 3598 43.51 -4.32 -5.60
C THR B 3598 43.11 -3.17 -6.51
N VAL B 3599 43.44 -1.95 -6.09
CA VAL B 3599 43.19 -0.76 -6.88
C VAL B 3599 44.06 0.37 -6.34
N GLN B 3600 44.75 1.05 -7.26
CA GLN B 3600 45.44 2.28 -6.90
C GLN B 3600 44.83 3.48 -7.61
N ALA B 3601 43.93 3.25 -8.54
CA ALA B 3601 43.23 4.30 -9.26
C ALA B 3601 41.87 4.52 -8.62
N ILE B 3602 41.61 5.76 -8.20
CA ILE B 3602 40.31 6.09 -7.61
C ILE B 3602 39.21 5.96 -8.66
N VAL B 3603 39.47 6.42 -9.88
CA VAL B 3603 38.45 6.39 -10.92
C VAL B 3603 38.09 4.97 -11.30
N GLU B 3604 39.06 4.05 -11.29
CA GLU B 3604 38.87 2.73 -11.88
C GLU B 3604 37.74 1.96 -11.19
N LEU B 3605 37.69 2.01 -9.86
CA LEU B 3605 36.75 1.20 -9.11
C LEU B 3605 35.44 1.91 -8.80
N LYS B 3606 35.24 3.12 -9.34
CA LYS B 3606 33.97 3.79 -9.14
C LYS B 3606 32.82 3.08 -9.85
N ASN B 3607 33.13 2.16 -10.76
CA ASN B 3607 32.10 1.36 -11.40
C ASN B 3607 31.35 0.54 -10.35
N LYS B 3608 30.09 0.92 -10.11
CA LYS B 3608 29.33 0.28 -9.03
C LYS B 3608 29.18 -1.22 -9.27
N PRO B 3609 28.86 -1.69 -10.48
CA PRO B 3609 28.63 -3.13 -10.67
C PRO B 3609 29.82 -4.00 -10.31
N ALA B 3610 31.02 -3.53 -10.61
CA ALA B 3610 32.21 -4.35 -10.38
C ALA B 3610 32.72 -4.21 -8.96
N ARG B 3611 32.92 -2.97 -8.51
CA ARG B 3611 33.66 -2.68 -7.29
C ARG B 3611 32.76 -2.28 -6.14
N TRP B 3612 31.60 -2.90 -6.00
CA TRP B 3612 30.75 -2.66 -4.85
C TRP B 3612 30.18 -3.98 -4.35
N HIS B 3613 30.44 -4.28 -3.08
CA HIS B 3613 29.80 -5.38 -2.39
C HIS B 3613 28.90 -4.82 -1.31
N LYS B 3614 27.59 -4.99 -1.49
CA LYS B 3614 26.63 -4.41 -0.57
C LYS B 3614 26.80 -5.00 0.82
N ALA B 3615 26.59 -4.18 1.84
CA ALA B 3615 26.82 -4.61 3.21
C ALA B 3615 25.55 -4.72 4.04
N LYS B 3616 24.84 -3.62 4.25
CA LYS B 3616 23.63 -3.68 5.04
C LYS B 3616 22.73 -2.54 4.59
N LYS B 3617 21.51 -2.89 4.17
CA LYS B 3617 20.54 -1.93 3.70
C LYS B 3617 19.90 -1.28 4.93
N VAL B 3618 20.32 -0.05 5.22
CA VAL B 3618 19.91 0.64 6.43
C VAL B 3618 19.10 1.86 6.03
N GLN B 3619 17.83 1.86 6.42
CA GLN B 3619 16.95 3.03 6.31
C GLN B 3619 16.43 3.37 7.69
N LEU B 3620 16.39 4.67 8.01
CA LEU B 3620 16.00 5.13 9.33
C LEU B 3620 14.85 6.13 9.21
N THR B 3621 14.49 6.74 10.32
CA THR B 3621 13.53 7.83 10.30
C THR B 3621 14.20 9.13 9.86
N PRO B 3622 13.46 10.05 9.27
CA PRO B 3622 14.00 11.40 9.05
C PRO B 3622 14.31 12.06 10.38
N GLY B 3623 15.43 12.77 10.42
CA GLY B 3623 15.95 13.33 11.65
C GLY B 3623 16.77 12.39 12.51
N GLN B 3624 17.00 11.15 12.06
CA GLN B 3624 17.81 10.19 12.81
C GLN B 3624 19.27 10.63 12.83
N THR B 3625 19.85 10.67 14.03
CA THR B 3625 21.14 11.31 14.26
C THR B 3625 22.29 10.36 14.52
N GLU B 3626 22.02 9.16 15.04
CA GLU B 3626 23.06 8.17 15.30
C GLU B 3626 22.67 6.83 14.72
N VAL B 3627 23.43 6.35 13.75
CA VAL B 3627 23.14 5.11 13.05
C VAL B 3627 24.28 4.13 13.31
N LYS B 3628 23.94 2.88 13.58
CA LYS B 3628 24.94 1.85 13.85
C LYS B 3628 24.63 0.64 12.96
N ILE B 3629 25.34 0.56 11.83
CA ILE B 3629 25.23 -0.58 10.93
C ILE B 3629 26.31 -1.57 11.31
N ASP B 3630 25.92 -2.76 11.77
CA ASP B 3630 26.87 -3.81 12.13
C ASP B 3630 26.65 -5.01 11.24
N LEU B 3631 27.62 -5.32 10.38
CA LEU B 3631 27.53 -6.49 9.54
C LEU B 3631 27.37 -7.73 10.42
N PRO B 3632 26.45 -8.64 10.11
CA PRO B 3632 26.27 -9.81 10.99
C PRO B 3632 27.55 -10.60 11.19
N LEU B 3633 28.34 -10.77 10.13
CA LEU B 3633 29.71 -11.21 10.22
C LEU B 3633 30.58 -10.09 9.68
N PRO B 3634 31.67 -9.74 10.35
CA PRO B 3634 32.45 -8.57 9.93
C PRO B 3634 33.03 -8.79 8.54
N ILE B 3635 33.13 -7.70 7.78
CA ILE B 3635 33.60 -7.72 6.40
C ILE B 3635 35.01 -7.17 6.36
N VAL B 3636 35.87 -7.78 5.53
CA VAL B 3636 37.23 -7.31 5.34
C VAL B 3636 37.22 -6.37 4.14
N ALA B 3637 37.60 -5.11 4.37
CA ALA B 3637 37.41 -4.06 3.39
C ALA B 3637 38.64 -3.18 3.28
N SER B 3638 38.79 -2.59 2.09
CA SER B 3638 39.82 -1.60 1.78
C SER B 3638 39.26 -0.33 1.17
N ASN B 3639 38.48 -0.45 0.09
CA ASN B 3639 37.84 0.68 -0.56
C ASN B 3639 36.35 0.67 -0.27
N LEU B 3640 35.88 1.72 0.36
CA LEU B 3640 34.49 1.83 0.76
C LEU B 3640 33.79 2.82 -0.16
N MET B 3641 32.52 2.53 -0.45
CA MET B 3641 31.70 3.41 -1.28
C MET B 3641 30.34 3.54 -0.62
N ILE B 3642 30.04 4.74 -0.14
CA ILE B 3642 28.81 4.98 0.60
C ILE B 3642 27.89 5.82 -0.27
N GLU B 3643 26.67 5.33 -0.50
CA GLU B 3643 25.68 6.07 -1.27
C GLU B 3643 24.42 6.25 -0.43
N PHE B 3644 23.81 7.43 -0.53
CA PHE B 3644 22.56 7.72 0.18
C PHE B 3644 21.45 7.02 -0.60
N ALA B 3645 21.04 5.85 -0.11
CA ALA B 3645 20.14 5.00 -0.90
C ALA B 3645 18.81 5.69 -1.16
N ASP B 3646 18.00 5.87 -0.12
CA ASP B 3646 16.69 6.49 -0.28
C ASP B 3646 16.67 7.78 0.52
N PHE B 3647 15.70 8.63 0.21
CA PHE B 3647 15.65 9.97 0.78
C PHE B 3647 14.40 10.09 1.62
N TYR B 3648 14.09 11.32 2.02
CA TYR B 3648 12.93 11.66 2.84
C TYR B 3648 12.94 13.17 3.03
N PHE B 3698 22.68 14.19 -2.39
CA PHE B 3698 22.82 15.49 -1.77
C PHE B 3698 24.27 15.98 -1.81
N LEU B 3699 25.12 15.21 -2.48
CA LEU B 3699 26.56 15.45 -2.52
C LEU B 3699 26.94 16.20 -3.79
N CYS B 3700 27.67 17.29 -3.61
CA CYS B 3700 28.11 18.10 -4.73
C CYS B 3700 29.05 17.31 -5.63
N ASN B 3701 29.21 17.79 -6.86
CA ASN B 3701 30.04 17.14 -7.86
C ASN B 3701 31.53 17.23 -7.57
N ALA B 3702 32.03 18.40 -7.20
CA ALA B 3702 33.46 18.60 -7.03
C ALA B 3702 33.91 18.29 -5.60
N CYS B 3703 33.65 19.19 -4.67
CA CYS B 3703 34.08 19.02 -3.30
C CYS B 3703 33.05 18.31 -2.44
N GLY B 3704 31.87 18.02 -2.99
CA GLY B 3704 30.89 17.27 -2.26
C GLY B 3704 30.30 17.98 -1.08
N PHE B 3705 30.33 19.30 -1.05
CA PHE B 3705 29.62 20.02 0.00
C PHE B 3705 28.15 19.65 -0.05
N CYS B 3706 27.60 19.27 1.10
CA CYS B 3706 26.20 18.90 1.20
C CYS B 3706 25.49 19.89 2.11
N LYS B 3707 24.89 20.91 1.51
CA LYS B 3707 24.19 21.94 2.28
C LYS B 3707 23.02 21.37 3.07
N TYR B 3708 22.69 20.09 2.88
CA TYR B 3708 21.72 19.46 3.75
C TYR B 3708 22.26 19.30 5.16
N ALA B 3709 23.48 18.79 5.30
CA ALA B 3709 23.99 18.46 6.62
C ALA B 3709 25.47 18.12 6.56
N ARG B 3710 25.92 17.38 7.57
CA ARG B 3710 27.25 16.82 7.65
C ARG B 3710 27.18 15.43 8.25
N PHE B 3711 28.10 14.56 7.84
CA PHE B 3711 28.14 13.18 8.32
C PHE B 3711 29.55 12.84 8.78
N ASP B 3712 29.65 12.04 9.83
CA ASP B 3712 30.90 11.47 10.29
C ASP B 3712 30.72 9.99 10.53
N PHE B 3713 31.80 9.24 10.61
CA PHE B 3713 31.71 7.80 10.74
C PHE B 3713 32.84 7.25 11.60
N MET B 3714 32.63 6.05 12.12
CA MET B 3714 33.63 5.30 12.87
C MET B 3714 33.38 3.80 12.68
N LEU B 3715 34.20 2.98 13.31
CA LEU B 3715 34.11 1.54 13.14
C LEU B 3715 34.87 0.82 14.24
N TYR B 3716 34.24 -0.21 14.81
CA TYR B 3716 34.89 -1.07 15.80
C TYR B 3716 35.60 -2.17 15.03
N ALA B 3717 36.83 -1.85 14.61
CA ALA B 3717 37.61 -2.75 13.78
C ALA B 3717 39.06 -2.77 14.25
N LYS B 3718 39.76 -3.84 13.88
CA LYS B 3718 41.21 -3.92 14.03
C LYS B 3718 41.77 -4.33 12.69
N PRO B 3719 43.03 -4.00 12.40
CA PRO B 3719 43.54 -4.23 11.04
C PRO B 3719 43.53 -5.71 10.70
N CYS B 3720 43.47 -6.00 9.40
CA CYS B 3720 43.47 -7.37 8.91
C CYS B 3720 44.48 -7.48 7.78
N CYS B 3721 45.33 -8.49 7.88
CA CYS B 3721 46.43 -8.68 6.95
C CYS B 3721 45.97 -9.63 5.85
N ALA B 3722 45.70 -9.07 4.67
CA ALA B 3722 45.30 -9.87 3.53
C ALA B 3722 45.78 -9.20 2.25
N VAL B 3723 45.23 -9.65 1.14
CA VAL B 3723 45.64 -9.19 -0.18
C VAL B 3723 44.40 -8.95 -1.03
N ASP B 3724 44.64 -8.82 -2.33
CA ASP B 3724 43.55 -8.74 -3.28
C ASP B 3724 42.93 -10.12 -3.50
N PRO B 3725 41.61 -10.22 -3.59
CA PRO B 3725 41.01 -11.49 -3.98
C PRO B 3725 41.38 -11.84 -5.41
N ILE B 3726 41.33 -13.14 -5.72
CA ILE B 3726 41.77 -13.66 -7.00
C ILE B 3726 40.54 -13.86 -7.89
N GLU B 3727 40.69 -13.51 -9.17
CA GLU B 3727 39.62 -13.72 -10.14
C GLU B 3727 40.06 -14.36 -11.44
N ASN B 3728 41.21 -13.99 -11.99
CA ASN B 3728 41.54 -14.41 -13.35
C ASN B 3728 43.00 -14.82 -13.40
N GLU B 3729 43.43 -15.33 -14.55
CA GLU B 3729 44.84 -15.60 -14.75
C GLU B 3729 45.65 -14.30 -14.68
N GLU B 3730 45.01 -13.19 -15.03
CA GLU B 3730 45.62 -11.90 -14.76
C GLU B 3730 45.97 -11.77 -13.29
N ASP B 3731 45.01 -12.10 -12.41
CA ASP B 3731 45.32 -12.15 -10.99
C ASP B 3731 46.38 -13.19 -10.69
N ARG B 3732 46.44 -14.27 -11.45
CA ARG B 3732 47.46 -15.29 -11.19
C ARG B 3732 48.86 -14.74 -11.38
N LYS B 3733 49.12 -14.11 -12.52
CA LYS B 3733 50.42 -13.50 -12.75
C LYS B 3733 50.68 -12.37 -11.75
N LYS B 3734 49.68 -11.52 -11.51
CA LYS B 3734 49.87 -10.39 -10.59
C LYS B 3734 50.26 -10.88 -9.20
N ALA B 3735 49.51 -11.83 -8.65
CA ALA B 3735 49.80 -12.34 -7.32
C ALA B 3735 51.11 -13.11 -7.27
N VAL B 3736 51.42 -13.88 -8.33
CA VAL B 3736 52.69 -14.59 -8.33
C VAL B 3736 53.83 -13.59 -8.21
N SER B 3737 53.77 -12.50 -8.97
CA SER B 3737 54.78 -11.47 -8.87
C SER B 3737 54.80 -10.85 -7.47
N ASN B 3738 53.62 -10.55 -6.93
CA ASN B 3738 53.56 -9.93 -5.60
C ASN B 3738 54.23 -10.80 -4.56
N ILE B 3739 53.89 -12.09 -4.54
CA ILE B 3739 54.47 -13.01 -3.57
C ILE B 3739 55.96 -13.11 -3.79
N ASN B 3740 56.41 -13.16 -5.04
CA ASN B 3740 57.85 -13.24 -5.28
C ASN B 3740 58.56 -12.03 -4.69
N THR B 3741 58.02 -10.84 -4.93
CA THR B 3741 58.64 -9.64 -4.39
C THR B 3741 58.65 -9.67 -2.87
N LEU B 3742 57.54 -10.10 -2.27
CA LEU B 3742 57.48 -10.22 -0.82
C LEU B 3742 58.53 -11.20 -0.32
N LEU B 3743 58.75 -12.28 -1.07
CA LEU B 3743 59.80 -13.22 -0.73
C LEU B 3743 61.15 -12.54 -0.76
N ASP B 3744 61.39 -11.68 -1.75
CA ASP B 3744 62.64 -10.95 -1.82
C ASP B 3744 62.84 -10.10 -0.57
N LYS B 3745 61.78 -9.37 -0.18
CA LYS B 3745 61.86 -8.53 1.01
C LYS B 3745 62.18 -9.36 2.25
N ALA B 3746 61.47 -10.47 2.42
CA ALA B 3746 61.71 -11.32 3.57
C ALA B 3746 63.11 -11.92 3.52
N ASP B 3747 63.65 -12.13 2.33
CA ASP B 3747 65.01 -12.64 2.22
C ASP B 3747 66.00 -11.63 2.78
N ARG B 3748 65.84 -10.37 2.36
CA ARG B 3748 66.66 -9.32 2.94
C ARG B 3748 66.53 -9.32 4.46
N VAL B 3749 65.30 -9.45 4.94
CA VAL B 3749 65.07 -9.49 6.38
C VAL B 3749 65.83 -10.65 7.00
N TYR B 3750 65.78 -11.82 6.36
CA TYR B 3750 66.41 -13.00 6.92
C TYR B 3750 67.89 -12.81 7.09
N HIS B 3751 68.55 -12.37 6.01
CA HIS B 3751 69.98 -12.16 6.09
C HIS B 3751 70.31 -11.14 7.16
N GLN B 3752 69.68 -9.97 7.11
CA GLN B 3752 70.02 -8.92 8.06
C GLN B 3752 69.76 -9.35 9.48
N LEU B 3753 68.64 -10.01 9.74
CA LEU B 3753 68.26 -10.34 11.10
C LEU B 3753 69.17 -11.41 11.66
N MET B 3754 69.51 -12.42 10.84
CA MET B 3754 70.51 -13.35 11.29
C MET B 3754 71.83 -12.67 11.58
N GLY B 3755 72.10 -11.53 10.93
CA GLY B 3755 73.31 -10.80 11.23
C GLY B 3755 73.44 -10.29 12.65
N HIS B 3756 72.33 -9.92 13.29
CA HIS B 3756 72.42 -9.39 14.64
C HIS B 3756 73.04 -10.38 15.60
N ARG B 3757 72.98 -11.67 15.29
CA ARG B 3757 73.56 -12.67 16.18
C ARG B 3757 75.02 -12.37 16.49
N PRO B 3758 75.85 -11.99 15.53
CA PRO B 3758 77.24 -11.69 15.90
C PRO B 3758 77.37 -10.58 16.92
N GLN B 3759 76.82 -9.41 16.63
CA GLN B 3759 76.98 -8.29 17.55
C GLN B 3759 76.25 -8.57 18.85
N LEU B 3760 75.16 -9.32 18.77
CA LEU B 3760 74.49 -9.73 20.00
C LEU B 3760 75.43 -10.55 20.86
N GLU B 3761 76.13 -11.52 20.26
CA GLU B 3761 77.13 -12.27 20.99
C GLU B 3761 78.20 -11.36 21.56
N ASN B 3762 78.58 -10.34 20.79
CA ASN B 3762 79.60 -9.41 21.25
C ASN B 3762 79.16 -8.71 22.53
N LEU B 3763 77.96 -8.12 22.52
CA LEU B 3763 77.47 -7.45 23.71
C LEU B 3763 77.25 -8.43 24.84
N LEU B 3764 76.97 -9.70 24.51
CA LEU B 3764 76.88 -10.72 25.54
C LEU B 3764 78.24 -10.95 26.19
N CYS B 3765 79.31 -10.85 25.41
CA CYS B 3765 80.63 -11.15 25.91
C CYS B 3765 81.00 -10.27 27.10
N LYS B 3766 80.69 -8.98 27.02
CA LYS B 3766 80.90 -8.08 28.13
C LYS B 3766 79.57 -7.79 28.82
N GLN B 3798 72.80 0.07 26.31
CA GLN B 3798 73.50 -0.52 25.16
C GLN B 3798 72.65 -1.57 24.49
N LEU B 3799 72.64 -2.77 25.06
CA LEU B 3799 71.87 -3.86 24.46
C LEU B 3799 70.41 -3.51 24.36
N ALA B 3800 69.91 -2.70 25.29
CA ALA B 3800 68.53 -2.25 25.18
C ALA B 3800 68.32 -1.59 23.83
N GLN B 3801 69.14 -0.62 23.50
CA GLN B 3801 69.07 -0.04 22.17
C GLN B 3801 69.52 -1.03 21.11
N GLU B 3802 70.33 -2.02 21.50
CA GLU B 3802 70.89 -2.90 20.49
C GLU B 3802 69.84 -3.82 19.91
N TYR B 3803 69.31 -4.73 20.73
CA TYR B 3803 68.24 -5.62 20.27
C TYR B 3803 66.89 -5.02 20.59
N CYS B 3804 66.70 -4.54 21.81
CA CYS B 3804 65.45 -3.90 22.12
C CYS B 3804 65.19 -2.72 21.21
N GLY B 3805 66.22 -2.15 20.61
CA GLY B 3805 66.00 -1.21 19.56
C GLY B 3805 65.79 -1.93 18.25
N ASP B 3806 66.79 -2.71 17.83
CA ASP B 3806 66.76 -3.29 16.51
C ASP B 3806 65.92 -4.56 16.45
N CYS B 3807 66.31 -5.59 17.20
CA CYS B 3807 65.70 -6.90 17.04
C CYS B 3807 64.18 -6.81 17.08
N LYS B 3808 63.64 -5.97 17.95
CA LYS B 3808 62.19 -5.84 18.01
C LYS B 3808 61.62 -5.33 16.69
N ASN B 3809 62.14 -4.20 16.19
CA ASN B 3809 61.63 -3.63 14.96
C ASN B 3809 61.89 -4.57 13.78
N SER B 3810 63.04 -5.22 13.80
CA SER B 3810 63.37 -6.17 12.76
C SER B 3810 62.33 -7.28 12.73
N PHE B 3811 62.07 -7.90 13.87
CA PHE B 3811 61.07 -8.97 13.93
C PHE B 3811 59.71 -8.45 13.53
N ASP B 3812 59.43 -7.19 13.82
CA ASP B 3812 58.19 -6.60 13.36
C ASP B 3812 58.10 -6.62 11.83
N GLU B 3813 59.17 -6.18 11.16
CA GLU B 3813 59.14 -6.15 9.70
C GLU B 3813 59.00 -7.55 9.12
N LEU B 3814 59.78 -8.49 9.65
CA LEU B 3814 59.72 -9.86 9.14
C LEU B 3814 58.35 -10.47 9.40
N SER B 3815 57.74 -10.15 10.55
CA SER B 3815 56.42 -10.68 10.84
C SER B 3815 55.38 -10.14 9.88
N LYS B 3816 55.43 -8.85 9.57
CA LYS B 3816 54.51 -8.31 8.60
C LYS B 3816 54.64 -9.03 7.27
N ILE B 3817 55.88 -9.15 6.78
CA ILE B 3817 56.10 -9.81 5.51
C ILE B 3817 55.59 -11.25 5.57
N ILE B 3818 55.89 -11.97 6.64
CA ILE B 3818 55.55 -13.38 6.73
C ILE B 3818 54.04 -13.58 6.73
N GLN B 3819 53.33 -12.79 7.54
CA GLN B 3819 51.89 -12.93 7.58
C GLN B 3819 51.30 -12.69 6.21
N LYS B 3820 51.75 -11.63 5.53
CA LYS B 3820 51.22 -11.36 4.21
C LYS B 3820 51.49 -12.53 3.28
N VAL B 3821 52.69 -13.10 3.36
CA VAL B 3821 53.06 -14.19 2.46
C VAL B 3821 52.13 -15.38 2.67
N PHE B 3822 51.88 -15.74 3.94
CA PHE B 3822 51.04 -16.89 4.21
C PHE B 3822 49.64 -16.67 3.66
N ALA B 3823 49.08 -15.48 3.88
CA ALA B 3823 47.74 -15.21 3.37
C ALA B 3823 47.71 -15.32 1.85
N SER B 3824 48.75 -14.81 1.20
CA SER B 3824 48.80 -14.89 -0.26
C SER B 3824 48.86 -16.34 -0.72
N ARG B 3825 49.67 -17.16 -0.05
CA ARG B 3825 49.75 -18.56 -0.44
C ARG B 3825 48.39 -19.21 -0.30
N LYS B 3826 47.65 -18.83 0.76
CA LYS B 3826 46.31 -19.36 0.94
C LYS B 3826 45.41 -19.00 -0.23
N GLU B 3827 45.47 -17.73 -0.64
CA GLU B 3827 44.58 -17.31 -1.73
C GLU B 3827 44.90 -18.06 -3.02
N LEU B 3828 46.19 -18.23 -3.29
CA LEU B 3828 46.58 -18.96 -4.50
C LEU B 3828 46.08 -20.40 -4.45
N LEU B 3829 46.22 -21.05 -3.30
CA LEU B 3829 45.72 -22.42 -3.17
C LEU B 3829 44.20 -22.45 -3.35
N GLU B 3830 43.51 -21.46 -2.81
CA GLU B 3830 42.06 -21.41 -2.96
C GLU B 3830 41.69 -21.41 -4.43
N TYR B 3831 42.29 -20.51 -5.21
CA TYR B 3831 41.97 -20.46 -6.63
C TYR B 3831 42.35 -21.76 -7.32
N ASP B 3832 43.50 -22.33 -6.98
CA ASP B 3832 43.93 -23.57 -7.62
C ASP B 3832 42.92 -24.68 -7.40
N LEU B 3833 42.53 -24.91 -6.15
CA LEU B 3833 41.63 -26.01 -5.85
C LEU B 3833 40.23 -25.73 -6.37
N GLN B 3834 39.82 -24.46 -6.38
CA GLN B 3834 38.50 -24.13 -6.89
C GLN B 3834 38.40 -24.40 -8.40
N GLN B 3835 39.38 -23.92 -9.16
CA GLN B 3835 39.38 -24.22 -10.59
C GLN B 3835 39.56 -25.70 -10.83
N ARG B 3836 40.30 -26.39 -9.96
CA ARG B 3836 40.46 -27.82 -10.09
C ARG B 3836 39.12 -28.54 -9.96
N GLU B 3837 38.38 -28.26 -8.90
CA GLU B 3837 37.08 -28.90 -8.71
C GLU B 3837 36.13 -28.51 -9.83
N ALA B 3838 36.14 -27.25 -10.25
CA ALA B 3838 35.23 -26.83 -11.31
C ALA B 3838 35.53 -27.57 -12.61
N ALA B 3839 36.79 -27.59 -13.04
CA ALA B 3839 37.15 -28.26 -14.27
C ALA B 3839 36.96 -29.77 -14.15
N THR B 3840 37.04 -30.30 -12.93
CA THR B 3840 36.83 -31.72 -12.73
C THR B 3840 35.36 -32.07 -12.80
N LYS B 3841 34.49 -31.11 -12.48
CA LYS B 3841 33.06 -31.35 -12.53
C LYS B 3841 32.59 -31.81 -13.91
N SER B 3842 33.22 -31.31 -14.99
CA SER B 3842 32.78 -31.69 -16.32
C SER B 3842 32.97 -33.19 -16.56
N SER B 3843 34.05 -33.77 -16.06
CA SER B 3843 34.24 -35.21 -16.18
C SER B 3843 33.10 -35.95 -15.51
N ARG B 3844 32.41 -36.78 -16.29
CA ARG B 3844 31.19 -37.42 -15.84
C ARG B 3844 31.43 -38.78 -15.18
N THR B 3845 32.32 -39.60 -15.74
CA THR B 3845 32.68 -40.83 -15.06
C THR B 3845 33.46 -40.55 -13.79
N SER B 3846 33.93 -39.31 -13.64
CA SER B 3846 34.57 -38.91 -12.40
C SER B 3846 33.55 -38.34 -11.44
N VAL B 3847 32.93 -39.21 -10.65
CA VAL B 3847 32.05 -38.75 -9.59
C VAL B 3847 32.90 -38.09 -8.51
N GLN B 3848 32.65 -36.80 -8.30
CA GLN B 3848 33.46 -36.02 -7.37
C GLN B 3848 33.35 -36.62 -5.98
N PRO B 3849 34.46 -36.95 -5.34
CA PRO B 3849 34.40 -37.68 -4.07
C PRO B 3849 33.68 -36.88 -3.01
N THR B 3850 32.56 -37.41 -2.54
CA THR B 3850 31.90 -36.82 -1.39
C THR B 3850 32.76 -37.08 -0.15
N PHE B 3851 33.55 -36.09 0.22
CA PHE B 3851 34.47 -36.20 1.35
C PHE B 3851 33.68 -36.07 2.63
N THR B 3852 34.09 -36.80 3.65
CA THR B 3852 33.48 -36.65 4.95
C THR B 3852 33.67 -35.21 5.44
N ALA B 3853 33.00 -34.89 6.55
CA ALA B 3853 33.26 -33.60 7.18
C ALA B 3853 34.69 -33.49 7.67
N SER B 3854 35.22 -34.54 8.29
CA SER B 3854 36.61 -34.55 8.73
C SER B 3854 37.56 -34.46 7.55
N GLN B 3855 37.28 -35.26 6.53
CA GLN B 3855 38.00 -35.10 5.27
C GLN B 3855 37.79 -33.71 4.71
N TYR B 3856 36.65 -33.08 5.02
CA TYR B 3856 36.38 -31.73 4.52
C TYR B 3856 37.20 -30.69 5.26
N ARG B 3857 37.28 -30.81 6.59
CA ARG B 3857 38.10 -29.88 7.35
C ARG B 3857 39.56 -30.01 6.97
N ALA B 3858 40.07 -31.24 6.90
CA ALA B 3858 41.44 -31.41 6.43
C ALA B 3858 41.54 -30.95 4.99
N LEU B 3859 40.45 -31.07 4.24
CA LEU B 3859 40.47 -30.75 2.82
C LEU B 3859 40.47 -29.25 2.60
N SER B 3860 39.73 -28.53 3.42
CA SER B 3860 39.59 -27.10 3.22
C SER B 3860 40.86 -26.38 3.67
N VAL B 3861 40.84 -25.06 3.56
CA VAL B 3861 41.97 -24.25 3.96
C VAL B 3861 42.19 -24.38 5.46
N THR B 3867 49.54 -24.13 14.54
CA THR B 3867 50.62 -25.03 14.89
C THR B 3867 51.90 -24.28 15.10
N SER B 3868 52.31 -24.10 16.36
CA SER B 3868 53.56 -23.45 16.66
C SER B 3868 54.72 -24.28 16.11
N SER B 3869 55.70 -23.60 15.56
CA SER B 3869 56.84 -24.29 14.97
C SER B 3869 57.56 -25.11 16.03
N THR B 3870 58.07 -26.27 15.61
CA THR B 3870 58.64 -27.23 16.56
C THR B 3870 59.77 -26.61 17.37
N LYS B 3871 60.70 -25.95 16.70
CA LYS B 3871 61.83 -25.33 17.37
C LYS B 3871 61.50 -23.88 17.69
N CYS B 3872 60.49 -23.71 18.55
CA CYS B 3872 60.19 -22.42 19.12
C CYS B 3872 60.48 -22.50 20.61
N TYR B 3873 61.47 -21.74 21.06
CA TYR B 3873 61.77 -21.70 22.48
C TYR B 3873 60.53 -21.32 23.28
N GLY B 3874 59.70 -20.44 22.72
CA GLY B 3874 58.42 -20.15 23.34
C GLY B 3874 57.50 -21.36 23.37
N CYS B 3875 57.44 -22.10 22.27
CA CYS B 3875 56.60 -23.29 22.25
C CYS B 3875 57.05 -24.29 23.31
N ALA B 3876 58.35 -24.56 23.38
CA ALA B 3876 58.84 -25.50 24.38
C ALA B 3876 58.55 -24.99 25.78
N SER B 3877 58.77 -23.70 26.01
CA SER B 3877 58.53 -23.15 27.35
C SER B 3877 57.07 -23.26 27.72
N ALA B 3878 56.18 -22.95 26.79
CA ALA B 3878 54.76 -23.03 27.10
C ALA B 3878 54.35 -24.47 27.35
N VAL B 3879 54.87 -25.41 26.55
CA VAL B 3879 54.58 -26.82 26.81
C VAL B 3879 55.00 -27.17 28.20
N THR B 3880 56.16 -26.68 28.62
CA THR B 3880 56.64 -26.95 29.96
C THR B 3880 55.69 -26.39 30.99
N GLU B 3881 55.21 -25.16 30.79
CA GLU B 3881 54.33 -24.58 31.80
C GLU B 3881 53.06 -25.41 31.94
N HIS B 3882 52.47 -25.78 30.81
CA HIS B 3882 51.25 -26.58 30.88
C HIS B 3882 51.51 -27.92 31.55
N CYS B 3883 52.62 -28.57 31.19
CA CYS B 3883 52.94 -29.87 31.77
C CYS B 3883 53.16 -29.77 33.26
N ILE B 3884 53.80 -28.68 33.70
CA ILE B 3884 54.00 -28.47 35.12
C ILE B 3884 52.68 -28.31 35.83
N THR B 3885 51.76 -27.55 35.23
CA THR B 3885 50.43 -27.44 35.82
C THR B 3885 49.80 -28.81 35.95
N LEU B 3886 49.86 -29.61 34.89
CA LEU B 3886 49.20 -30.91 34.93
C LEU B 3886 49.84 -31.82 35.96
N LEU B 3887 51.17 -31.79 36.08
CA LEU B 3887 51.83 -32.66 37.03
C LEU B 3887 51.49 -32.25 38.47
N ARG B 3888 51.61 -30.95 38.76
CA ARG B 3888 51.26 -30.45 40.09
C ARG B 3888 49.81 -30.75 40.40
N ALA B 3889 49.00 -30.94 39.38
CA ALA B 3889 47.64 -31.38 39.61
C ALA B 3889 47.58 -32.87 39.93
N LEU B 3890 48.04 -33.70 38.99
CA LEU B 3890 47.76 -35.13 39.07
C LEU B 3890 48.44 -35.75 40.28
N ALA B 3891 49.45 -35.10 40.83
CA ALA B 3891 50.07 -35.70 42.01
C ALA B 3891 49.13 -35.79 43.18
N THR B 3892 48.01 -35.07 43.15
CA THR B 3892 47.15 -34.94 44.32
C THR B 3892 46.62 -36.27 44.81
N ASN B 3893 46.26 -37.19 43.94
CA ASN B 3893 45.84 -38.51 44.40
C ASN B 3893 47.01 -39.15 45.13
N PRO B 3894 46.83 -39.59 46.37
CA PRO B 3894 47.99 -40.16 47.08
C PRO B 3894 48.60 -41.34 46.36
N ALA B 3895 47.77 -42.21 45.80
CA ALA B 3895 48.30 -43.25 44.96
C ALA B 3895 49.08 -42.66 43.80
N LEU B 3896 48.58 -41.58 43.22
CA LEU B 3896 49.32 -40.87 42.18
C LEU B 3896 50.60 -40.30 42.73
N ARG B 3897 50.59 -39.83 43.98
CA ARG B 3897 51.84 -39.41 44.60
C ARG B 3897 52.84 -40.55 44.57
N HIS B 3898 52.39 -41.73 44.98
CA HIS B 3898 53.27 -42.89 44.98
C HIS B 3898 53.74 -43.22 43.56
N ILE B 3899 52.84 -43.16 42.60
CA ILE B 3899 53.16 -43.56 41.23
C ILE B 3899 54.17 -42.60 40.63
N LEU B 3900 53.93 -41.31 40.78
CA LEU B 3900 54.85 -40.31 40.27
C LEU B 3900 56.20 -40.41 40.97
N VAL B 3901 56.19 -40.72 42.26
CA VAL B 3901 57.45 -40.91 42.97
C VAL B 3901 58.20 -42.10 42.40
N SER B 3902 57.49 -43.19 42.12
CA SER B 3902 58.12 -44.35 41.49
C SER B 3902 58.64 -44.01 40.10
N GLN B 3903 58.07 -43.00 39.45
CA GLN B 3903 58.67 -42.50 38.24
C GLN B 3903 60.03 -41.87 38.51
N GLY B 3904 60.23 -41.30 39.69
CA GLY B 3904 61.50 -40.73 40.06
C GLY B 3904 61.81 -39.45 39.30
N LEU B 3905 60.75 -38.74 38.91
CA LEU B 3905 60.91 -37.54 38.13
C LEU B 3905 61.51 -36.39 38.93
N ILE B 3906 61.63 -36.55 40.25
CA ILE B 3906 62.19 -35.49 41.07
C ILE B 3906 63.57 -35.10 40.56
N ARG B 3907 64.32 -36.10 40.11
CA ARG B 3907 65.59 -35.81 39.46
C ARG B 3907 65.40 -34.91 38.26
N GLU B 3908 64.50 -35.29 37.35
CA GLU B 3908 64.36 -34.53 36.11
C GLU B 3908 63.96 -33.10 36.39
N LEU B 3909 63.02 -32.90 37.31
CA LEU B 3909 62.56 -31.56 37.63
C LEU B 3909 63.61 -30.74 38.34
N PHE B 3910 64.21 -31.27 39.40
CA PHE B 3910 65.22 -30.51 40.13
C PHE B 3910 66.43 -30.24 39.25
N ASP B 3911 66.65 -31.08 38.24
CA ASP B 3911 67.85 -30.95 37.44
C ASP B 3911 67.65 -30.08 36.22
N TYR B 3912 66.58 -30.29 35.47
CA TYR B 3912 66.41 -29.57 34.22
C TYR B 3912 65.65 -28.26 34.42
N ASN B 3913 64.50 -28.31 35.07
CA ASN B 3913 63.62 -27.16 35.16
C ASN B 3913 63.73 -26.42 36.48
N LEU B 3914 64.84 -26.56 37.18
CA LEU B 3914 64.94 -25.93 38.51
C LEU B 3914 64.83 -24.42 38.42
N ARG B 3915 65.65 -23.79 37.57
CA ARG B 3915 65.70 -22.34 37.50
C ARG B 3915 65.04 -21.80 36.24
N ARG B 3916 64.60 -22.68 35.35
CA ARG B 3916 63.93 -22.28 34.11
C ARG B 3916 62.59 -21.65 34.46
N GLY B 3917 61.91 -21.17 33.43
CA GLY B 3917 60.57 -20.65 33.60
C GLY B 3917 60.59 -19.30 34.28
N ALA B 3918 59.43 -18.68 34.30
CA ALA B 3918 59.34 -17.36 34.89
C ALA B 3918 59.45 -17.46 36.40
N ALA B 3919 59.27 -16.30 37.04
CA ALA B 3919 59.20 -16.29 38.49
C ALA B 3919 58.10 -17.21 38.99
N ALA B 3920 56.88 -17.02 38.47
CA ALA B 3920 55.77 -17.84 38.92
C ALA B 3920 55.98 -19.30 38.56
N MET B 3921 56.53 -19.55 37.38
CA MET B 3921 56.84 -20.92 37.02
C MET B 3921 57.75 -21.57 38.07
N ARG B 3922 58.82 -20.88 38.41
CA ARG B 3922 59.74 -21.44 39.39
C ARG B 3922 59.06 -21.67 40.73
N GLU B 3923 58.26 -20.70 41.17
CA GLU B 3923 57.61 -20.84 42.46
C GLU B 3923 56.67 -22.03 42.48
N GLU B 3924 55.85 -22.17 41.45
CA GLU B 3924 55.00 -23.34 41.36
C GLU B 3924 55.83 -24.60 41.38
N VAL B 3925 56.99 -24.58 40.72
CA VAL B 3925 57.84 -25.76 40.71
C VAL B 3925 58.22 -26.12 42.12
N ARG B 3926 58.65 -25.14 42.90
CA ARG B 3926 59.04 -25.42 44.27
C ARG B 3926 57.87 -25.99 45.05
N GLN B 3927 56.68 -25.44 44.83
CA GLN B 3927 55.50 -25.95 45.52
C GLN B 3927 55.28 -27.41 45.16
N LEU B 3928 55.43 -27.74 43.89
CA LEU B 3928 55.25 -29.11 43.45
C LEU B 3928 56.27 -30.02 44.10
N MET B 3929 57.52 -29.57 44.17
CA MET B 3929 58.57 -30.40 44.74
C MET B 3929 58.32 -30.66 46.20
N CYS B 3930 57.86 -29.64 46.92
CA CYS B 3930 57.47 -29.87 48.31
C CYS B 3930 56.34 -30.87 48.39
N LEU B 3931 55.36 -30.75 47.50
CA LEU B 3931 54.20 -31.61 47.56
C LEU B 3931 54.53 -33.07 47.26
N LEU B 3932 55.40 -33.31 46.30
CA LEU B 3932 55.56 -34.64 45.76
C LEU B 3932 56.09 -35.64 46.76
N THR B 3933 56.71 -35.19 47.85
CA THR B 3933 57.25 -36.09 48.85
C THR B 3933 56.39 -36.14 50.09
N ARG B 3934 55.14 -35.72 49.95
CA ARG B 3934 54.21 -35.75 51.08
C ARG B 3934 53.98 -37.17 51.56
#